data_3NAI
#
_entry.id   3NAI
#
_cell.length_a   121.246
_cell.length_b   196.562
_cell.length_c   109.598
_cell.angle_alpha   90.000
_cell.angle_beta   114.810
_cell.angle_gamma   90.000
#
_symmetry.space_group_name_H-M   'C 1 2 1'
#
loop_
_entity.id
_entity.type
_entity.pdbx_description
1 polymer 'RNA dependent RNA polymerase'
2 non-polymer 'MAGNESIUM ION'
3 non-polymer 5-FLUOROURACIL
4 non-polymer 'MANGANESE (III) ION'
5 non-polymer 'SULFATE ION'
6 non-polymer GLYCEROL
7 water water
#
_entity_poly.entity_id   1
_entity_poly.type   'polypeptide(L)'
_entity_poly.pdbx_seq_one_letter_code
;MLPRPSGTYAGLPIADYGDAPPLSTKTMFWRTSPEKLPPGAWEPAYLGSKDERVDGPSLQQVMRDQLKPYSEPRGLLPPQ
EILDAVCDAIENRLENTLEPQKPWTFKKACESLDKNTSSGYPYHKQKSKDWTGSAFIGDLGDQATHANNMYEMGKSMRPI
YTAALKDELVKPDKIYGKIKKRLLWGSDLGTMIRAARAFGPFCDALKETCIFNPIRVGMSMNEDGPFIFARHANFRYHMD
ADYTRWDSTQQRAILKRAGDIMVRLSPEPDLARVVMDDLLAPSLLDVGDYKIVVEEGLPSGCPCTTQLNSLAHWILTLCA
MVEVTRVDPDIVMQESEFSFYGDDEVVSTNLELDMVKYTMALRRYGLLPTRADKEEGPLERRQTLQGISFLRRAIVGDQF
GWYGRLDRASIDRQLLWTKGPNHQNPFETLPGHAQRPSQLMALLGEAAMHGEKYYRTVASRVSKEAAQSGIEMVVPRHRS
VLRWVRFGTMDAETPQERSAVFVNEDAAALEHHHHHH
;
_entity_poly.pdbx_strand_id   A,B,C
#
loop_
_chem_comp.id
_chem_comp.type
_chem_comp.name
_chem_comp.formula
GOL non-polymer GLYCEROL 'C3 H8 O3'
MG non-polymer 'MAGNESIUM ION' 'Mg 2'
MN3 non-polymer 'MANGANESE (III) ION' 'Mn 3'
SO4 non-polymer 'SULFATE ION' 'O4 S -2'
URF non-polymer 5-FLUOROURACIL 'C4 H3 F N2 O2'
#
# COMPACT_ATOMS: atom_id res chain seq x y z
N ARG A 4 6.30 -43.22 -31.27
CA ARG A 4 6.21 -41.82 -30.76
C ARG A 4 7.09 -40.85 -31.59
N PRO A 5 7.72 -39.85 -30.91
CA PRO A 5 8.95 -39.18 -31.30
C PRO A 5 9.77 -38.59 -30.09
N SER A 6 9.99 -37.26 -30.10
CA SER A 6 10.20 -36.46 -28.87
C SER A 6 11.59 -36.41 -28.25
N GLY A 7 12.46 -35.55 -28.76
CA GLY A 7 12.20 -34.78 -29.96
C GLY A 7 11.93 -33.31 -29.76
N THR A 8 12.81 -32.48 -30.29
CA THR A 8 12.62 -31.04 -30.25
C THR A 8 12.63 -30.44 -31.65
N TYR A 9 11.66 -29.59 -31.93
CA TYR A 9 11.63 -28.82 -33.17
C TYR A 9 11.23 -27.38 -32.84
N ALA A 10 12.01 -26.43 -33.33
CA ALA A 10 11.74 -25.00 -33.11
C ALA A 10 11.58 -24.63 -31.64
N GLY A 11 12.18 -25.40 -30.75
CA GLY A 11 12.10 -25.13 -29.34
C GLY A 11 10.95 -25.83 -28.67
N LEU A 12 10.29 -26.74 -29.38
CA LEU A 12 9.06 -27.38 -28.89
C LEU A 12 9.06 -28.92 -28.99
N PRO A 13 8.36 -29.60 -28.06
CA PRO A 13 8.34 -31.06 -28.05
C PRO A 13 7.63 -31.68 -29.28
N ILE A 14 8.30 -32.64 -29.93
CA ILE A 14 7.71 -33.32 -31.08
C ILE A 14 6.80 -34.44 -30.59
N ALA A 15 5.54 -34.42 -31.03
CA ALA A 15 4.54 -35.37 -30.55
C ALA A 15 4.30 -36.53 -31.52
N ASP A 16 4.56 -36.31 -32.81
CA ASP A 16 4.35 -37.35 -33.82
C ASP A 16 4.89 -36.84 -35.16
N TYR A 17 4.83 -37.69 -36.18
CA TYR A 17 5.22 -37.30 -37.54
C TYR A 17 4.14 -36.42 -38.21
N GLY A 18 4.55 -35.49 -39.05
CA GLY A 18 3.60 -34.60 -39.70
C GLY A 18 2.88 -35.25 -40.88
N ASP A 19 1.74 -34.68 -41.25
CA ASP A 19 1.01 -35.09 -42.48
C ASP A 19 0.68 -33.93 -43.39
N ALA A 20 1.19 -32.74 -43.08
CA ALA A 20 0.73 -31.52 -43.73
C ALA A 20 1.36 -31.32 -45.11
N PRO A 21 0.60 -30.74 -46.06
CA PRO A 21 1.15 -30.40 -47.37
C PRO A 21 2.29 -29.41 -47.22
N PRO A 22 3.17 -29.31 -48.24
CA PRO A 22 4.20 -28.28 -48.19
C PRO A 22 3.60 -26.88 -48.15
N LEU A 23 4.29 -25.94 -47.50
CA LEU A 23 3.84 -24.56 -47.43
C LEU A 23 3.71 -23.96 -48.82
N SER A 24 2.63 -23.21 -49.03
CA SER A 24 2.37 -22.63 -50.34
C SER A 24 3.52 -21.73 -50.74
N THR A 25 3.89 -21.82 -52.01
CA THR A 25 5.04 -21.12 -52.51
C THR A 25 4.58 -19.97 -53.45
N LYS A 26 3.27 -19.68 -53.40
CA LYS A 26 2.61 -18.75 -54.33
C LYS A 26 1.76 -17.68 -53.63
N THR A 27 1.44 -16.61 -54.37
CA THR A 27 0.59 -15.54 -53.84
C THR A 27 -0.69 -15.36 -54.66
N MET A 28 -1.71 -14.75 -54.06
CA MET A 28 -2.99 -14.56 -54.73
C MET A 28 -3.06 -13.19 -55.42
N PHE A 29 -2.03 -12.37 -55.21
CA PHE A 29 -2.06 -10.96 -55.60
C PHE A 29 -1.39 -10.73 -56.94
N TRP A 30 -2.13 -10.06 -57.82
CA TRP A 30 -1.60 -9.63 -59.09
C TRP A 30 -1.57 -8.11 -59.12
N ARG A 31 -0.50 -7.55 -59.68
CA ARG A 31 -0.43 -6.13 -59.99
C ARG A 31 -1.57 -5.78 -60.95
N THR A 32 -2.10 -4.56 -60.83
CA THR A 32 -3.17 -4.14 -61.72
C THR A 32 -2.61 -3.46 -62.96
N SER A 33 -1.35 -3.05 -62.88
CA SER A 33 -0.71 -2.31 -63.95
C SER A 33 0.71 -2.83 -64.19
N PRO A 34 1.13 -2.90 -65.47
CA PRO A 34 2.50 -3.34 -65.77
C PRO A 34 3.58 -2.36 -65.31
N GLU A 35 3.26 -1.07 -65.23
CA GLU A 35 4.28 -0.05 -64.93
C GLU A 35 4.98 -0.21 -63.57
N LYS A 36 6.18 0.37 -63.48
CA LYS A 36 7.01 0.35 -62.27
C LYS A 36 6.23 0.76 -61.02
N LEU A 37 6.49 0.06 -59.93
CA LEU A 37 5.79 0.26 -58.68
C LEU A 37 6.32 1.48 -57.90
N PRO A 38 5.40 2.33 -57.38
CA PRO A 38 5.73 3.45 -56.47
C PRO A 38 6.76 3.03 -55.41
N PRO A 39 7.74 3.91 -55.11
CA PRO A 39 8.88 3.56 -54.22
C PRO A 39 8.48 3.19 -52.78
N GLY A 40 9.06 2.11 -52.27
CA GLY A 40 8.75 1.59 -50.94
C GLY A 40 7.30 1.14 -50.74
N ALA A 41 6.63 0.81 -51.84
CA ALA A 41 5.26 0.29 -51.81
C ALA A 41 5.23 -1.15 -51.29
N TRP A 42 4.12 -1.48 -50.64
CA TRP A 42 3.87 -2.80 -50.07
C TRP A 42 3.79 -3.85 -51.15
N GLU A 43 4.20 -5.07 -50.83
CA GLU A 43 4.14 -6.19 -51.76
C GLU A 43 3.69 -7.45 -51.00
N PRO A 44 3.28 -8.50 -51.74
CA PRO A 44 3.02 -9.79 -51.12
C PRO A 44 4.21 -10.27 -50.32
N ALA A 45 3.92 -10.91 -49.19
CA ALA A 45 4.93 -11.46 -48.32
C ALA A 45 5.81 -12.50 -49.03
N TYR A 46 6.97 -12.77 -48.43
CA TYR A 46 8.00 -13.65 -48.98
C TYR A 46 7.46 -15.02 -49.40
N LEU A 47 7.86 -15.49 -50.58
CA LEU A 47 7.35 -16.76 -51.11
C LEU A 47 8.34 -17.93 -51.02
N GLY A 48 9.52 -17.68 -50.47
CA GLY A 48 10.53 -18.74 -50.30
C GLY A 48 11.62 -18.77 -51.37
N SER A 49 12.23 -19.94 -51.52
CA SER A 49 13.33 -20.14 -52.47
C SER A 49 12.97 -19.76 -53.89
N LYS A 50 11.80 -20.17 -54.33
CA LYS A 50 11.35 -19.90 -55.68
C LYS A 50 10.97 -18.42 -55.88
N ASP A 51 11.14 -17.62 -54.83
CA ASP A 51 10.84 -16.19 -54.90
C ASP A 51 12.00 -15.46 -55.56
N GLU A 52 11.75 -14.98 -56.77
CA GLU A 52 12.77 -14.31 -57.58
C GLU A 52 13.04 -12.85 -57.18
N ARG A 53 12.37 -12.37 -56.13
CA ARG A 53 12.56 -10.98 -55.69
C ARG A 53 13.78 -10.84 -54.81
N VAL A 54 13.97 -11.80 -53.90
CA VAL A 54 15.14 -11.84 -53.03
C VAL A 54 15.51 -13.27 -52.70
N ASP A 55 16.78 -13.49 -52.43
CA ASP A 55 17.22 -14.74 -51.83
C ASP A 55 17.02 -14.66 -50.34
N GLY A 56 16.37 -15.69 -49.80
CA GLY A 56 16.10 -15.72 -48.37
C GLY A 56 16.09 -17.14 -47.87
N PRO A 57 15.80 -17.32 -46.56
CA PRO A 57 15.70 -18.66 -46.00
C PRO A 57 14.55 -19.41 -46.64
N SER A 58 14.42 -20.69 -46.31
CA SER A 58 13.27 -21.45 -46.78
C SER A 58 12.07 -20.98 -45.99
N LEU A 59 10.88 -21.24 -46.52
CA LEU A 59 9.64 -20.92 -45.81
C LEU A 59 9.59 -21.60 -44.46
N GLN A 60 10.21 -22.78 -44.38
CA GLN A 60 10.20 -23.56 -43.17
C GLN A 60 11.04 -22.89 -42.07
N GLN A 61 12.14 -22.26 -42.46
CA GLN A 61 12.96 -21.50 -41.50
C GLN A 61 12.23 -20.23 -41.04
N VAL A 62 11.47 -19.61 -41.96
CA VAL A 62 10.62 -18.47 -41.60
C VAL A 62 9.60 -18.87 -40.52
N MET A 63 9.07 -20.08 -40.65
CA MET A 63 8.10 -20.58 -39.68
C MET A 63 8.71 -20.91 -38.32
N ARG A 64 9.90 -21.51 -38.30
CA ARG A 64 10.62 -21.70 -37.04
C ARG A 64 10.66 -20.36 -36.33
N ASP A 65 11.07 -19.33 -37.06
CA ASP A 65 11.15 -17.98 -36.51
C ASP A 65 9.83 -17.56 -35.85
N GLN A 66 8.69 -17.79 -36.52
CA GLN A 66 7.36 -17.51 -35.97
C GLN A 66 6.94 -18.37 -34.76
N LEU A 67 7.62 -19.49 -34.56
CA LEU A 67 7.30 -20.37 -33.44
C LEU A 67 8.01 -20.05 -32.13
N LYS A 68 9.15 -19.33 -32.21
CA LYS A 68 9.93 -18.98 -31.02
C LYS A 68 9.07 -18.55 -29.84
N PRO A 69 8.22 -17.50 -30.01
CA PRO A 69 7.57 -16.88 -28.85
C PRO A 69 6.68 -17.83 -28.07
N TYR A 70 6.33 -18.95 -28.67
CA TYR A 70 5.44 -19.91 -28.06
C TYR A 70 6.14 -20.78 -27.01
N SER A 71 7.47 -20.73 -27.00
CA SER A 71 8.28 -21.40 -25.97
C SER A 71 8.85 -20.42 -24.94
N GLU A 72 8.56 -19.13 -25.13
CA GLU A 72 8.93 -18.06 -24.20
C GLU A 72 8.20 -18.16 -22.87
N PRO A 73 8.89 -17.82 -21.76
CA PRO A 73 8.23 -17.78 -20.44
C PRO A 73 7.03 -16.84 -20.41
N ARG A 74 5.91 -17.41 -20.01
CA ARG A 74 4.65 -16.72 -19.87
C ARG A 74 4.71 -15.58 -18.84
N GLY A 75 3.89 -14.55 -19.04
CA GLY A 75 3.78 -13.46 -18.08
C GLY A 75 2.99 -13.94 -16.88
N LEU A 76 2.85 -13.09 -15.87
CA LEU A 76 2.13 -13.48 -14.65
C LEU A 76 0.63 -13.34 -14.85
N LEU A 77 -0.11 -14.16 -14.11
CA LEU A 77 -1.56 -14.06 -14.03
C LEU A 77 -1.94 -12.78 -13.29
N PRO A 78 -3.08 -12.16 -13.61
CA PRO A 78 -3.53 -11.04 -12.76
C PRO A 78 -3.90 -11.52 -11.35
N PRO A 79 -3.80 -10.64 -10.32
CA PRO A 79 -4.23 -10.99 -8.95
C PRO A 79 -5.55 -11.75 -8.94
N GLN A 80 -5.57 -12.90 -8.28
CA GLN A 80 -6.73 -13.80 -8.29
C GLN A 80 -8.04 -13.11 -7.94
N GLU A 81 -8.04 -12.28 -6.91
CA GLU A 81 -9.25 -11.56 -6.52
C GLU A 81 -9.76 -10.66 -7.64
N ILE A 82 -8.87 -9.91 -8.28
CA ILE A 82 -9.24 -9.07 -9.43
C ILE A 82 -9.79 -9.91 -10.61
N LEU A 83 -9.11 -11.01 -10.92
CA LEU A 83 -9.51 -11.90 -12.01
C LEU A 83 -10.91 -12.48 -11.81
N ASP A 84 -11.23 -12.85 -10.57
CA ASP A 84 -12.55 -13.35 -10.23
C ASP A 84 -13.57 -12.24 -10.39
N ALA A 85 -13.31 -11.09 -9.79
CA ALA A 85 -14.21 -9.94 -9.93
C ALA A 85 -14.50 -9.60 -11.38
N VAL A 86 -13.47 -9.49 -12.24
CA VAL A 86 -13.72 -9.04 -13.63
C VAL A 86 -14.40 -10.11 -14.46
N CYS A 87 -14.03 -11.37 -14.25
CA CYS A 87 -14.75 -12.46 -14.89
C CYS A 87 -16.24 -12.48 -14.57
N ASP A 88 -16.58 -12.40 -13.29
CA ASP A 88 -17.97 -12.40 -12.86
C ASP A 88 -18.74 -11.21 -13.42
N ALA A 89 -18.06 -10.06 -13.49
CA ALA A 89 -18.68 -8.85 -14.02
C ALA A 89 -18.98 -9.02 -15.51
N ILE A 90 -17.97 -9.46 -16.27
CA ILE A 90 -18.11 -9.66 -17.69
C ILE A 90 -19.22 -10.66 -17.98
N GLU A 91 -19.15 -11.80 -17.29
CA GLU A 91 -20.16 -12.85 -17.39
C GLU A 91 -21.55 -12.28 -17.10
N ASN A 92 -21.64 -11.54 -15.99
CA ASN A 92 -22.90 -10.94 -15.59
C ASN A 92 -23.48 -9.98 -16.64
N ARG A 93 -22.63 -9.10 -17.16
CA ARG A 93 -23.03 -8.21 -18.24
C ARG A 93 -23.53 -8.98 -19.46
N LEU A 94 -22.90 -10.12 -19.73
CA LEU A 94 -23.32 -10.98 -20.84
C LEU A 94 -24.64 -11.70 -20.57
N GLU A 95 -24.82 -12.24 -19.35
CA GLU A 95 -26.14 -12.73 -18.92
C GLU A 95 -27.25 -11.68 -19.17
N ASN A 96 -26.97 -10.42 -18.84
CA ASN A 96 -27.94 -9.31 -19.02
C ASN A 96 -28.14 -8.81 -20.46
N THR A 97 -27.26 -9.16 -21.37
CA THR A 97 -27.38 -8.61 -22.72
C THR A 97 -27.65 -9.64 -23.80
N LEU A 98 -27.09 -10.85 -23.65
CA LEU A 98 -27.27 -11.90 -24.65
C LEU A 98 -28.67 -12.53 -24.66
N GLU A 99 -29.27 -12.59 -25.85
CA GLU A 99 -30.55 -13.25 -26.06
C GLU A 99 -30.33 -14.75 -25.99
N PRO A 100 -31.00 -15.45 -25.04
CA PRO A 100 -30.78 -16.90 -24.92
C PRO A 100 -31.10 -17.60 -26.24
N GLN A 101 -30.21 -18.49 -26.68
CA GLN A 101 -30.28 -19.10 -28.00
C GLN A 101 -30.62 -20.58 -27.90
N LYS A 102 -31.14 -21.14 -28.99
CA LYS A 102 -31.44 -22.57 -29.04
C LYS A 102 -30.31 -23.34 -29.75
N PRO A 103 -30.06 -24.60 -29.33
CA PRO A 103 -28.85 -25.35 -29.73
C PRO A 103 -28.68 -25.52 -31.22
N TRP A 104 -27.44 -25.46 -31.70
CA TRP A 104 -27.14 -25.63 -33.11
C TRP A 104 -27.16 -27.10 -33.47
N THR A 105 -27.83 -27.43 -34.59
CA THR A 105 -27.91 -28.78 -35.12
C THR A 105 -26.63 -29.11 -35.86
N PHE A 106 -26.51 -30.38 -36.26
CA PHE A 106 -25.41 -30.81 -37.10
C PHE A 106 -25.50 -30.09 -38.45
N LYS A 107 -26.69 -30.06 -39.03
CA LYS A 107 -26.89 -29.42 -40.34
C LYS A 107 -26.41 -27.98 -40.31
N LYS A 108 -26.80 -27.24 -39.27
CA LYS A 108 -26.49 -25.82 -39.14
C LYS A 108 -25.00 -25.57 -38.91
N ALA A 109 -24.33 -26.48 -38.21
CA ALA A 109 -22.89 -26.36 -37.99
C ALA A 109 -22.11 -26.53 -39.29
N CYS A 110 -22.44 -27.60 -40.03
CA CYS A 110 -21.85 -27.86 -41.33
C CYS A 110 -22.09 -26.69 -42.32
N GLU A 111 -23.33 -26.21 -42.38
CA GLU A 111 -23.68 -25.05 -43.20
C GLU A 111 -22.78 -23.86 -42.93
N SER A 112 -22.59 -23.54 -41.65
CA SER A 112 -21.88 -22.32 -41.27
C SER A 112 -20.40 -22.25 -41.72
N LEU A 113 -19.77 -23.40 -41.99
CA LEU A 113 -18.35 -23.43 -42.31
C LEU A 113 -17.98 -22.89 -43.70
N ASP A 114 -16.85 -22.20 -43.77
CA ASP A 114 -16.33 -21.66 -45.02
C ASP A 114 -15.92 -22.82 -45.94
N LYS A 115 -16.59 -22.90 -47.09
CA LYS A 115 -16.42 -24.04 -47.98
C LYS A 115 -15.27 -23.88 -48.97
N ASN A 116 -14.65 -22.72 -48.99
CA ASN A 116 -13.54 -22.46 -49.93
C ASN A 116 -12.22 -22.37 -49.20
N THR A 117 -12.10 -23.14 -48.14
CA THR A 117 -10.87 -23.22 -47.43
C THR A 117 -10.64 -24.68 -47.03
N SER A 118 -9.42 -25.01 -46.64
CA SER A 118 -9.04 -26.40 -46.41
C SER A 118 -9.77 -27.05 -45.23
N SER A 119 -9.95 -28.37 -45.31
CA SER A 119 -10.56 -29.15 -44.25
C SER A 119 -9.54 -29.52 -43.15
N GLY A 120 -8.28 -29.16 -43.36
CA GLY A 120 -7.22 -29.47 -42.41
C GLY A 120 -7.00 -30.96 -42.32
N TYR A 121 -6.48 -31.39 -41.18
CA TYR A 121 -6.24 -32.81 -40.90
C TYR A 121 -7.53 -33.62 -40.98
N PRO A 122 -7.48 -34.85 -41.54
CA PRO A 122 -6.33 -35.47 -42.19
C PRO A 122 -6.30 -35.37 -43.70
N TYR A 123 -7.39 -34.89 -44.30
CA TYR A 123 -7.58 -34.98 -45.74
C TYR A 123 -7.03 -33.79 -46.53
N HIS A 124 -6.86 -32.66 -45.87
CA HIS A 124 -6.33 -31.43 -46.48
C HIS A 124 -6.97 -31.12 -47.82
N LYS A 125 -8.26 -31.37 -47.88
CA LYS A 125 -9.09 -31.17 -49.04
C LYS A 125 -9.69 -29.80 -48.90
N GLN A 126 -10.01 -29.15 -50.01
CA GLN A 126 -10.86 -27.97 -49.94
C GLN A 126 -12.26 -28.45 -49.53
N LYS A 127 -12.91 -27.70 -48.64
CA LYS A 127 -14.18 -28.14 -48.04
C LYS A 127 -15.32 -28.34 -49.04
N SER A 128 -15.30 -27.60 -50.15
CA SER A 128 -16.34 -27.72 -51.15
C SER A 128 -16.36 -29.09 -51.83
N LYS A 129 -15.18 -29.68 -52.00
CA LYS A 129 -15.01 -30.95 -52.75
C LYS A 129 -15.87 -32.11 -52.27
N ASP A 130 -16.27 -32.08 -51.00
CA ASP A 130 -17.11 -33.14 -50.42
C ASP A 130 -18.45 -32.60 -49.92
N TRP A 131 -18.92 -31.53 -50.54
CA TRP A 131 -20.13 -30.82 -50.11
C TRP A 131 -21.24 -30.80 -51.18
N THR A 132 -22.43 -31.25 -50.81
CA THR A 132 -23.54 -31.41 -51.76
C THR A 132 -24.36 -30.15 -51.92
N GLY A 133 -24.11 -29.17 -51.06
CA GLY A 133 -24.95 -27.98 -50.98
C GLY A 133 -25.70 -27.98 -49.66
N SER A 134 -25.82 -29.16 -49.04
CA SER A 134 -26.49 -29.28 -47.75
C SER A 134 -25.80 -30.23 -46.75
N ALA A 135 -24.94 -31.12 -47.23
CA ALA A 135 -24.23 -32.05 -46.35
C ALA A 135 -22.86 -32.42 -46.89
N PHE A 136 -21.97 -32.81 -45.97
CA PHE A 136 -20.70 -33.41 -46.34
C PHE A 136 -20.95 -34.88 -46.64
N ILE A 137 -20.28 -35.38 -47.67
CA ILE A 137 -20.32 -36.77 -48.12
C ILE A 137 -18.87 -37.21 -48.42
N GLY A 138 -18.67 -38.49 -48.71
CA GLY A 138 -17.31 -38.99 -48.94
C GLY A 138 -16.48 -38.93 -47.67
N ASP A 139 -15.20 -38.61 -47.83
CA ASP A 139 -14.21 -38.55 -46.74
C ASP A 139 -14.61 -37.59 -45.63
N LEU A 140 -14.83 -36.33 -46.00
CA LEU A 140 -15.29 -35.29 -45.07
C LEU A 140 -16.64 -35.63 -44.42
N GLY A 141 -17.45 -36.39 -45.14
CA GLY A 141 -18.68 -36.93 -44.59
C GLY A 141 -18.39 -37.78 -43.37
N ASP A 142 -17.34 -38.61 -43.46
CA ASP A 142 -16.91 -39.46 -42.36
C ASP A 142 -16.40 -38.68 -41.17
N GLN A 143 -15.53 -37.71 -41.45
CA GLN A 143 -14.90 -36.92 -40.41
C GLN A 143 -15.94 -36.13 -39.64
N ALA A 144 -16.84 -35.48 -40.38
CA ALA A 144 -17.91 -34.69 -39.81
C ALA A 144 -18.80 -35.56 -38.92
N THR A 145 -19.27 -36.67 -39.48
CA THR A 145 -20.20 -37.56 -38.79
C THR A 145 -19.59 -38.13 -37.51
N HIS A 146 -18.33 -38.54 -37.57
CA HIS A 146 -17.67 -39.12 -36.41
C HIS A 146 -17.59 -38.06 -35.31
N ALA A 147 -17.29 -36.82 -35.71
CA ALA A 147 -17.12 -35.70 -34.79
C ALA A 147 -18.44 -35.33 -34.11
N ASN A 148 -19.52 -35.40 -34.87
CA ASN A 148 -20.84 -35.11 -34.35
C ASN A 148 -21.23 -36.15 -33.32
N ASN A 149 -20.87 -37.41 -33.58
CA ASN A 149 -21.09 -38.47 -32.61
C ASN A 149 -20.30 -38.26 -31.35
N MET A 150 -19.03 -37.89 -31.49
CA MET A 150 -18.20 -37.57 -30.32
C MET A 150 -18.84 -36.42 -29.54
N TYR A 151 -19.32 -35.41 -30.26
CA TYR A 151 -19.94 -34.24 -29.64
C TYR A 151 -21.21 -34.57 -28.87
N GLU A 152 -22.10 -35.33 -29.49
CA GLU A 152 -23.37 -35.69 -28.88
C GLU A 152 -23.22 -36.61 -27.68
N MET A 153 -22.11 -37.36 -27.64
CA MET A 153 -21.80 -38.27 -26.52
C MET A 153 -20.81 -37.69 -25.52
N GLY A 154 -20.64 -36.36 -25.56
CA GLY A 154 -19.68 -35.64 -24.71
C GLY A 154 -18.33 -36.32 -24.58
N LYS A 155 -17.78 -36.78 -25.71
CA LYS A 155 -16.51 -37.50 -25.68
C LYS A 155 -15.36 -36.67 -26.23
N SER A 156 -14.27 -36.64 -25.48
CA SER A 156 -13.11 -35.87 -25.88
C SER A 156 -12.47 -36.40 -27.17
N MET A 157 -11.96 -35.49 -27.98
CA MET A 157 -11.27 -35.82 -29.23
C MET A 157 -10.17 -34.78 -29.36
N ARG A 158 -8.97 -35.20 -29.72
CA ARG A 158 -7.83 -34.29 -29.70
C ARG A 158 -7.64 -33.57 -31.04
N PRO A 159 -7.69 -32.23 -31.02
CA PRO A 159 -7.62 -31.44 -32.25
C PRO A 159 -6.23 -31.43 -32.89
N ILE A 160 -6.17 -31.34 -34.22
CA ILE A 160 -4.91 -31.23 -34.92
C ILE A 160 -4.90 -29.97 -35.79
N TYR A 161 -3.92 -29.10 -35.57
CA TYR A 161 -3.82 -27.84 -36.31
C TYR A 161 -2.74 -27.96 -37.39
N THR A 162 -3.00 -27.37 -38.55
CA THR A 162 -2.01 -27.33 -39.60
C THR A 162 -1.46 -25.91 -39.68
N ALA A 163 -0.15 -25.77 -39.55
CA ALA A 163 0.47 -24.46 -39.64
C ALA A 163 0.59 -24.01 -41.10
N ALA A 164 0.62 -22.69 -41.29
CA ALA A 164 0.68 -22.06 -42.60
C ALA A 164 1.20 -20.64 -42.42
N LEU A 165 1.50 -19.96 -43.53
CA LEU A 165 2.04 -18.61 -43.51
C LEU A 165 1.17 -17.71 -44.37
N LYS A 166 0.62 -16.66 -43.75
CA LYS A 166 -0.33 -15.76 -44.39
C LYS A 166 0.19 -15.07 -45.63
N ASP A 167 -0.49 -15.30 -46.75
CA ASP A 167 -0.29 -14.55 -47.98
C ASP A 167 -1.02 -13.22 -47.88
N GLU A 168 -0.27 -12.15 -47.68
CA GLU A 168 -0.84 -10.82 -47.52
C GLU A 168 0.16 -9.75 -47.96
N LEU A 169 -0.32 -8.54 -48.20
CA LEU A 169 0.57 -7.41 -48.49
C LEU A 169 1.28 -6.94 -47.21
N VAL A 170 2.58 -6.73 -47.32
CA VAL A 170 3.41 -6.33 -46.19
C VAL A 170 4.27 -5.13 -46.60
N LYS A 171 4.76 -4.37 -45.61
CA LYS A 171 5.76 -3.32 -45.89
C LYS A 171 7.04 -3.95 -46.46
N PRO A 172 7.68 -3.29 -47.44
CA PRO A 172 8.82 -3.83 -48.22
C PRO A 172 9.95 -4.38 -47.39
N ASP A 173 10.11 -3.80 -46.20
CA ASP A 173 11.09 -4.19 -45.20
C ASP A 173 11.01 -5.67 -44.88
N LYS A 174 9.79 -6.18 -44.77
CA LYS A 174 9.56 -7.56 -44.34
C LYS A 174 9.86 -8.55 -45.45
N ILE A 175 10.20 -8.01 -46.63
CA ILE A 175 10.61 -8.80 -47.80
C ILE A 175 12.12 -8.64 -48.01
N TYR A 176 12.58 -7.39 -48.09
CA TYR A 176 13.95 -7.08 -48.54
C TYR A 176 14.90 -6.81 -47.36
N GLY A 177 14.34 -6.50 -46.19
CA GLY A 177 15.12 -6.37 -44.94
C GLY A 177 15.05 -7.68 -44.16
N LYS A 178 14.72 -7.60 -42.87
CA LYS A 178 14.52 -8.79 -42.04
C LYS A 178 13.20 -9.47 -42.44
N ILE A 179 13.30 -10.70 -42.95
CA ILE A 179 12.13 -11.39 -43.52
C ILE A 179 11.19 -11.91 -42.45
N LYS A 180 9.94 -11.47 -42.54
CA LYS A 180 8.90 -11.84 -41.60
C LYS A 180 7.65 -12.28 -42.38
N LYS A 181 7.00 -13.34 -41.90
CA LYS A 181 5.74 -13.81 -42.48
C LYS A 181 4.85 -14.44 -41.40
N ARG A 182 3.59 -14.01 -41.30
CA ARG A 182 2.72 -14.37 -40.19
C ARG A 182 2.19 -15.80 -40.18
N LEU A 183 2.22 -16.41 -39.00
CA LEU A 183 1.80 -17.79 -38.79
C LEU A 183 0.29 -17.94 -38.66
N LEU A 184 -0.26 -18.93 -39.36
CA LEU A 184 -1.66 -19.31 -39.27
C LEU A 184 -1.81 -20.73 -38.79
N TRP A 185 -2.85 -20.95 -37.99
CA TRP A 185 -3.25 -22.26 -37.49
C TRP A 185 -4.51 -22.69 -38.23
N GLY A 186 -4.50 -23.89 -38.81
CA GLY A 186 -5.66 -24.36 -39.50
C GLY A 186 -6.28 -25.50 -38.72
N SER A 187 -7.49 -25.26 -38.21
CA SER A 187 -8.25 -26.28 -37.53
C SER A 187 -8.54 -27.50 -38.44
N ASP A 188 -8.76 -28.67 -37.82
CA ASP A 188 -9.24 -29.84 -38.55
C ASP A 188 -10.77 -29.78 -38.61
N LEU A 189 -11.36 -30.31 -39.68
CA LEU A 189 -12.82 -30.25 -39.89
C LEU A 189 -13.61 -30.79 -38.70
N GLY A 190 -13.12 -31.86 -38.09
CA GLY A 190 -13.81 -32.44 -36.94
C GLY A 190 -13.97 -31.39 -35.85
N THR A 191 -12.86 -30.78 -35.46
CA THR A 191 -12.84 -29.74 -34.44
C THR A 191 -13.73 -28.57 -34.85
N MET A 192 -13.65 -28.21 -36.12
CA MET A 192 -14.49 -27.16 -36.65
C MET A 192 -15.97 -27.42 -36.39
N ILE A 193 -16.48 -28.60 -36.76
CA ILE A 193 -17.92 -28.85 -36.60
C ILE A 193 -18.29 -28.93 -35.11
N ARG A 194 -17.38 -29.50 -34.32
CA ARG A 194 -17.58 -29.66 -32.89
C ARG A 194 -17.66 -28.28 -32.17
N ALA A 195 -16.73 -27.39 -32.50
CA ALA A 195 -16.75 -26.01 -31.99
C ALA A 195 -17.95 -25.23 -32.50
N ALA A 196 -18.31 -25.39 -33.77
CA ALA A 196 -19.48 -24.71 -34.33
C ALA A 196 -20.79 -25.12 -33.65
N ARG A 197 -21.02 -26.42 -33.47
CA ARG A 197 -22.24 -26.83 -32.78
C ARG A 197 -22.27 -26.27 -31.38
N ALA A 198 -21.15 -26.41 -30.67
CA ALA A 198 -21.06 -26.01 -29.26
C ALA A 198 -21.24 -24.52 -29.10
N PHE A 199 -20.54 -23.76 -29.93
CA PHE A 199 -20.38 -22.34 -29.63
C PHE A 199 -21.00 -21.40 -30.62
N GLY A 200 -21.47 -21.94 -31.75
CA GLY A 200 -22.28 -21.19 -32.70
C GLY A 200 -23.37 -20.34 -32.04
N PRO A 201 -24.23 -20.95 -31.21
CA PRO A 201 -25.29 -20.15 -30.58
C PRO A 201 -24.74 -18.95 -29.80
N PHE A 202 -23.77 -19.18 -28.91
CA PHE A 202 -23.12 -18.08 -28.20
C PHE A 202 -22.51 -17.01 -29.11
N CYS A 203 -21.84 -17.44 -30.18
CA CYS A 203 -21.21 -16.47 -31.09
C CYS A 203 -22.25 -15.60 -31.81
N ASP A 204 -23.38 -16.20 -32.20
CA ASP A 204 -24.47 -15.46 -32.84
C ASP A 204 -25.11 -14.48 -31.86
N ALA A 205 -25.35 -14.94 -30.63
CA ALA A 205 -25.90 -14.10 -29.58
C ALA A 205 -25.01 -12.87 -29.42
N LEU A 206 -23.71 -13.12 -29.30
CA LEU A 206 -22.71 -12.08 -29.13
C LEU A 206 -22.68 -11.13 -30.33
N LYS A 207 -22.78 -11.68 -31.53
CA LYS A 207 -22.69 -10.90 -32.76
C LYS A 207 -23.84 -9.90 -32.90
N GLU A 208 -25.03 -10.26 -32.41
CA GLU A 208 -26.21 -9.38 -32.43
C GLU A 208 -26.19 -8.29 -31.36
N THR A 209 -25.20 -8.38 -30.48
CA THR A 209 -25.00 -7.46 -29.37
C THR A 209 -23.76 -6.59 -29.61
N CYS A 210 -23.33 -6.54 -30.88
CA CYS A 210 -22.07 -5.95 -31.31
C CYS A 210 -21.92 -4.47 -30.97
N ILE A 211 -23.02 -3.77 -30.73
CA ILE A 211 -22.94 -2.33 -30.40
C ILE A 211 -23.01 -2.07 -28.90
N PHE A 212 -23.83 -2.83 -28.19
CA PHE A 212 -23.99 -2.64 -26.76
C PHE A 212 -22.87 -3.29 -25.97
N ASN A 213 -22.31 -4.38 -26.48
CA ASN A 213 -21.18 -5.06 -25.85
C ASN A 213 -19.89 -4.77 -26.57
N PRO A 214 -18.76 -4.74 -25.83
CA PRO A 214 -17.47 -4.29 -26.38
C PRO A 214 -16.84 -5.14 -27.47
N ILE A 215 -17.29 -6.38 -27.63
CA ILE A 215 -16.77 -7.23 -28.71
C ILE A 215 -17.47 -6.89 -30.03
N ARG A 216 -16.71 -6.27 -30.92
CA ARG A 216 -17.25 -5.71 -32.15
C ARG A 216 -17.23 -6.70 -33.32
N VAL A 217 -16.94 -7.97 -33.07
CA VAL A 217 -17.00 -8.96 -34.15
C VAL A 217 -18.41 -8.96 -34.78
N GLY A 218 -18.44 -8.80 -36.10
CA GLY A 218 -19.68 -8.81 -36.86
C GLY A 218 -20.21 -7.42 -37.17
N MET A 219 -19.46 -6.40 -36.76
CA MET A 219 -19.91 -5.03 -36.92
C MET A 219 -19.73 -4.61 -38.38
N SER A 220 -20.51 -3.61 -38.82
CA SER A 220 -20.26 -2.95 -40.07
C SER A 220 -19.67 -1.60 -39.75
N MET A 221 -18.50 -1.32 -40.29
CA MET A 221 -17.85 -0.04 -40.06
C MET A 221 -18.76 1.09 -40.51
N ASN A 222 -19.36 0.90 -41.67
CA ASN A 222 -20.19 1.94 -42.26
C ASN A 222 -21.52 2.20 -41.56
N GLU A 223 -22.27 1.13 -41.27
CA GLU A 223 -23.57 1.27 -40.62
C GLU A 223 -23.42 1.37 -39.11
N ASP A 224 -22.55 0.56 -38.53
CA ASP A 224 -22.45 0.45 -37.09
C ASP A 224 -21.45 1.41 -36.47
N GLY A 225 -20.39 1.72 -37.21
CA GLY A 225 -19.34 2.62 -36.71
C GLY A 225 -19.83 3.91 -36.08
N PRO A 226 -20.68 4.67 -36.79
CA PRO A 226 -21.11 5.95 -36.25
C PRO A 226 -21.75 5.83 -34.88
N PHE A 227 -22.59 4.82 -34.66
CA PHE A 227 -23.18 4.63 -33.33
C PHE A 227 -22.14 4.16 -32.31
N ILE A 228 -21.28 3.21 -32.70
CA ILE A 228 -20.21 2.76 -31.83
C ILE A 228 -19.30 3.93 -31.45
N PHE A 229 -18.89 4.72 -32.44
CA PHE A 229 -17.97 5.81 -32.16
C PHE A 229 -18.64 6.91 -31.33
N ALA A 230 -19.92 7.19 -31.59
CA ALA A 230 -20.67 8.13 -30.75
C ALA A 230 -20.66 7.70 -29.27
N ARG A 231 -20.78 6.40 -29.00
CA ARG A 231 -20.67 5.89 -27.62
C ARG A 231 -19.30 6.15 -27.00
N HIS A 232 -18.23 5.85 -27.75
CA HIS A 232 -16.88 6.11 -27.29
C HIS A 232 -16.70 7.59 -26.96
N ALA A 233 -17.38 8.45 -27.72
CA ALA A 233 -17.29 9.90 -27.54
C ALA A 233 -18.07 10.45 -26.34
N ASN A 234 -18.86 9.61 -25.67
CA ASN A 234 -19.51 10.04 -24.43
C ASN A 234 -18.53 10.24 -23.28
N PHE A 235 -17.30 9.75 -23.45
CA PHE A 235 -16.34 9.66 -22.35
C PHE A 235 -15.11 10.54 -22.56
N ARG A 236 -14.39 10.85 -21.49
CA ARG A 236 -13.43 11.95 -21.53
C ARG A 236 -12.09 11.63 -22.18
N TYR A 237 -11.53 10.49 -21.82
CA TYR A 237 -10.18 10.08 -22.26
C TYR A 237 -10.23 8.89 -23.21
N HIS A 238 -9.35 8.88 -24.20
CA HIS A 238 -9.36 7.83 -25.22
C HIS A 238 -7.95 7.33 -25.48
N MET A 239 -7.82 6.03 -25.76
CA MET A 239 -6.50 5.45 -26.07
C MET A 239 -6.53 4.23 -27.00
N ASP A 240 -5.43 4.11 -27.76
CA ASP A 240 -5.23 3.13 -28.79
C ASP A 240 -4.77 1.78 -28.27
N ALA A 241 -3.52 1.70 -27.83
CA ALA A 241 -2.86 0.40 -27.62
C ALA A 241 -2.92 -0.52 -28.86
N ASP A 242 -1.74 -0.80 -29.40
CA ASP A 242 -1.56 -1.91 -30.32
C ASP A 242 -0.71 -2.93 -29.55
N TYR A 243 -0.71 -4.18 -29.98
CA TYR A 243 0.04 -5.22 -29.28
C TYR A 243 0.90 -6.01 -30.26
N THR A 244 2.16 -6.18 -29.92
CA THR A 244 3.04 -7.04 -30.69
C THR A 244 2.80 -8.48 -30.26
N ARG A 245 2.68 -9.37 -31.25
CA ARG A 245 2.55 -10.82 -30.98
C ARG A 245 1.46 -11.16 -29.95
N TRP A 246 0.27 -10.59 -30.12
CA TRP A 246 -0.83 -10.88 -29.21
C TRP A 246 -1.05 -12.39 -29.01
N ASP A 247 -1.17 -13.12 -30.12
CA ASP A 247 -1.60 -14.52 -30.07
C ASP A 247 -0.63 -15.38 -29.29
N SER A 248 0.67 -15.16 -29.52
CA SER A 248 1.71 -16.02 -28.95
C SER A 248 2.04 -15.71 -27.50
N THR A 249 1.55 -14.57 -27.00
CA THR A 249 1.83 -14.13 -25.63
C THR A 249 0.65 -14.38 -24.70
N GLN A 250 -0.41 -14.96 -25.23
CA GLN A 250 -1.59 -15.22 -24.43
C GLN A 250 -1.29 -16.31 -23.42
N GLN A 251 -1.97 -16.27 -22.27
CA GLN A 251 -1.90 -17.34 -21.29
C GLN A 251 -3.12 -18.25 -21.41
N ARG A 252 -2.88 -19.56 -21.48
CA ARG A 252 -3.98 -20.53 -21.54
C ARG A 252 -4.91 -20.39 -20.35
N ALA A 253 -4.33 -20.09 -19.19
CA ALA A 253 -5.10 -19.88 -17.96
C ALA A 253 -6.17 -18.80 -18.17
N ILE A 254 -5.81 -17.75 -18.88
CA ILE A 254 -6.75 -16.66 -19.13
C ILE A 254 -7.74 -17.02 -20.21
N LEU A 255 -7.23 -17.62 -21.28
CA LEU A 255 -8.04 -18.25 -22.30
C LEU A 255 -9.07 -19.24 -21.72
N LYS A 256 -8.71 -19.92 -20.64
CA LYS A 256 -9.62 -20.87 -20.01
C LYS A 256 -10.78 -20.14 -19.32
N ARG A 257 -10.52 -18.95 -18.81
CA ARG A 257 -11.55 -18.17 -18.13
C ARG A 257 -12.50 -17.59 -19.16
N ALA A 258 -11.95 -17.15 -20.29
CA ALA A 258 -12.79 -16.72 -21.39
C ALA A 258 -13.66 -17.92 -21.80
N GLY A 259 -13.02 -19.08 -21.95
CA GLY A 259 -13.71 -20.31 -22.28
C GLY A 259 -14.79 -20.71 -21.29
N ASP A 260 -14.53 -20.49 -20.00
CA ASP A 260 -15.49 -20.77 -18.93
C ASP A 260 -16.78 -19.97 -19.13
N ILE A 261 -16.63 -18.67 -19.38
CA ILE A 261 -17.75 -17.78 -19.66
C ILE A 261 -18.55 -18.26 -20.89
N MET A 262 -17.83 -18.68 -21.92
CA MET A 262 -18.46 -19.16 -23.14
C MET A 262 -19.27 -20.42 -22.88
N VAL A 263 -18.74 -21.29 -22.05
CA VAL A 263 -19.43 -22.52 -21.68
C VAL A 263 -20.75 -22.22 -20.96
N ARG A 264 -20.69 -21.56 -19.80
CA ARG A 264 -21.86 -21.26 -19.00
C ARG A 264 -22.97 -20.48 -19.72
N LEU A 265 -22.64 -19.83 -20.82
CA LEU A 265 -23.63 -19.09 -21.59
C LEU A 265 -23.99 -19.82 -22.88
N SER A 266 -23.54 -21.07 -23.01
CA SER A 266 -23.93 -21.86 -24.15
C SER A 266 -25.20 -22.62 -23.79
N PRO A 267 -26.05 -22.93 -24.78
CA PRO A 267 -27.30 -23.62 -24.49
C PRO A 267 -27.11 -25.10 -24.15
N GLU A 268 -25.93 -25.66 -24.41
CA GLU A 268 -25.62 -27.04 -23.98
C GLU A 268 -24.26 -27.07 -23.25
N PRO A 269 -24.25 -26.63 -21.98
CA PRO A 269 -22.98 -26.43 -21.29
C PRO A 269 -22.16 -27.70 -21.09
N ASP A 270 -22.82 -28.83 -20.90
CA ASP A 270 -22.10 -30.08 -20.65
C ASP A 270 -21.38 -30.57 -21.90
N LEU A 271 -22.00 -30.33 -23.05
CA LEU A 271 -21.42 -30.72 -24.33
C LEU A 271 -20.37 -29.70 -24.76
N ALA A 272 -20.58 -28.45 -24.39
CA ALA A 272 -19.64 -27.38 -24.72
C ALA A 272 -18.36 -27.47 -23.90
N ARG A 273 -18.46 -27.93 -22.66
CA ARG A 273 -17.30 -28.13 -21.79
C ARG A 273 -16.28 -29.12 -22.39
N VAL A 274 -16.76 -30.24 -22.91
CA VAL A 274 -15.87 -31.21 -23.57
C VAL A 274 -15.14 -30.52 -24.73
N VAL A 275 -15.88 -29.82 -25.58
CA VAL A 275 -15.28 -29.08 -26.71
C VAL A 275 -14.20 -28.08 -26.26
N MET A 276 -14.56 -27.21 -25.32
CA MET A 276 -13.62 -26.19 -24.83
C MET A 276 -12.37 -26.81 -24.24
N ASP A 277 -12.54 -27.81 -23.37
CA ASP A 277 -11.39 -28.50 -22.79
C ASP A 277 -10.40 -29.01 -23.85
N ASP A 278 -10.92 -29.67 -24.89
CA ASP A 278 -10.09 -30.06 -26.03
C ASP A 278 -9.41 -28.86 -26.70
N LEU A 279 -10.17 -27.79 -26.95
CA LEU A 279 -9.59 -26.62 -27.63
C LEU A 279 -8.42 -26.03 -26.85
N LEU A 280 -8.52 -26.03 -25.53
CA LEU A 280 -7.50 -25.39 -24.71
C LEU A 280 -6.46 -26.36 -24.12
N ALA A 281 -6.67 -27.67 -24.30
CA ALA A 281 -5.65 -28.66 -23.94
C ALA A 281 -4.37 -28.43 -24.77
N PRO A 282 -3.19 -28.83 -24.24
CA PRO A 282 -1.97 -28.57 -25.01
C PRO A 282 -2.19 -28.92 -26.48
N SER A 283 -1.72 -28.06 -27.38
CA SER A 283 -2.18 -28.12 -28.77
C SER A 283 -1.24 -28.90 -29.65
N LEU A 284 -1.82 -29.66 -30.57
CA LEU A 284 -1.03 -30.41 -31.55
C LEU A 284 -0.97 -29.64 -32.87
N LEU A 285 0.23 -29.20 -33.23
CA LEU A 285 0.40 -28.39 -34.44
C LEU A 285 1.34 -29.00 -35.49
N ASP A 286 0.78 -29.33 -36.65
CA ASP A 286 1.47 -29.98 -37.76
C ASP A 286 2.26 -28.95 -38.58
N VAL A 287 3.58 -28.96 -38.44
CA VAL A 287 4.45 -28.07 -39.24
C VAL A 287 4.98 -28.73 -40.53
N GLY A 288 4.57 -29.97 -40.82
CA GLY A 288 5.00 -30.64 -42.03
C GLY A 288 5.77 -31.90 -41.70
N ASP A 289 7.02 -31.72 -41.27
CA ASP A 289 7.81 -32.87 -40.86
C ASP A 289 7.30 -33.52 -39.57
N TYR A 290 6.74 -32.67 -38.69
CA TYR A 290 6.27 -33.09 -37.36
C TYR A 290 4.97 -32.42 -36.91
N LYS A 291 4.33 -33.04 -35.93
CA LYS A 291 3.28 -32.42 -35.14
C LYS A 291 3.93 -32.08 -33.81
N ILE A 292 4.09 -30.77 -33.55
CA ILE A 292 4.73 -30.31 -32.32
C ILE A 292 3.68 -30.03 -31.24
N VAL A 293 4.11 -29.96 -29.99
CA VAL A 293 3.22 -29.64 -28.89
C VAL A 293 3.39 -28.18 -28.50
N VAL A 294 2.33 -27.41 -28.60
CA VAL A 294 2.40 -26.03 -28.18
C VAL A 294 1.45 -25.79 -27.03
N GLU A 295 2.06 -25.85 -25.85
CA GLU A 295 1.43 -25.79 -24.56
C GLU A 295 0.76 -24.44 -24.28
N GLU A 296 1.36 -23.36 -24.78
CA GLU A 296 0.89 -22.02 -24.46
C GLU A 296 0.48 -21.18 -25.67
N GLY A 297 -0.01 -19.97 -25.41
CA GLY A 297 -0.45 -19.10 -26.48
C GLY A 297 -1.84 -19.42 -26.97
N LEU A 298 -2.29 -18.69 -28.01
CA LEU A 298 -3.59 -18.88 -28.60
C LEU A 298 -3.55 -19.88 -29.77
N PRO A 299 -4.41 -20.91 -29.72
CA PRO A 299 -4.68 -21.79 -30.85
C PRO A 299 -5.79 -21.22 -31.73
N SER A 300 -5.41 -20.67 -32.89
CA SER A 300 -6.31 -19.78 -33.65
C SER A 300 -7.09 -20.41 -34.83
N GLY A 301 -7.27 -21.71 -34.83
CA GLY A 301 -7.86 -22.34 -36.01
C GLY A 301 -9.35 -22.22 -36.30
N CYS A 302 -10.16 -21.93 -35.28
CA CYS A 302 -11.57 -22.34 -35.28
C CYS A 302 -12.60 -21.21 -35.52
N PRO A 303 -13.89 -21.56 -35.77
CA PRO A 303 -14.97 -20.56 -35.89
C PRO A 303 -15.11 -19.57 -34.71
N CYS A 304 -15.05 -20.05 -33.48
CA CYS A 304 -15.23 -19.19 -32.31
C CYS A 304 -13.98 -18.39 -31.90
N THR A 305 -12.85 -18.64 -32.55
CA THR A 305 -11.55 -18.15 -32.07
C THR A 305 -11.48 -16.65 -31.86
N THR A 306 -11.98 -15.91 -32.84
CA THR A 306 -11.88 -14.46 -32.81
C THR A 306 -12.65 -13.86 -31.62
N GLN A 307 -13.71 -14.53 -31.21
CA GLN A 307 -14.49 -14.13 -30.04
C GLN A 307 -13.88 -14.62 -28.73
N LEU A 308 -13.34 -15.82 -28.71
CA LEU A 308 -12.55 -16.30 -27.58
C LEU A 308 -11.40 -15.31 -27.34
N ASN A 309 -10.72 -14.93 -28.41
CA ASN A 309 -9.62 -14.00 -28.31
C ASN A 309 -10.01 -12.61 -27.81
N SER A 310 -11.17 -12.12 -28.26
CA SER A 310 -11.63 -10.79 -27.86
C SER A 310 -12.09 -10.80 -26.41
N LEU A 311 -12.65 -11.93 -25.99
CA LEU A 311 -13.09 -12.09 -24.63
C LEU A 311 -11.92 -12.10 -23.64
N ALA A 312 -10.82 -12.77 -24.00
CA ALA A 312 -9.62 -12.76 -23.17
C ALA A 312 -9.14 -11.32 -23.10
N HIS A 313 -9.18 -10.63 -24.25
CA HIS A 313 -8.73 -9.25 -24.30
C HIS A 313 -9.53 -8.38 -23.32
N TRP A 314 -10.85 -8.57 -23.32
CA TRP A 314 -11.76 -7.85 -22.43
C TRP A 314 -11.33 -8.06 -20.98
N ILE A 315 -11.03 -9.31 -20.63
CA ILE A 315 -10.59 -9.66 -19.30
C ILE A 315 -9.30 -8.93 -18.92
N LEU A 316 -8.34 -8.88 -19.85
CA LEU A 316 -7.02 -8.37 -19.52
C LEU A 316 -7.04 -6.85 -19.35
N THR A 317 -7.79 -6.19 -20.21
CA THR A 317 -7.95 -4.74 -20.14
C THR A 317 -8.54 -4.33 -18.78
N LEU A 318 -9.65 -4.97 -18.41
CA LEU A 318 -10.32 -4.70 -17.13
C LEU A 318 -9.42 -5.01 -15.95
N CYS A 319 -8.74 -6.15 -16.00
CA CYS A 319 -7.80 -6.52 -14.95
C CYS A 319 -6.74 -5.43 -14.75
N ALA A 320 -6.16 -4.95 -15.84
CA ALA A 320 -5.16 -3.89 -15.72
C ALA A 320 -5.80 -2.62 -15.23
N MET A 321 -6.99 -2.30 -15.74
CA MET A 321 -7.69 -1.09 -15.33
C MET A 321 -8.08 -1.14 -13.86
N VAL A 322 -8.68 -2.24 -13.45
CA VAL A 322 -9.07 -2.43 -12.06
C VAL A 322 -7.83 -2.35 -11.18
N GLU A 323 -6.76 -3.00 -11.60
CA GLU A 323 -5.56 -3.07 -10.81
C GLU A 323 -4.97 -1.69 -10.57
N VAL A 324 -5.01 -0.85 -11.59
CA VAL A 324 -4.45 0.48 -11.50
C VAL A 324 -5.41 1.46 -10.82
N THR A 325 -6.68 1.49 -11.24
CA THR A 325 -7.64 2.49 -10.71
C THR A 325 -8.24 2.11 -9.36
N ARG A 326 -8.34 0.81 -9.11
CA ARG A 326 -8.92 0.29 -7.88
C ARG A 326 -10.44 0.46 -7.84
N VAL A 327 -11.06 0.72 -8.99
CA VAL A 327 -12.51 0.70 -9.05
C VAL A 327 -13.03 -0.66 -9.48
N ASP A 328 -14.13 -1.09 -8.85
CA ASP A 328 -14.85 -2.31 -9.20
C ASP A 328 -15.04 -2.47 -10.73
N PRO A 329 -14.81 -3.69 -11.26
CA PRO A 329 -14.96 -3.91 -12.71
C PRO A 329 -16.32 -3.48 -13.27
N ASP A 330 -17.39 -3.74 -12.51
CA ASP A 330 -18.73 -3.29 -12.91
C ASP A 330 -18.84 -1.78 -13.02
N ILE A 331 -18.22 -1.08 -12.09
CA ILE A 331 -18.26 0.38 -12.11
C ILE A 331 -17.40 0.97 -13.23
N VAL A 332 -16.21 0.41 -13.46
CA VAL A 332 -15.42 0.88 -14.60
C VAL A 332 -16.15 0.63 -15.92
N MET A 333 -17.02 -0.37 -15.95
CA MET A 333 -17.82 -0.59 -17.14
C MET A 333 -19.00 0.39 -17.26
N GLN A 334 -19.31 1.10 -16.19
CA GLN A 334 -20.27 2.21 -16.32
C GLN A 334 -19.60 3.56 -16.50
N GLU A 335 -18.29 3.60 -16.28
CA GLU A 335 -17.52 4.83 -16.53
C GLU A 335 -16.71 4.74 -17.83
N SER A 336 -16.89 3.66 -18.58
CA SER A 336 -16.06 3.41 -19.76
C SER A 336 -16.83 2.83 -20.93
N GLU A 337 -16.20 2.88 -22.10
CA GLU A 337 -16.65 2.19 -23.30
C GLU A 337 -15.42 1.55 -23.94
N PHE A 338 -15.55 0.29 -24.30
CA PHE A 338 -14.47 -0.49 -24.88
C PHE A 338 -14.84 -0.99 -26.28
N SER A 339 -13.82 -1.18 -27.11
CA SER A 339 -13.92 -1.89 -28.37
C SER A 339 -12.78 -2.89 -28.48
N PHE A 340 -13.12 -4.15 -28.68
CA PHE A 340 -12.12 -5.19 -28.94
C PHE A 340 -12.42 -5.95 -30.22
N TYR A 341 -11.35 -6.25 -30.97
CA TYR A 341 -11.44 -7.17 -32.10
C TYR A 341 -10.09 -7.87 -32.15
N GLY A 342 -10.03 -9.04 -31.53
CA GLY A 342 -8.77 -9.76 -31.39
C GLY A 342 -7.82 -8.92 -30.57
N ASP A 343 -6.71 -8.52 -31.19
CA ASP A 343 -5.68 -7.77 -30.48
C ASP A 343 -5.95 -6.27 -30.47
N ASP A 344 -7.07 -5.88 -31.06
CA ASP A 344 -7.29 -4.48 -31.38
C ASP A 344 -8.18 -3.82 -30.34
N GLU A 345 -7.68 -2.77 -29.68
CA GLU A 345 -8.48 -2.10 -28.65
C GLU A 345 -8.64 -0.59 -28.82
N VAL A 346 -9.81 -0.11 -28.43
CA VAL A 346 -10.00 1.29 -28.08
C VAL A 346 -10.62 1.27 -26.69
N VAL A 347 -9.96 1.92 -25.74
CA VAL A 347 -10.55 2.16 -24.42
C VAL A 347 -10.90 3.63 -24.32
N SER A 348 -12.15 3.90 -23.97
CA SER A 348 -12.59 5.24 -23.65
C SER A 348 -13.13 5.22 -22.24
N THR A 349 -12.72 6.19 -21.42
CA THR A 349 -13.13 6.22 -20.02
C THR A 349 -13.27 7.64 -19.44
N ASN A 350 -13.96 7.74 -18.31
CA ASN A 350 -14.01 8.97 -17.54
C ASN A 350 -13.10 8.86 -16.32
N LEU A 351 -12.62 7.64 -16.06
CA LEU A 351 -11.74 7.40 -14.94
C LEU A 351 -10.40 8.01 -15.26
N GLU A 352 -9.74 8.47 -14.20
CA GLU A 352 -8.46 9.10 -14.33
C GLU A 352 -7.46 7.97 -14.25
N LEU A 353 -7.02 7.47 -15.40
CA LEU A 353 -6.19 6.28 -15.43
C LEU A 353 -4.72 6.65 -15.58
N ASP A 354 -3.90 6.12 -14.69
CA ASP A 354 -2.46 6.32 -14.76
C ASP A 354 -1.93 5.44 -15.88
N MET A 355 -1.58 6.07 -17.00
CA MET A 355 -1.14 5.40 -18.22
C MET A 355 0.21 4.68 -18.13
N VAL A 356 1.07 5.17 -17.25
CA VAL A 356 2.34 4.49 -16.94
C VAL A 356 2.07 3.17 -16.20
N LYS A 357 1.29 3.25 -15.13
CA LYS A 357 0.95 2.06 -14.36
C LYS A 357 0.12 1.05 -15.14
N TYR A 358 -0.69 1.54 -16.08
CA TYR A 358 -1.51 0.70 -16.95
C TYR A 358 -0.62 -0.15 -17.88
N THR A 359 0.28 0.53 -18.59
CA THR A 359 1.26 -0.13 -19.45
C THR A 359 2.04 -1.21 -18.69
N MET A 360 2.52 -0.87 -17.49
CA MET A 360 3.30 -1.79 -16.67
C MET A 360 2.49 -3.01 -16.29
N ALA A 361 1.27 -2.80 -15.79
CA ALA A 361 0.39 -3.91 -15.39
C ALA A 361 0.13 -4.85 -16.55
N LEU A 362 -0.03 -4.30 -17.75
CA LEU A 362 -0.18 -5.12 -18.96
C LEU A 362 1.11 -5.86 -19.26
N ARG A 363 2.23 -5.13 -19.30
CA ARG A 363 3.54 -5.73 -19.53
C ARG A 363 3.80 -6.89 -18.58
N ARG A 364 3.34 -6.75 -17.33
CA ARG A 364 3.46 -7.78 -16.31
C ARG A 364 2.68 -9.05 -16.65
N TYR A 365 1.54 -8.90 -17.33
CA TYR A 365 0.74 -10.05 -17.72
C TYR A 365 1.38 -10.79 -18.88
N GLY A 366 2.45 -10.20 -19.44
CA GLY A 366 3.16 -10.79 -20.57
C GLY A 366 2.81 -10.15 -21.91
N LEU A 367 1.96 -9.13 -21.90
CA LEU A 367 1.59 -8.49 -23.14
C LEU A 367 2.62 -7.43 -23.51
N LEU A 368 2.62 -7.07 -24.79
CA LEU A 368 3.60 -6.16 -25.34
C LEU A 368 2.86 -5.02 -26.03
N PRO A 369 2.33 -4.08 -25.22
CA PRO A 369 1.59 -2.96 -25.79
C PRO A 369 2.48 -1.92 -26.48
N THR A 370 1.96 -1.36 -27.57
CA THR A 370 2.58 -0.26 -28.32
C THR A 370 1.46 0.70 -28.72
N ARG A 371 1.78 1.93 -29.09
CA ARG A 371 0.76 2.88 -29.56
C ARG A 371 0.36 2.62 -31.01
N ALA A 372 -0.88 2.97 -31.37
CA ALA A 372 -1.46 2.61 -32.70
C ALA A 372 -0.67 3.08 -33.93
N ASP A 373 0.02 4.21 -33.81
CA ASP A 373 0.86 4.76 -34.89
C ASP A 373 1.85 5.81 -34.34
N LYS A 374 2.49 5.48 -33.22
CA LYS A 374 3.25 6.48 -32.48
C LYS A 374 4.62 6.00 -31.98
N GLU A 375 4.69 4.74 -31.58
CA GLU A 375 5.94 4.08 -31.14
C GLU A 375 6.57 4.74 -29.89
N GLU A 376 7.16 3.89 -29.04
CA GLU A 376 7.73 4.27 -27.72
C GLU A 376 6.69 4.55 -26.63
N GLY A 377 6.56 3.56 -25.74
CA GLY A 377 5.62 3.62 -24.63
C GLY A 377 6.31 4.09 -23.35
N PRO A 378 5.52 4.37 -22.29
CA PRO A 378 4.11 4.05 -22.02
C PRO A 378 3.09 4.41 -23.10
N LEU A 379 1.90 3.82 -22.97
CA LEU A 379 0.73 4.17 -23.75
C LEU A 379 0.25 5.58 -23.38
N GLU A 380 -0.24 6.31 -24.37
CA GLU A 380 -0.66 7.69 -24.16
C GLU A 380 -2.19 7.79 -24.22
N ARG A 381 -2.77 8.68 -23.43
CA ARG A 381 -4.19 8.99 -23.56
C ARG A 381 -4.41 10.36 -24.20
N ARG A 382 -5.51 10.51 -24.93
CA ARG A 382 -5.88 11.78 -25.57
C ARG A 382 -7.26 12.21 -25.10
N GLN A 383 -7.53 13.50 -25.15
CA GLN A 383 -8.83 14.04 -24.75
C GLN A 383 -9.79 14.26 -25.90
N THR A 384 -9.54 13.59 -27.02
CA THR A 384 -10.52 13.52 -28.08
C THR A 384 -10.36 12.22 -28.84
N LEU A 385 -11.50 11.63 -29.22
CA LEU A 385 -11.53 10.38 -29.98
C LEU A 385 -11.00 10.64 -31.38
N GLN A 386 -11.27 11.85 -31.86
CA GLN A 386 -10.69 12.41 -33.06
C GLN A 386 -9.25 11.89 -33.25
N GLY A 387 -9.05 11.03 -34.23
CA GLY A 387 -7.72 10.54 -34.55
C GLY A 387 -7.29 9.20 -33.98
N ILE A 388 -8.07 8.64 -33.05
CA ILE A 388 -7.83 7.27 -32.59
C ILE A 388 -8.07 6.31 -33.78
N SER A 389 -7.41 5.15 -33.78
CA SER A 389 -7.56 4.20 -34.88
C SER A 389 -8.11 2.87 -34.42
N PHE A 390 -8.88 2.24 -35.29
CA PHE A 390 -9.53 0.98 -34.99
C PHE A 390 -9.81 0.25 -36.30
N LEU A 391 -9.30 -0.98 -36.41
CA LEU A 391 -9.52 -1.82 -37.60
C LEU A 391 -8.98 -1.20 -38.90
N ARG A 392 -7.79 -0.62 -38.83
CA ARG A 392 -7.14 0.07 -39.96
C ARG A 392 -7.81 1.39 -40.36
N ARG A 393 -8.73 1.88 -39.54
CA ARG A 393 -9.43 3.12 -39.89
C ARG A 393 -9.14 4.20 -38.89
N ALA A 394 -9.08 5.43 -39.38
CA ALA A 394 -8.97 6.59 -38.50
C ALA A 394 -10.38 6.99 -38.12
N ILE A 395 -10.60 7.31 -36.85
CA ILE A 395 -11.92 7.76 -36.44
C ILE A 395 -11.99 9.26 -36.59
N VAL A 396 -12.83 9.70 -37.52
CA VAL A 396 -13.00 11.11 -37.80
C VAL A 396 -14.38 11.45 -37.30
N GLY A 397 -14.61 12.73 -37.02
CA GLY A 397 -15.89 13.24 -36.55
C GLY A 397 -16.11 14.64 -37.05
N ASP A 398 -17.33 14.93 -37.49
CA ASP A 398 -17.68 16.23 -38.04
C ASP A 398 -19.13 16.62 -37.74
N GLN A 399 -19.60 17.71 -38.34
CA GLN A 399 -20.98 18.16 -38.20
C GLN A 399 -22.00 17.01 -38.21
N PHE A 400 -21.78 16.02 -39.07
CA PHE A 400 -22.77 14.97 -39.27
C PHE A 400 -22.65 13.85 -38.24
N GLY A 401 -21.43 13.52 -37.86
CA GLY A 401 -21.20 12.45 -36.88
C GLY A 401 -19.81 11.84 -36.97
N TRP A 402 -19.62 10.71 -36.31
CA TRP A 402 -18.34 10.01 -36.38
C TRP A 402 -18.37 8.95 -37.48
N TYR A 403 -17.19 8.62 -38.00
CA TYR A 403 -17.05 7.52 -38.94
C TYR A 403 -15.64 6.95 -38.94
N GLY A 404 -15.47 5.81 -39.61
CA GLY A 404 -14.15 5.24 -39.83
C GLY A 404 -13.64 5.53 -41.23
N ARG A 405 -12.50 6.23 -41.32
CA ARG A 405 -11.90 6.58 -42.61
C ARG A 405 -10.61 5.81 -42.88
N LEU A 406 -10.61 5.09 -43.99
CA LEU A 406 -9.45 4.33 -44.46
C LEU A 406 -8.42 5.30 -45.05
N ASP A 407 -7.18 5.21 -44.57
CA ASP A 407 -6.17 6.19 -44.98
C ASP A 407 -5.77 5.98 -46.44
N ARG A 408 -5.35 7.06 -47.09
CA ARG A 408 -5.10 7.03 -48.53
C ARG A 408 -4.03 6.02 -48.94
N ALA A 409 -3.01 5.84 -48.10
CA ALA A 409 -1.96 4.84 -48.35
C ALA A 409 -2.60 3.47 -48.59
N SER A 410 -3.68 3.21 -47.87
CA SER A 410 -4.41 1.95 -47.95
C SER A 410 -5.27 1.89 -49.20
N ILE A 411 -5.86 3.01 -49.58
CA ILE A 411 -6.69 3.08 -50.78
C ILE A 411 -5.81 2.87 -52.01
N ASP A 412 -4.80 3.73 -52.17
CA ASP A 412 -3.78 3.60 -53.21
C ASP A 412 -3.29 2.16 -53.33
N ARG A 413 -3.03 1.53 -52.18
CA ARG A 413 -2.59 0.14 -52.11
C ARG A 413 -3.56 -0.83 -52.78
N GLN A 414 -4.85 -0.73 -52.46
CA GLN A 414 -5.87 -1.58 -53.07
C GLN A 414 -6.05 -1.32 -54.57
N LEU A 415 -5.46 -0.23 -55.08
CA LEU A 415 -5.52 0.07 -56.50
C LEU A 415 -4.30 -0.46 -57.26
N LEU A 416 -3.27 -0.87 -56.53
CA LEU A 416 -2.07 -1.42 -57.15
C LEU A 416 -2.12 -2.95 -57.30
N TRP A 417 -2.95 -3.59 -56.48
CA TRP A 417 -2.98 -5.05 -56.37
C TRP A 417 -4.39 -5.59 -56.44
N THR A 418 -4.54 -6.71 -57.12
CA THR A 418 -5.85 -7.35 -57.19
C THR A 418 -5.74 -8.85 -56.85
N LYS A 419 -6.81 -9.44 -56.35
CA LYS A 419 -6.82 -10.86 -55.98
C LYS A 419 -7.21 -11.74 -57.16
N GLY A 420 -6.43 -12.79 -57.36
CA GLY A 420 -6.64 -13.72 -58.46
C GLY A 420 -6.17 -15.11 -58.09
N PRO A 421 -6.09 -16.03 -59.06
CA PRO A 421 -5.54 -17.37 -58.78
C PRO A 421 -4.10 -17.28 -58.31
N ASN A 422 -3.70 -18.26 -57.49
CA ASN A 422 -2.31 -18.38 -57.04
C ASN A 422 -1.31 -18.46 -58.19
N HIS A 423 -0.20 -17.74 -58.04
CA HIS A 423 0.89 -17.75 -59.01
C HIS A 423 2.21 -17.34 -58.38
N GLN A 424 3.30 -17.64 -59.08
CA GLN A 424 4.64 -17.49 -58.54
C GLN A 424 5.18 -16.05 -58.53
N ASN A 425 4.96 -15.27 -59.58
CA ASN A 425 5.47 -13.87 -59.61
C ASN A 425 4.41 -12.81 -59.30
N PRO A 426 4.57 -12.10 -58.16
CA PRO A 426 3.66 -11.04 -57.75
C PRO A 426 3.44 -10.00 -58.83
N PHE A 427 4.49 -9.71 -59.59
CA PHE A 427 4.47 -8.57 -60.48
C PHE A 427 3.67 -8.79 -61.77
N GLU A 428 3.35 -10.04 -62.10
CA GLU A 428 2.50 -10.34 -63.26
C GLU A 428 1.15 -9.64 -63.17
N THR A 429 0.69 -9.17 -64.33
CA THR A 429 -0.65 -8.62 -64.48
C THR A 429 -1.52 -9.75 -65.01
N LEU A 430 -2.80 -9.77 -64.66
CA LEU A 430 -3.76 -10.65 -65.37
C LEU A 430 -4.55 -9.80 -66.40
N PRO A 431 -5.69 -10.30 -66.94
CA PRO A 431 -6.41 -9.36 -67.83
C PRO A 431 -7.26 -8.33 -67.04
N GLY A 432 -8.35 -7.84 -67.64
CA GLY A 432 -9.26 -6.92 -66.96
C GLY A 432 -10.21 -7.63 -65.99
N HIS A 433 -10.19 -7.21 -64.72
CA HIS A 433 -11.00 -7.88 -63.69
C HIS A 433 -12.43 -7.34 -63.65
N ALA A 434 -13.31 -7.96 -64.46
CA ALA A 434 -14.77 -7.72 -64.38
C ALA A 434 -15.45 -8.52 -63.24
N GLN A 435 -14.63 -8.94 -62.27
CA GLN A 435 -15.08 -9.40 -60.95
C GLN A 435 -14.82 -8.25 -59.95
N ARG A 436 -14.24 -7.18 -60.46
CA ARG A 436 -13.82 -6.03 -59.68
C ARG A 436 -14.67 -4.74 -59.89
N PRO A 437 -16.00 -4.86 -60.10
CA PRO A 437 -16.76 -3.60 -60.06
C PRO A 437 -17.32 -3.31 -58.66
N SER A 438 -17.60 -4.36 -57.90
CA SER A 438 -18.07 -4.24 -56.53
C SER A 438 -16.98 -3.60 -55.65
N GLN A 439 -15.78 -4.19 -55.66
CA GLN A 439 -14.64 -3.63 -54.95
C GLN A 439 -14.42 -2.15 -55.30
N LEU A 440 -14.53 -1.82 -56.59
CA LEU A 440 -14.25 -0.48 -57.12
C LEU A 440 -15.20 0.60 -56.56
N MET A 441 -16.47 0.25 -56.39
CA MET A 441 -17.46 1.16 -55.82
C MET A 441 -17.11 1.53 -54.39
N ALA A 442 -16.80 0.51 -53.58
CA ALA A 442 -16.42 0.67 -52.19
C ALA A 442 -15.22 1.59 -52.03
N LEU A 443 -14.26 1.43 -52.94
CA LEU A 443 -13.04 2.20 -52.91
C LEU A 443 -13.34 3.66 -53.24
N LEU A 444 -14.13 3.85 -54.29
CA LEU A 444 -14.63 5.17 -54.64
C LEU A 444 -15.24 5.80 -53.40
N GLY A 445 -16.03 4.99 -52.69
CA GLY A 445 -16.68 5.41 -51.46
C GLY A 445 -15.69 5.75 -50.39
N GLU A 446 -14.65 4.94 -50.25
CA GLU A 446 -13.62 5.16 -49.25
C GLU A 446 -12.87 6.48 -49.49
N ALA A 447 -12.69 6.81 -50.76
CA ALA A 447 -11.93 7.99 -51.15
C ALA A 447 -12.76 9.24 -51.01
N ALA A 448 -14.07 9.11 -51.16
CA ALA A 448 -14.98 10.23 -51.00
C ALA A 448 -14.73 10.97 -49.71
N MET A 449 -14.46 10.23 -48.63
CA MET A 449 -14.33 10.80 -47.30
C MET A 449 -13.05 11.61 -47.09
N HIS A 450 -12.21 11.65 -48.13
CA HIS A 450 -10.96 12.43 -48.11
C HIS A 450 -11.09 13.77 -48.84
N GLY A 451 -12.31 14.11 -49.22
CA GLY A 451 -12.57 15.40 -49.85
C GLY A 451 -12.34 15.44 -51.35
N GLU A 452 -12.78 16.54 -51.96
CA GLU A 452 -12.78 16.74 -53.41
C GLU A 452 -11.52 16.29 -54.18
N LYS A 453 -10.37 16.88 -53.84
CA LYS A 453 -9.16 16.69 -54.66
C LYS A 453 -8.69 15.25 -54.72
N TYR A 454 -8.66 14.59 -53.57
CA TYR A 454 -8.25 13.18 -53.51
C TYR A 454 -9.22 12.28 -54.25
N TYR A 455 -10.52 12.48 -54.02
CA TYR A 455 -11.55 11.68 -54.66
C TYR A 455 -11.39 11.67 -56.19
N ARG A 456 -11.20 12.86 -56.76
CA ARG A 456 -11.00 13.03 -58.21
C ARG A 456 -9.82 12.21 -58.73
N THR A 457 -8.71 12.21 -57.99
CA THR A 457 -7.51 11.49 -58.42
C THR A 457 -7.65 9.96 -58.41
N VAL A 458 -8.53 9.43 -57.56
CA VAL A 458 -8.78 7.98 -57.59
C VAL A 458 -9.93 7.67 -58.52
N ALA A 459 -10.73 8.69 -58.84
CA ALA A 459 -11.78 8.59 -59.84
C ALA A 459 -11.19 8.29 -61.23
N SER A 460 -10.08 8.97 -61.55
CA SER A 460 -9.33 8.74 -62.78
C SER A 460 -8.81 7.30 -62.81
N ARG A 461 -8.00 6.95 -61.81
CA ARG A 461 -7.39 5.63 -61.67
C ARG A 461 -8.43 4.52 -61.81
N VAL A 462 -9.60 4.75 -61.23
CA VAL A 462 -10.72 3.82 -61.29
C VAL A 462 -11.32 3.73 -62.70
N SER A 463 -11.40 4.86 -63.39
CA SER A 463 -11.96 4.89 -64.76
C SER A 463 -11.07 4.23 -65.81
N LYS A 464 -9.76 4.51 -65.79
CA LYS A 464 -8.82 3.81 -66.66
C LYS A 464 -9.02 2.29 -66.54
N GLU A 465 -9.13 1.81 -65.31
CA GLU A 465 -9.30 0.39 -65.02
C GLU A 465 -10.67 -0.15 -65.45
N ALA A 466 -11.69 0.69 -65.36
CA ALA A 466 -13.05 0.32 -65.76
C ALA A 466 -13.20 0.28 -67.27
N ALA A 467 -12.30 0.98 -67.97
CA ALA A 467 -12.21 0.97 -69.42
C ALA A 467 -11.68 -0.38 -69.89
N GLN A 468 -10.45 -0.72 -69.46
CA GLN A 468 -9.87 -2.03 -69.74
C GLN A 468 -10.53 -3.14 -68.91
N SER A 469 -11.85 -3.23 -69.03
CA SER A 469 -12.65 -4.21 -68.31
C SER A 469 -14.01 -4.40 -68.98
N GLY A 470 -14.54 -5.62 -68.89
CA GLY A 470 -15.82 -6.01 -69.50
C GLY A 470 -17.09 -5.30 -69.04
N ILE A 471 -16.96 -4.40 -68.06
CA ILE A 471 -18.05 -3.52 -67.62
C ILE A 471 -17.54 -2.07 -67.40
N GLU A 472 -18.08 -1.14 -68.18
CA GLU A 472 -17.79 0.29 -68.05
C GLU A 472 -18.77 0.93 -67.06
N MET A 473 -18.31 1.97 -66.35
CA MET A 473 -19.01 2.45 -65.16
C MET A 473 -19.42 3.94 -65.21
N VAL A 474 -20.63 4.22 -64.70
CA VAL A 474 -21.03 5.59 -64.35
C VAL A 474 -20.25 6.00 -63.10
N VAL A 475 -19.23 6.83 -63.28
CA VAL A 475 -18.47 7.34 -62.13
C VAL A 475 -19.20 8.53 -61.53
N PRO A 476 -19.79 8.36 -60.33
CA PRO A 476 -20.66 9.37 -59.72
C PRO A 476 -19.91 10.65 -59.33
N ARG A 477 -20.67 11.73 -59.10
CA ARG A 477 -20.10 12.99 -58.64
C ARG A 477 -19.78 12.86 -57.16
N HIS A 478 -18.74 13.57 -56.73
CA HIS A 478 -18.25 13.51 -55.36
C HIS A 478 -19.36 13.54 -54.32
N ARG A 479 -20.15 14.62 -54.29
CA ARG A 479 -21.19 14.79 -53.29
C ARG A 479 -22.20 13.66 -53.23
N SER A 480 -22.44 13.00 -54.37
CA SER A 480 -23.43 11.91 -54.44
C SER A 480 -22.95 10.65 -53.77
N VAL A 481 -21.66 10.38 -53.89
CA VAL A 481 -21.11 9.14 -53.34
C VAL A 481 -20.83 9.33 -51.85
N LEU A 482 -20.35 10.52 -51.49
CA LEU A 482 -20.14 10.89 -50.09
C LEU A 482 -21.42 10.68 -49.28
N ARG A 483 -22.52 11.21 -49.82
CA ARG A 483 -23.86 11.06 -49.25
C ARG A 483 -24.28 9.59 -49.12
N TRP A 484 -23.97 8.77 -50.14
CA TRP A 484 -24.23 7.33 -50.10
C TRP A 484 -23.44 6.62 -49.01
N VAL A 485 -22.15 6.97 -48.87
CA VAL A 485 -21.26 6.33 -47.90
C VAL A 485 -21.65 6.68 -46.47
N ARG A 486 -21.76 7.98 -46.20
CA ARG A 486 -21.99 8.48 -44.86
C ARG A 486 -23.37 8.16 -44.34
N PHE A 487 -24.37 8.30 -45.20
CA PHE A 487 -25.76 8.17 -44.76
C PHE A 487 -26.43 6.95 -45.38
N GLY A 488 -26.48 5.90 -44.56
CA GLY A 488 -27.06 4.60 -44.90
C GLY A 488 -27.38 3.84 -43.61
N THR A 489 -27.89 2.60 -43.68
CA THR A 489 -28.00 1.75 -44.90
C THR A 489 -26.83 1.83 -45.89
N ARG B 4 -46.23 33.33 25.29
CA ARG B 4 -46.99 33.54 24.02
C ARG B 4 -46.12 33.77 22.76
N PRO B 5 -44.84 34.25 22.92
CA PRO B 5 -44.14 34.93 21.82
C PRO B 5 -43.94 34.14 20.54
N SER B 6 -44.01 34.85 19.42
CA SER B 6 -43.91 34.26 18.10
C SER B 6 -43.33 35.29 17.12
N GLY B 7 -42.79 34.78 16.03
CA GLY B 7 -42.10 35.62 15.06
C GLY B 7 -40.75 35.04 14.70
N THR B 8 -39.93 35.84 14.04
CA THR B 8 -38.60 35.39 13.67
C THR B 8 -37.59 36.38 14.23
N TYR B 9 -36.48 35.83 14.72
CA TYR B 9 -35.39 36.63 15.24
C TYR B 9 -34.11 36.17 14.55
N ALA B 10 -33.40 37.11 13.91
CA ALA B 10 -32.22 36.78 13.15
C ALA B 10 -32.50 35.65 12.14
N GLY B 11 -33.62 35.76 11.44
CA GLY B 11 -34.02 34.80 10.41
C GLY B 11 -34.51 33.45 10.89
N LEU B 12 -34.57 33.28 12.21
CA LEU B 12 -34.94 32.01 12.78
C LEU B 12 -36.21 32.13 13.63
N PRO B 13 -37.04 31.07 13.65
CA PRO B 13 -38.31 31.11 14.39
C PRO B 13 -38.14 31.42 15.89
N ILE B 14 -39.00 32.26 16.45
CA ILE B 14 -39.04 32.50 17.89
C ILE B 14 -39.92 31.44 18.55
N ALA B 15 -39.43 30.82 19.62
CA ALA B 15 -40.18 29.81 20.36
C ALA B 15 -40.66 30.31 21.72
N ASP B 16 -39.87 31.14 22.38
CA ASP B 16 -40.21 31.58 23.73
C ASP B 16 -39.39 32.81 24.11
N TYR B 17 -39.56 33.29 25.34
CA TYR B 17 -38.68 34.32 25.89
C TYR B 17 -37.37 33.71 26.35
N GLY B 18 -36.32 34.52 26.34
CA GLY B 18 -34.99 34.09 26.74
C GLY B 18 -34.72 34.28 28.22
N ASP B 19 -33.85 33.43 28.75
CA ASP B 19 -33.47 33.46 30.15
C ASP B 19 -31.98 33.75 30.30
N ALA B 20 -31.29 33.90 29.19
CA ALA B 20 -29.84 34.11 29.18
C ALA B 20 -29.46 35.38 29.91
N PRO B 21 -28.29 35.37 30.56
CA PRO B 21 -27.73 36.63 31.06
C PRO B 21 -27.26 37.46 29.88
N PRO B 22 -26.98 38.77 30.08
CA PRO B 22 -26.49 39.55 28.95
C PRO B 22 -25.10 39.09 28.56
N LEU B 23 -24.81 39.17 27.25
CA LEU B 23 -23.54 38.76 26.69
C LEU B 23 -22.42 39.46 27.42
N SER B 24 -21.32 38.74 27.66
CA SER B 24 -20.22 39.30 28.42
C SER B 24 -19.57 40.47 27.69
N THR B 25 -19.20 41.49 28.44
CA THR B 25 -18.53 42.66 27.89
C THR B 25 -17.07 42.69 28.33
N LYS B 26 -16.57 41.58 28.86
CA LYS B 26 -15.21 41.56 29.43
C LYS B 26 -14.27 40.51 28.79
N THR B 27 -12.96 40.76 28.90
CA THR B 27 -11.95 39.83 28.38
C THR B 27 -11.11 39.24 29.52
N MET B 28 -10.55 38.07 29.26
CA MET B 28 -9.67 37.42 30.21
C MET B 28 -8.21 37.69 29.84
N PHE B 29 -7.99 38.42 28.75
CA PHE B 29 -6.61 38.65 28.31
C PHE B 29 -6.03 39.94 28.85
N TRP B 30 -4.79 39.82 29.34
CA TRP B 30 -4.01 40.95 29.85
C TRP B 30 -2.71 40.99 29.08
N ARG B 31 -2.19 42.19 28.84
CA ARG B 31 -0.84 42.35 28.27
C ARG B 31 0.24 41.89 29.27
N THR B 32 1.40 41.49 28.76
CA THR B 32 2.52 41.13 29.64
C THR B 32 3.50 42.28 29.91
N SER B 33 3.33 43.39 29.19
CA SER B 33 4.11 44.61 29.47
C SER B 33 3.39 45.86 29.00
N PRO B 34 3.68 47.02 29.63
CA PRO B 34 3.00 48.27 29.24
C PRO B 34 3.46 48.79 27.89
N GLU B 35 4.63 48.30 27.43
CA GLU B 35 5.16 48.58 26.10
C GLU B 35 4.07 48.53 25.02
N LYS B 36 4.05 49.54 24.15
CA LYS B 36 3.04 49.62 23.09
C LYS B 36 3.17 48.46 22.11
N LEU B 37 2.02 47.96 21.69
CA LEU B 37 1.91 46.77 20.83
C LEU B 37 2.48 47.01 19.42
N PRO B 38 3.11 45.97 18.81
CA PRO B 38 3.68 46.14 17.45
C PRO B 38 2.59 46.30 16.39
N PRO B 39 2.85 47.11 15.34
CA PRO B 39 1.84 47.31 14.27
C PRO B 39 1.33 45.99 13.69
N GLY B 40 0.00 45.89 13.52
CA GLY B 40 -0.66 44.70 12.99
C GLY B 40 -0.94 43.56 13.96
N ALA B 41 -0.67 43.78 15.26
CA ALA B 41 -0.73 42.72 16.26
C ALA B 41 -2.15 42.32 16.71
N TRP B 42 -2.38 41.02 16.84
CA TRP B 42 -3.65 40.48 17.31
C TRP B 42 -4.04 41.02 18.68
N GLU B 43 -5.35 41.23 18.87
CA GLU B 43 -5.90 41.71 20.14
C GLU B 43 -7.17 40.90 20.50
N PRO B 44 -7.63 40.99 21.76
CA PRO B 44 -8.85 40.29 22.12
C PRO B 44 -10.07 40.82 21.34
N ALA B 45 -10.96 39.89 20.96
CA ALA B 45 -12.16 40.22 20.20
C ALA B 45 -13.05 41.30 20.85
N TYR B 46 -13.77 42.03 19.99
CA TYR B 46 -14.66 43.15 20.36
C TYR B 46 -15.50 42.91 21.63
N LEU B 47 -15.62 43.94 22.47
CA LEU B 47 -16.27 43.82 23.78
C LEU B 47 -17.60 44.59 23.91
N GLY B 48 -18.03 45.24 22.83
CA GLY B 48 -19.34 45.88 22.82
C GLY B 48 -19.34 47.40 22.96
N SER B 49 -20.46 47.94 23.44
CA SER B 49 -20.61 49.38 23.69
C SER B 49 -19.52 49.96 24.56
N LYS B 50 -19.11 49.20 25.58
CA LYS B 50 -18.12 49.66 26.55
C LYS B 50 -16.68 49.55 26.06
N ASP B 51 -16.49 48.92 24.90
CA ASP B 51 -15.15 48.70 24.36
C ASP B 51 -14.56 50.02 23.92
N GLU B 52 -13.53 50.44 24.65
CA GLU B 52 -12.90 51.73 24.43
C GLU B 52 -12.04 51.80 23.17
N ARG B 53 -11.64 50.66 22.61
CA ARG B 53 -10.74 50.63 21.44
C ARG B 53 -11.38 51.12 20.15
N VAL B 54 -12.69 50.89 20.01
CA VAL B 54 -13.46 51.25 18.83
C VAL B 54 -14.93 51.35 19.22
N ASP B 55 -15.67 52.24 18.57
CA ASP B 55 -17.12 52.28 18.75
C ASP B 55 -17.75 51.51 17.60
N GLY B 56 -18.61 50.57 17.94
CA GLY B 56 -19.21 49.70 16.96
C GLY B 56 -20.58 49.25 17.41
N PRO B 57 -21.11 48.19 16.80
CA PRO B 57 -22.48 47.84 17.11
C PRO B 57 -22.54 47.11 18.46
N SER B 58 -23.74 46.94 19.01
CA SER B 58 -23.90 46.16 20.25
C SER B 58 -23.49 44.70 20.03
N LEU B 59 -23.32 43.97 21.13
CA LEU B 59 -23.02 42.55 21.03
C LEU B 59 -24.18 41.76 20.42
N GLN B 60 -25.43 42.17 20.71
CA GLN B 60 -26.61 41.51 20.13
C GLN B 60 -26.64 41.65 18.61
N GLN B 61 -26.12 42.77 18.12
CA GLN B 61 -26.03 43.03 16.69
C GLN B 61 -24.98 42.11 16.07
N VAL B 62 -23.87 41.94 16.78
CA VAL B 62 -22.78 41.06 16.36
C VAL B 62 -23.22 39.60 16.38
N MET B 63 -24.11 39.25 17.29
CA MET B 63 -24.58 37.88 17.33
C MET B 63 -25.67 37.57 16.31
N ARG B 64 -26.41 38.58 15.89
CA ARG B 64 -27.37 38.39 14.83
C ARG B 64 -26.66 38.05 13.52
N ASP B 65 -25.54 38.74 13.28
CA ASP B 65 -24.70 38.45 12.11
C ASP B 65 -24.20 37.00 12.11
N GLN B 66 -23.92 36.48 13.31
CA GLN B 66 -23.41 35.13 13.50
C GLN B 66 -24.46 34.06 13.30
N LEU B 67 -25.73 34.44 13.45
CA LEU B 67 -26.84 33.49 13.36
C LEU B 67 -27.39 33.36 11.94
N LYS B 68 -27.13 34.37 11.11
CA LYS B 68 -27.66 34.40 9.73
C LYS B 68 -27.45 33.11 8.92
N PRO B 69 -26.21 32.60 8.82
CA PRO B 69 -25.90 31.39 8.07
C PRO B 69 -26.73 30.15 8.45
N TYR B 70 -27.27 30.11 9.66
CA TYR B 70 -28.09 29.01 10.13
C TYR B 70 -29.46 28.94 9.44
N SER B 71 -29.91 30.07 8.92
CA SER B 71 -31.18 30.14 8.18
C SER B 71 -30.95 29.98 6.67
N GLU B 72 -29.68 29.96 6.28
CA GLU B 72 -29.28 29.79 4.88
C GLU B 72 -29.83 28.47 4.36
N PRO B 73 -30.28 28.44 3.08
CA PRO B 73 -30.79 27.15 2.56
C PRO B 73 -29.72 26.05 2.67
N ARG B 74 -30.15 24.84 2.98
CA ARG B 74 -29.25 23.72 3.12
C ARG B 74 -28.79 23.16 1.75
N GLY B 75 -27.51 22.76 1.66
CA GLY B 75 -26.95 22.11 0.47
C GLY B 75 -27.52 20.71 0.29
N LEU B 76 -27.05 19.99 -0.73
CA LEU B 76 -27.61 18.67 -1.03
C LEU B 76 -26.93 17.54 -0.29
N LEU B 77 -27.71 16.49 -0.04
CA LEU B 77 -27.21 15.26 0.53
C LEU B 77 -26.38 14.52 -0.50
N PRO B 78 -25.33 13.82 -0.06
CA PRO B 78 -24.62 12.91 -0.98
C PRO B 78 -25.57 11.88 -1.56
N PRO B 79 -25.30 11.40 -2.79
CA PRO B 79 -26.21 10.40 -3.34
C PRO B 79 -26.36 9.24 -2.37
N GLN B 80 -27.59 8.80 -2.15
CA GLN B 80 -27.89 7.83 -1.10
C GLN B 80 -26.99 6.59 -1.13
N GLU B 81 -26.82 5.97 -2.29
CA GLU B 81 -26.02 4.74 -2.38
C GLU B 81 -24.63 4.99 -1.83
N ILE B 82 -24.07 6.15 -2.15
CA ILE B 82 -22.74 6.51 -1.67
C ILE B 82 -22.76 6.74 -0.16
N LEU B 83 -23.73 7.54 0.31
CA LEU B 83 -23.92 7.81 1.72
C LEU B 83 -23.93 6.54 2.57
N ASP B 84 -24.73 5.56 2.15
CA ASP B 84 -24.85 4.27 2.83
C ASP B 84 -23.56 3.46 2.84
N ALA B 85 -22.89 3.38 1.70
CA ALA B 85 -21.67 2.59 1.62
C ALA B 85 -20.56 3.24 2.45
N VAL B 86 -20.58 4.57 2.52
CA VAL B 86 -19.59 5.33 3.27
C VAL B 86 -19.77 5.11 4.77
N CYS B 87 -20.99 5.30 5.26
CA CYS B 87 -21.30 5.12 6.67
C CYS B 87 -21.06 3.68 7.09
N ASP B 88 -21.48 2.73 6.26
CA ASP B 88 -21.27 1.32 6.55
C ASP B 88 -19.79 1.04 6.70
N ALA B 89 -18.98 1.63 5.83
CA ALA B 89 -17.54 1.42 5.86
C ALA B 89 -16.89 2.05 7.12
N ILE B 90 -17.22 3.30 7.41
CA ILE B 90 -16.69 3.96 8.61
C ILE B 90 -17.07 3.18 9.87
N GLU B 91 -18.35 2.88 10.03
CA GLU B 91 -18.82 2.03 11.13
C GLU B 91 -18.02 0.72 11.22
N ASN B 92 -17.86 0.03 10.09
CA ASN B 92 -17.13 -1.22 10.10
C ASN B 92 -15.67 -1.08 10.55
N ARG B 93 -15.02 0.01 10.15
CA ARG B 93 -13.66 0.28 10.57
C ARG B 93 -13.54 0.57 12.06
N LEU B 94 -14.47 1.36 12.59
CA LEU B 94 -14.49 1.62 14.03
C LEU B 94 -14.79 0.34 14.83
N GLU B 95 -15.75 -0.45 14.34
CA GLU B 95 -16.02 -1.78 14.89
C GLU B 95 -14.73 -2.58 15.00
N ASN B 96 -13.91 -2.54 13.96
CA ASN B 96 -12.68 -3.31 13.91
C ASN B 96 -11.58 -2.77 14.77
N THR B 97 -11.78 -1.62 15.36
CA THR B 97 -10.64 -0.90 15.86
C THR B 97 -10.79 -0.39 17.29
N LEU B 98 -12.01 -0.16 17.75
CA LEU B 98 -12.25 0.38 19.10
C LEU B 98 -12.41 -0.73 20.15
N GLU B 99 -11.73 -0.59 21.28
CA GLU B 99 -11.96 -1.50 22.42
C GLU B 99 -13.31 -1.22 23.05
N PRO B 100 -14.18 -2.25 23.13
CA PRO B 100 -15.45 -2.12 23.86
C PRO B 100 -15.20 -1.59 25.27
N GLN B 101 -16.09 -0.71 25.72
CA GLN B 101 -15.94 -0.01 26.99
C GLN B 101 -17.08 -0.37 27.92
N LYS B 102 -16.82 -0.18 29.22
CA LYS B 102 -17.89 -0.22 30.21
C LYS B 102 -18.64 1.10 30.19
N PRO B 103 -19.94 1.05 30.44
CA PRO B 103 -20.79 2.22 30.60
C PRO B 103 -20.21 3.24 31.59
N TRP B 104 -20.63 4.49 31.48
CA TRP B 104 -20.17 5.53 32.40
C TRP B 104 -21.20 5.73 33.48
N THR B 105 -20.77 5.62 34.74
CA THR B 105 -21.63 5.92 35.87
C THR B 105 -21.94 7.42 35.91
N PHE B 106 -22.99 7.77 36.65
CA PHE B 106 -23.32 9.16 36.91
C PHE B 106 -22.13 9.90 37.54
N LYS B 107 -21.43 9.20 38.44
CA LYS B 107 -20.25 9.71 39.10
C LYS B 107 -19.15 10.07 38.08
N LYS B 108 -18.82 9.12 37.19
CA LYS B 108 -17.83 9.36 36.14
C LYS B 108 -18.23 10.52 35.22
N ALA B 109 -19.49 10.52 34.79
CA ALA B 109 -20.02 11.61 33.96
C ALA B 109 -19.80 12.97 34.60
N CYS B 110 -20.34 13.16 35.80
CA CYS B 110 -20.23 14.44 36.50
C CYS B 110 -18.76 14.81 36.66
N GLU B 111 -17.99 13.85 37.16
CA GLU B 111 -16.57 13.98 37.30
C GLU B 111 -15.94 14.59 36.06
N SER B 112 -16.27 14.05 34.90
CA SER B 112 -15.62 14.44 33.64
C SER B 112 -15.92 15.86 33.12
N LEU B 113 -16.93 16.53 33.67
CA LEU B 113 -17.31 17.86 33.20
C LEU B 113 -16.31 18.93 33.62
N ASP B 114 -16.21 19.99 32.83
CA ASP B 114 -15.35 21.11 33.19
C ASP B 114 -15.96 22.03 34.25
N LYS B 115 -15.41 21.96 35.45
CA LYS B 115 -15.99 22.64 36.61
C LYS B 115 -15.78 24.16 36.61
N ASN B 116 -14.81 24.65 35.82
CA ASN B 116 -14.54 26.09 35.84
C ASN B 116 -15.28 26.91 34.81
N THR B 117 -16.40 26.39 34.31
CA THR B 117 -17.26 27.07 33.33
C THR B 117 -18.74 26.90 33.65
N SER B 118 -19.58 27.70 32.98
CA SER B 118 -21.03 27.80 33.27
C SER B 118 -21.84 26.50 33.19
N SER B 119 -22.81 26.39 34.10
CA SER B 119 -23.79 25.29 34.09
C SER B 119 -24.86 25.49 33.02
N GLY B 120 -24.91 26.68 32.44
CA GLY B 120 -25.93 27.01 31.45
C GLY B 120 -27.33 27.13 32.03
N TYR B 121 -28.33 27.02 31.16
CA TYR B 121 -29.73 27.04 31.59
C TYR B 121 -29.95 26.00 32.70
N PRO B 122 -30.74 26.34 33.76
CA PRO B 122 -31.37 27.64 34.01
C PRO B 122 -30.63 28.50 35.07
N TYR B 123 -29.66 27.90 35.78
CA TYR B 123 -28.98 28.61 36.89
C TYR B 123 -27.79 29.46 36.48
N HIS B 124 -27.19 29.15 35.34
CA HIS B 124 -26.03 29.88 34.81
C HIS B 124 -24.99 30.13 35.89
N LYS B 125 -24.62 29.08 36.62
CA LYS B 125 -23.56 29.15 37.63
C LYS B 125 -22.29 28.52 37.10
N GLN B 126 -21.15 29.02 37.54
CA GLN B 126 -19.92 28.26 37.39
C GLN B 126 -20.17 26.93 38.09
N LYS B 127 -19.77 25.83 37.46
CA LYS B 127 -20.08 24.50 38.01
C LYS B 127 -19.45 24.24 39.39
N SER B 128 -18.22 24.71 39.61
CA SER B 128 -17.52 24.53 40.88
C SER B 128 -18.34 25.03 42.09
N LYS B 129 -19.10 26.10 41.89
CA LYS B 129 -19.96 26.68 42.95
C LYS B 129 -20.90 25.68 43.66
N ASP B 130 -21.31 24.62 42.97
CA ASP B 130 -22.17 23.57 43.53
C ASP B 130 -21.51 22.18 43.59
N TRP B 131 -20.17 22.15 43.59
CA TRP B 131 -19.39 20.90 43.48
C TRP B 131 -18.58 20.56 44.73
N THR B 132 -18.82 19.36 45.28
CA THR B 132 -18.18 18.94 46.53
C THR B 132 -16.81 18.32 46.34
N GLY B 133 -16.47 17.99 45.10
CA GLY B 133 -15.30 17.15 44.82
C GLY B 133 -15.72 15.78 44.29
N SER B 134 -16.92 15.32 44.65
CA SER B 134 -17.45 14.04 44.16
C SER B 134 -18.82 14.14 43.49
N ALA B 135 -19.61 15.13 43.88
CA ALA B 135 -20.99 15.20 43.43
C ALA B 135 -21.48 16.63 43.38
N PHE B 136 -22.41 16.89 42.48
CA PHE B 136 -23.09 18.16 42.51
C PHE B 136 -24.09 18.13 43.65
N ILE B 137 -24.19 19.23 44.38
CA ILE B 137 -25.26 19.39 45.36
C ILE B 137 -26.00 20.71 45.08
N GLY B 138 -27.05 20.99 45.86
CA GLY B 138 -27.81 22.22 45.69
C GLY B 138 -28.47 22.29 44.32
N ASP B 139 -28.54 23.49 43.76
CA ASP B 139 -29.22 23.73 42.49
C ASP B 139 -28.81 22.72 41.43
N LEU B 140 -27.50 22.53 41.27
CA LEU B 140 -26.97 21.67 40.23
C LEU B 140 -27.07 20.19 40.60
N GLY B 141 -27.13 19.91 41.89
CA GLY B 141 -27.42 18.56 42.37
C GLY B 141 -28.81 18.13 41.92
N ASP B 142 -29.80 19.02 42.06
CA ASP B 142 -31.14 18.70 41.57
C ASP B 142 -31.17 18.57 40.05
N GLN B 143 -30.50 19.48 39.36
CA GLN B 143 -30.45 19.45 37.91
C GLN B 143 -29.82 18.16 37.38
N ALA B 144 -28.70 17.77 37.98
CA ALA B 144 -27.98 16.57 37.59
C ALA B 144 -28.75 15.29 37.89
N THR B 145 -29.41 15.26 39.05
CA THR B 145 -30.15 14.07 39.45
C THR B 145 -31.35 13.87 38.54
N HIS B 146 -32.08 14.95 38.24
CA HIS B 146 -33.20 14.83 37.30
C HIS B 146 -32.71 14.28 35.96
N ALA B 147 -31.70 14.92 35.40
CA ALA B 147 -31.07 14.51 34.15
C ALA B 147 -30.69 13.03 34.12
N ASN B 148 -30.08 12.56 35.20
CA ASN B 148 -29.60 11.19 35.29
C ASN B 148 -30.74 10.18 35.35
N ASN B 149 -31.79 10.51 36.09
CA ASN B 149 -33.01 9.71 36.11
C ASN B 149 -33.60 9.61 34.72
N MET B 150 -33.64 10.74 34.01
CA MET B 150 -34.15 10.77 32.63
C MET B 150 -33.37 9.81 31.74
N TYR B 151 -32.05 9.81 31.91
CA TYR B 151 -31.14 9.01 31.10
C TYR B 151 -31.31 7.50 31.34
N GLU B 152 -31.44 7.11 32.62
CA GLU B 152 -31.62 5.72 33.01
C GLU B 152 -33.00 5.18 32.59
N MET B 153 -33.99 6.06 32.56
CA MET B 153 -35.37 5.73 32.21
C MET B 153 -35.60 5.80 30.71
N GLY B 154 -34.55 6.12 29.95
CA GLY B 154 -34.67 6.30 28.50
C GLY B 154 -35.69 7.35 28.09
N LYS B 155 -35.86 8.38 28.93
CA LYS B 155 -36.85 9.41 28.68
C LYS B 155 -36.24 10.68 28.11
N SER B 156 -36.99 11.31 27.21
CA SER B 156 -36.54 12.47 26.44
C SER B 156 -36.59 13.79 27.22
N MET B 157 -35.57 14.64 27.03
CA MET B 157 -35.55 16.02 27.56
C MET B 157 -35.06 16.96 26.48
N ARG B 158 -35.74 18.08 26.32
CA ARG B 158 -35.34 19.04 25.30
C ARG B 158 -34.20 19.92 25.80
N PRO B 159 -33.05 19.88 25.09
CA PRO B 159 -31.92 20.70 25.50
C PRO B 159 -32.18 22.17 25.25
N ILE B 160 -31.70 23.01 26.16
CA ILE B 160 -31.69 24.45 25.97
C ILE B 160 -30.25 24.95 25.91
N TYR B 161 -29.88 25.48 24.75
CA TYR B 161 -28.55 26.01 24.52
C TYR B 161 -28.51 27.51 24.79
N THR B 162 -27.37 27.98 25.27
CA THR B 162 -27.20 29.38 25.60
C THR B 162 -26.18 29.93 24.65
N ALA B 163 -26.58 30.95 23.89
CA ALA B 163 -25.68 31.53 22.92
C ALA B 163 -24.66 32.40 23.63
N ALA B 164 -23.46 32.51 23.07
CA ALA B 164 -22.38 33.34 23.60
C ALA B 164 -21.36 33.66 22.52
N LEU B 165 -20.42 34.54 22.84
CA LEU B 165 -19.41 34.99 21.87
C LEU B 165 -17.99 34.79 22.40
N LYS B 166 -17.19 34.04 21.64
CA LYS B 166 -15.85 33.65 22.04
C LYS B 166 -14.95 34.85 22.34
N ASP B 167 -14.45 34.91 23.56
CA ASP B 167 -13.39 35.84 23.92
C ASP B 167 -12.05 35.17 23.59
N GLU B 168 -11.36 35.71 22.58
CA GLU B 168 -10.14 35.11 22.05
C GLU B 168 -9.37 36.17 21.29
N LEU B 169 -8.07 35.95 21.10
CA LEU B 169 -7.26 36.86 20.26
C LEU B 169 -7.65 36.74 18.80
N VAL B 170 -7.80 37.87 18.13
CA VAL B 170 -8.21 37.90 16.72
C VAL B 170 -7.35 38.89 15.91
N LYS B 171 -7.36 38.73 14.59
CA LYS B 171 -6.72 39.67 13.67
C LYS B 171 -7.30 41.08 13.90
N PRO B 172 -6.46 42.11 13.85
CA PRO B 172 -6.93 43.48 14.14
C PRO B 172 -8.13 43.91 13.30
N ASP B 173 -8.20 43.43 12.06
CA ASP B 173 -9.29 43.78 11.18
C ASP B 173 -10.66 43.37 11.73
N LYS B 174 -10.69 42.29 12.51
CA LYS B 174 -11.94 41.83 13.14
C LYS B 174 -12.36 42.68 14.35
N ILE B 175 -11.54 43.70 14.63
CA ILE B 175 -11.80 44.70 15.66
C ILE B 175 -11.95 46.08 15.04
N TYR B 176 -11.01 46.47 14.17
CA TYR B 176 -10.98 47.85 13.66
C TYR B 176 -11.59 48.04 12.28
N GLY B 177 -11.94 46.93 11.62
CA GLY B 177 -12.68 46.96 10.35
C GLY B 177 -14.07 46.40 10.56
N LYS B 178 -14.46 45.44 9.73
CA LYS B 178 -15.71 44.70 9.93
C LYS B 178 -15.60 43.79 11.16
N ILE B 179 -16.27 44.20 12.23
CA ILE B 179 -16.23 43.55 13.53
C ILE B 179 -16.86 42.15 13.52
N LYS B 180 -16.11 41.17 14.03
CA LYS B 180 -16.58 39.78 14.10
C LYS B 180 -16.24 39.10 15.42
N LYS B 181 -17.12 38.19 15.83
CA LYS B 181 -16.93 37.42 17.07
C LYS B 181 -17.59 36.06 16.92
N ARG B 182 -16.85 34.99 17.22
CA ARG B 182 -17.32 33.65 16.87
C ARG B 182 -18.37 33.14 17.85
N LEU B 183 -19.47 32.61 17.30
CA LEU B 183 -20.58 32.12 18.08
C LEU B 183 -20.25 30.84 18.85
N LEU B 184 -20.73 30.75 20.09
CA LEU B 184 -20.55 29.60 20.95
C LEU B 184 -21.89 29.10 21.44
N TRP B 185 -22.03 27.77 21.53
CA TRP B 185 -23.23 27.20 22.10
C TRP B 185 -22.96 26.69 23.51
N GLY B 186 -23.60 27.30 24.48
CA GLY B 186 -23.49 26.85 25.86
C GLY B 186 -24.57 25.82 26.07
N SER B 187 -24.15 24.58 26.21
CA SER B 187 -25.08 23.51 26.53
C SER B 187 -25.58 23.76 27.97
N ASP B 188 -26.64 23.07 28.37
CA ASP B 188 -27.09 23.10 29.75
C ASP B 188 -26.54 21.89 30.50
N LEU B 189 -26.39 22.03 31.82
CA LEU B 189 -25.76 21.00 32.65
C LEU B 189 -26.44 19.63 32.55
N GLY B 190 -27.76 19.63 32.55
CA GLY B 190 -28.52 18.40 32.38
C GLY B 190 -28.13 17.65 31.10
N THR B 191 -28.11 18.39 29.98
CA THR B 191 -27.76 17.82 28.67
C THR B 191 -26.33 17.31 28.66
N MET B 192 -25.43 18.01 29.35
CA MET B 192 -24.03 17.62 29.41
C MET B 192 -23.84 16.30 30.12
N ILE B 193 -24.63 16.05 31.16
CA ILE B 193 -24.55 14.82 31.94
C ILE B 193 -25.16 13.64 31.19
N ARG B 194 -26.21 13.93 30.44
CA ARG B 194 -26.82 12.95 29.58
C ARG B 194 -25.93 12.53 28.39
N ALA B 195 -25.15 13.48 27.88
CA ALA B 195 -24.21 13.20 26.79
C ALA B 195 -22.93 12.56 27.29
N ALA B 196 -22.42 13.00 28.45
CA ALA B 196 -21.24 12.37 29.04
C ALA B 196 -21.51 10.91 29.32
N ARG B 197 -22.66 10.61 29.93
CA ARG B 197 -22.99 9.22 30.23
C ARG B 197 -23.18 8.38 28.98
N ALA B 198 -23.97 8.87 28.03
CA ALA B 198 -24.23 8.14 26.80
C ALA B 198 -23.00 7.88 25.94
N PHE B 199 -22.13 8.87 25.81
CA PHE B 199 -21.11 8.80 24.77
C PHE B 199 -19.69 8.85 25.25
N GLY B 200 -19.47 9.21 26.51
CA GLY B 200 -18.13 9.16 27.10
C GLY B 200 -17.35 7.88 26.76
N PRO B 201 -18.02 6.71 26.87
CA PRO B 201 -17.34 5.45 26.50
C PRO B 201 -16.89 5.44 25.04
N PHE B 202 -17.74 5.86 24.11
CA PHE B 202 -17.33 5.95 22.71
C PHE B 202 -16.17 6.93 22.56
N CYS B 203 -16.34 8.11 23.13
CA CYS B 203 -15.42 9.22 22.88
C CYS B 203 -13.99 8.90 23.28
N ASP B 204 -13.81 8.28 24.42
CA ASP B 204 -12.44 7.99 24.81
C ASP B 204 -11.92 6.64 24.30
N ALA B 205 -12.80 5.82 23.73
CA ALA B 205 -12.34 4.67 22.94
C ALA B 205 -11.74 5.19 21.64
N LEU B 206 -12.35 6.25 21.13
CA LEU B 206 -11.89 6.95 19.96
C LEU B 206 -10.59 7.68 20.28
N LYS B 207 -10.51 8.26 21.46
CA LYS B 207 -9.29 8.88 21.93
C LYS B 207 -8.12 7.88 21.95
N GLU B 208 -8.39 6.66 22.43
CA GLU B 208 -7.36 5.61 22.58
C GLU B 208 -6.81 5.08 21.26
N THR B 209 -7.46 5.43 20.15
CA THR B 209 -7.04 4.99 18.82
C THR B 209 -6.83 6.18 17.88
N CYS B 210 -6.29 7.28 18.41
CA CYS B 210 -6.17 8.53 17.65
C CYS B 210 -5.08 8.50 16.55
N ILE B 211 -4.29 7.43 16.48
CA ILE B 211 -3.25 7.30 15.45
C ILE B 211 -3.75 6.38 14.34
N PHE B 212 -4.41 5.30 14.74
CA PHE B 212 -4.89 4.31 13.81
C PHE B 212 -6.19 4.74 13.13
N ASN B 213 -6.91 5.66 13.77
CA ASN B 213 -8.10 6.23 13.16
C ASN B 213 -7.91 7.69 12.80
N PRO B 214 -8.65 8.17 11.77
CA PRO B 214 -8.49 9.54 11.26
C PRO B 214 -9.02 10.67 12.16
N ILE B 215 -9.85 10.37 13.15
CA ILE B 215 -10.30 11.40 14.08
C ILE B 215 -9.18 11.62 15.10
N ARG B 216 -8.59 12.80 15.10
CA ARG B 216 -7.34 13.05 15.80
C ARG B 216 -7.51 13.64 17.20
N VAL B 217 -8.76 13.75 17.65
CA VAL B 217 -9.07 14.29 18.98
C VAL B 217 -8.34 13.49 20.05
N GLY B 218 -7.55 14.20 20.86
CA GLY B 218 -6.84 13.59 21.99
C GLY B 218 -5.39 13.25 21.69
N MET B 219 -4.93 13.55 20.47
CA MET B 219 -3.54 13.34 20.13
C MET B 219 -2.67 14.40 20.77
N SER B 220 -1.39 14.10 20.94
CA SER B 220 -0.37 15.08 21.27
C SER B 220 0.44 15.40 20.02
N MET B 221 0.58 16.69 19.73
CA MET B 221 1.34 17.16 18.56
C MET B 221 2.77 16.66 18.54
N ASN B 222 3.42 16.68 19.70
CA ASN B 222 4.83 16.34 19.83
C ASN B 222 5.13 14.85 19.94
N GLU B 223 4.25 14.14 20.65
CA GLU B 223 4.41 12.70 20.88
C GLU B 223 3.76 11.84 19.80
N ASP B 224 2.57 12.23 19.36
CA ASP B 224 1.85 11.48 18.32
C ASP B 224 2.07 12.05 16.91
N GLY B 225 2.35 13.35 16.82
CA GLY B 225 2.51 14.05 15.55
C GLY B 225 3.45 13.40 14.55
N PRO B 226 4.69 13.07 15.00
CA PRO B 226 5.66 12.40 14.13
C PRO B 226 5.16 11.10 13.54
N PHE B 227 4.47 10.29 14.33
CA PHE B 227 3.99 9.01 13.85
C PHE B 227 2.83 9.23 12.87
N ILE B 228 1.93 10.14 13.21
CA ILE B 228 0.79 10.49 12.35
C ILE B 228 1.26 11.03 10.98
N PHE B 229 2.24 11.94 10.98
CA PHE B 229 2.69 12.53 9.74
C PHE B 229 3.46 11.53 8.90
N ALA B 230 4.22 10.65 9.55
CA ALA B 230 4.92 9.56 8.87
C ALA B 230 3.95 8.67 8.10
N ARG B 231 2.79 8.38 8.68
CA ARG B 231 1.76 7.62 7.99
C ARG B 231 1.22 8.37 6.77
N HIS B 232 0.83 9.63 6.96
CA HIS B 232 0.35 10.45 5.85
C HIS B 232 1.36 10.38 4.71
N ALA B 233 2.64 10.55 5.08
CA ALA B 233 3.73 10.60 4.12
C ALA B 233 3.94 9.30 3.32
N ASN B 234 3.21 8.24 3.63
CA ASN B 234 3.30 7.00 2.87
C ASN B 234 2.50 7.08 1.58
N PHE B 235 1.90 8.22 1.30
CA PHE B 235 1.00 8.36 0.17
C PHE B 235 1.45 9.48 -0.75
N ARG B 236 1.20 9.32 -2.05
CA ARG B 236 1.71 10.22 -3.08
C ARG B 236 1.21 11.67 -2.95
N TYR B 237 -0.10 11.85 -2.82
CA TYR B 237 -0.73 13.16 -2.96
C TYR B 237 -1.29 13.70 -1.65
N HIS B 238 -1.13 15.01 -1.42
CA HIS B 238 -1.50 15.63 -0.14
C HIS B 238 -2.29 16.92 -0.32
N MET B 239 -3.39 17.06 0.40
CA MET B 239 -4.14 18.32 0.40
C MET B 239 -4.77 18.67 1.76
N ASP B 240 -5.04 19.96 1.93
CA ASP B 240 -5.36 20.46 3.27
C ASP B 240 -6.53 21.42 3.36
N ALA B 241 -7.57 21.18 2.59
CA ALA B 241 -8.82 21.94 2.69
C ALA B 241 -9.01 22.57 4.08
N ASP B 242 -9.39 23.85 4.08
CA ASP B 242 -9.87 24.56 5.26
C ASP B 242 -11.27 24.98 4.89
N TYR B 243 -12.19 25.02 5.85
CA TYR B 243 -13.56 25.37 5.54
C TYR B 243 -13.95 26.68 6.18
N THR B 244 -14.77 27.44 5.46
CA THR B 244 -15.43 28.64 5.98
C THR B 244 -16.78 28.22 6.52
N ARG B 245 -17.06 28.58 7.77
CA ARG B 245 -18.37 28.33 8.39
C ARG B 245 -18.78 26.85 8.40
N TRP B 246 -17.82 25.99 8.70
CA TRP B 246 -18.10 24.57 8.83
C TRP B 246 -19.36 24.32 9.67
N ASP B 247 -19.38 24.87 10.88
CA ASP B 247 -20.44 24.60 11.85
C ASP B 247 -21.83 24.94 11.33
N SER B 248 -21.97 26.11 10.72
CA SER B 248 -23.30 26.60 10.34
C SER B 248 -23.77 26.03 9.00
N THR B 249 -22.86 25.44 8.24
CA THR B 249 -23.22 24.77 6.99
C THR B 249 -23.55 23.28 7.13
N GLN B 250 -23.36 22.70 8.31
CA GLN B 250 -23.68 21.29 8.51
C GLN B 250 -25.14 20.97 8.21
N GLN B 251 -25.39 19.76 7.72
CA GLN B 251 -26.75 19.27 7.49
C GLN B 251 -27.09 18.31 8.61
N ARG B 252 -28.21 18.53 9.29
CA ARG B 252 -28.62 17.62 10.37
C ARG B 252 -28.71 16.18 9.87
N ALA B 253 -29.15 15.98 8.63
CA ALA B 253 -29.16 14.67 8.02
C ALA B 253 -27.78 13.98 8.16
N ILE B 254 -26.71 14.69 7.81
CA ILE B 254 -25.36 14.13 7.94
C ILE B 254 -25.02 13.87 9.40
N LEU B 255 -25.31 14.85 10.24
CA LEU B 255 -25.13 14.73 11.68
C LEU B 255 -25.83 13.48 12.23
N LYS B 256 -27.04 13.22 11.76
CA LYS B 256 -27.78 12.02 12.12
C LYS B 256 -26.98 10.78 11.82
N ARG B 257 -26.42 10.73 10.62
CA ARG B 257 -25.72 9.51 10.19
C ARG B 257 -24.51 9.29 11.07
N ALA B 258 -23.81 10.37 11.40
CA ALA B 258 -22.69 10.31 12.32
C ALA B 258 -23.20 9.82 13.66
N GLY B 259 -24.26 10.47 14.15
CA GLY B 259 -24.94 10.07 15.38
C GLY B 259 -25.30 8.60 15.43
N ASP B 260 -25.87 8.07 14.34
CA ASP B 260 -26.22 6.64 14.27
C ASP B 260 -25.02 5.75 14.59
N ILE B 261 -23.86 6.08 14.02
CA ILE B 261 -22.65 5.28 14.23
C ILE B 261 -22.24 5.30 15.70
N MET B 262 -22.18 6.51 16.28
CA MET B 262 -21.81 6.70 17.69
C MET B 262 -22.71 5.88 18.60
N VAL B 263 -24.02 5.95 18.34
CA VAL B 263 -25.01 5.23 19.10
C VAL B 263 -24.76 3.72 19.03
N ARG B 264 -24.63 3.18 17.83
CA ARG B 264 -24.49 1.73 17.67
C ARG B 264 -23.22 1.23 18.33
N LEU B 265 -22.17 2.05 18.33
CA LEU B 265 -20.89 1.70 18.93
C LEU B 265 -20.77 2.15 20.41
N SER B 266 -21.90 2.44 21.04
CA SER B 266 -21.90 2.75 22.46
C SER B 266 -22.33 1.52 23.26
N PRO B 267 -21.92 1.43 24.54
CA PRO B 267 -22.29 0.26 25.35
C PRO B 267 -23.76 0.17 25.79
N GLU B 268 -24.47 1.30 25.78
CA GLU B 268 -25.89 1.35 26.13
C GLU B 268 -26.63 1.97 24.94
N PRO B 269 -26.79 1.20 23.85
CA PRO B 269 -27.30 1.77 22.61
C PRO B 269 -28.70 2.33 22.75
N ASP B 270 -29.57 1.66 23.50
CA ASP B 270 -30.96 2.10 23.67
C ASP B 270 -31.06 3.44 24.36
N LEU B 271 -30.26 3.64 25.42
CA LEU B 271 -30.29 4.89 26.20
C LEU B 271 -29.61 6.06 25.47
N ALA B 272 -28.54 5.75 24.73
CA ALA B 272 -27.75 6.74 23.99
C ALA B 272 -28.52 7.24 22.79
N ARG B 273 -29.35 6.36 22.24
CA ARG B 273 -30.24 6.68 21.14
C ARG B 273 -31.21 7.80 21.52
N VAL B 274 -31.77 7.69 22.73
CA VAL B 274 -32.62 8.74 23.27
C VAL B 274 -31.89 10.07 23.41
N VAL B 275 -30.65 10.01 23.88
CA VAL B 275 -29.83 11.22 24.03
C VAL B 275 -29.49 11.80 22.66
N MET B 276 -29.09 10.94 21.73
CA MET B 276 -28.66 11.42 20.42
C MET B 276 -29.83 12.04 19.68
N ASP B 277 -31.02 11.44 19.82
CA ASP B 277 -32.20 12.01 19.16
C ASP B 277 -32.56 13.38 19.72
N ASP B 278 -32.23 13.62 21.00
CA ASP B 278 -32.44 14.93 21.63
C ASP B 278 -31.39 15.95 21.20
N LEU B 279 -30.12 15.59 21.27
CA LEU B 279 -29.03 16.46 20.82
C LEU B 279 -29.24 16.98 19.40
N LEU B 280 -29.99 16.24 18.59
CA LEU B 280 -30.14 16.54 17.17
C LEU B 280 -31.54 16.99 16.72
N ALA B 281 -32.54 16.83 17.58
CA ALA B 281 -33.87 17.38 17.31
C ALA B 281 -33.72 18.89 17.08
N PRO B 282 -34.69 19.55 16.40
CA PRO B 282 -34.56 21.01 16.24
C PRO B 282 -34.17 21.71 17.55
N SER B 283 -33.17 22.59 17.49
CA SER B 283 -32.46 23.03 18.69
C SER B 283 -32.91 24.37 19.27
N LEU B 284 -33.01 24.43 20.59
CA LEU B 284 -33.48 25.62 21.28
C LEU B 284 -32.31 26.45 21.77
N LEU B 285 -32.18 27.65 21.22
CA LEU B 285 -31.04 28.50 21.53
C LEU B 285 -31.47 29.82 22.15
N ASP B 286 -31.01 30.06 23.37
CA ASP B 286 -31.34 31.26 24.13
C ASP B 286 -30.43 32.43 23.75
N VAL B 287 -30.95 33.36 22.95
CA VAL B 287 -30.13 34.48 22.45
C VAL B 287 -30.34 35.75 23.25
N GLY B 288 -30.93 35.63 24.43
CA GLY B 288 -31.14 36.79 25.30
C GLY B 288 -32.59 37.21 25.41
N ASP B 289 -33.07 37.93 24.38
CA ASP B 289 -34.46 38.34 24.32
C ASP B 289 -35.35 37.11 24.15
N TYR B 290 -34.85 36.13 23.40
CA TYR B 290 -35.64 34.97 23.01
C TYR B 290 -34.87 33.65 23.04
N LYS B 291 -35.63 32.57 23.07
CA LYS B 291 -35.10 31.26 22.69
C LYS B 291 -35.59 30.98 21.26
N ILE B 292 -34.66 30.73 20.35
CA ILE B 292 -35.00 30.50 18.94
C ILE B 292 -34.84 29.04 18.59
N VAL B 293 -35.49 28.61 17.51
CA VAL B 293 -35.34 27.24 17.02
C VAL B 293 -34.35 27.23 15.86
N VAL B 294 -33.25 26.50 16.06
CA VAL B 294 -32.22 26.32 15.06
C VAL B 294 -32.28 24.86 14.61
N GLU B 295 -32.84 24.62 13.43
CA GLU B 295 -33.14 23.25 13.06
C GLU B 295 -32.13 22.62 12.12
N GLU B 296 -31.21 23.44 11.62
CA GLU B 296 -30.09 22.98 10.80
C GLU B 296 -28.78 23.43 11.43
N GLY B 297 -27.66 22.98 10.86
CA GLY B 297 -26.34 23.33 11.39
C GLY B 297 -25.95 22.48 12.58
N LEU B 298 -24.72 22.66 13.06
CA LEU B 298 -24.23 21.88 14.20
C LEU B 298 -24.44 22.59 15.53
N PRO B 299 -25.23 21.97 16.44
CA PRO B 299 -25.37 22.41 17.82
C PRO B 299 -24.13 22.00 18.63
N SER B 300 -23.18 22.92 18.73
CA SER B 300 -21.83 22.64 19.25
C SER B 300 -21.62 22.81 20.76
N GLY B 301 -22.65 22.53 21.57
CA GLY B 301 -22.47 22.71 23.00
C GLY B 301 -21.78 21.53 23.70
N CYS B 302 -22.22 20.35 23.33
CA CYS B 302 -22.11 19.12 24.11
C CYS B 302 -20.66 18.61 24.33
N PRO B 303 -20.43 17.78 25.36
CA PRO B 303 -19.09 17.22 25.65
C PRO B 303 -18.39 16.52 24.47
N CYS B 304 -19.18 15.75 23.72
CA CYS B 304 -18.70 14.87 22.65
C CYS B 304 -18.62 15.57 21.30
N THR B 305 -19.17 16.78 21.23
CA THR B 305 -19.32 17.53 19.99
C THR B 305 -18.15 17.37 18.99
N THR B 306 -16.93 17.64 19.42
CA THR B 306 -15.78 17.62 18.51
C THR B 306 -15.65 16.28 17.73
N GLN B 307 -15.93 15.17 18.40
CA GLN B 307 -15.86 13.87 17.75
C GLN B 307 -17.01 13.69 16.77
N LEU B 308 -18.24 13.98 17.21
CA LEU B 308 -19.40 13.90 16.31
C LEU B 308 -19.18 14.75 15.07
N ASN B 309 -18.63 15.93 15.27
CA ASN B 309 -18.33 16.83 14.17
C ASN B 309 -17.22 16.29 13.27
N SER B 310 -16.21 15.69 13.90
CA SER B 310 -15.10 15.08 13.18
C SER B 310 -15.60 13.88 12.39
N LEU B 311 -16.52 13.16 13.01
CA LEU B 311 -17.17 12.02 12.39
C LEU B 311 -17.97 12.43 11.15
N ALA B 312 -18.62 13.58 11.21
CA ALA B 312 -19.43 14.05 10.07
C ALA B 312 -18.53 14.47 8.93
N HIS B 313 -17.38 15.03 9.29
CA HIS B 313 -16.37 15.46 8.34
C HIS B 313 -15.80 14.26 7.58
N TRP B 314 -15.56 13.17 8.31
CA TRP B 314 -15.11 11.89 7.77
C TRP B 314 -16.11 11.38 6.71
N ILE B 315 -17.40 11.52 7.00
CA ILE B 315 -18.45 11.07 6.08
C ILE B 315 -18.47 11.94 4.83
N LEU B 316 -18.41 13.25 5.02
CA LEU B 316 -18.45 14.20 3.93
C LEU B 316 -17.26 14.03 2.97
N THR B 317 -16.05 13.91 3.52
CA THR B 317 -14.84 13.76 2.72
C THR B 317 -14.84 12.43 1.96
N LEU B 318 -15.18 11.37 2.66
CA LEU B 318 -15.27 10.08 2.03
C LEU B 318 -16.29 10.11 0.88
N CYS B 319 -17.47 10.68 1.12
CA CYS B 319 -18.52 10.75 0.11
C CYS B 319 -18.07 11.38 -1.19
N ALA B 320 -17.43 12.55 -1.09
CA ALA B 320 -16.94 13.29 -2.24
C ALA B 320 -15.84 12.51 -2.94
N MET B 321 -14.91 11.97 -2.16
CA MET B 321 -13.84 11.12 -2.69
C MET B 321 -14.37 9.90 -3.43
N VAL B 322 -15.42 9.27 -2.91
CA VAL B 322 -16.05 8.14 -3.57
C VAL B 322 -16.80 8.64 -4.80
N GLU B 323 -17.50 9.76 -4.63
CA GLU B 323 -18.31 10.29 -5.72
C GLU B 323 -17.46 10.61 -6.96
N VAL B 324 -16.25 11.12 -6.73
CA VAL B 324 -15.41 11.68 -7.78
C VAL B 324 -14.55 10.60 -8.40
N THR B 325 -14.10 9.70 -7.56
CA THR B 325 -13.07 8.76 -7.87
C THR B 325 -13.71 7.41 -8.30
N ARG B 326 -14.95 7.21 -7.84
CA ARG B 326 -15.75 5.99 -8.01
C ARG B 326 -15.19 4.72 -7.33
N VAL B 327 -14.21 4.84 -6.44
CA VAL B 327 -13.74 3.66 -5.70
C VAL B 327 -14.49 3.47 -4.37
N ASP B 328 -14.67 2.20 -3.98
CA ASP B 328 -15.24 1.80 -2.69
C ASP B 328 -14.61 2.59 -1.55
N PRO B 329 -15.45 3.09 -0.62
CA PRO B 329 -14.97 3.75 0.60
C PRO B 329 -13.93 2.91 1.38
N ASP B 330 -14.15 1.59 1.48
CA ASP B 330 -13.17 0.67 2.06
C ASP B 330 -11.81 0.80 1.40
N ILE B 331 -11.82 0.74 0.07
CA ILE B 331 -10.60 0.84 -0.72
C ILE B 331 -10.00 2.25 -0.71
N VAL B 332 -10.84 3.29 -0.61
CA VAL B 332 -10.30 4.66 -0.51
C VAL B 332 -9.43 4.71 0.73
N MET B 333 -9.91 4.10 1.81
CA MET B 333 -9.17 4.07 3.07
C MET B 333 -7.96 3.16 3.03
N GLN B 334 -7.94 2.22 2.10
CA GLN B 334 -6.76 1.42 1.79
C GLN B 334 -5.71 2.24 1.07
N GLU B 335 -6.14 3.26 0.34
CA GLU B 335 -5.22 4.05 -0.48
C GLU B 335 -4.98 5.47 0.05
N SER B 336 -5.37 5.70 1.30
CA SER B 336 -5.41 7.04 1.88
C SER B 336 -5.15 7.06 3.38
N GLU B 337 -4.63 8.19 3.84
CA GLU B 337 -4.62 8.53 5.27
C GLU B 337 -5.42 9.82 5.42
N PHE B 338 -6.28 9.86 6.44
CA PHE B 338 -7.06 11.05 6.74
C PHE B 338 -6.70 11.59 8.11
N SER B 339 -6.83 12.90 8.27
CA SER B 339 -6.77 13.52 9.59
C SER B 339 -7.86 14.55 9.74
N PHE B 340 -8.71 14.34 10.73
CA PHE B 340 -9.79 15.23 11.03
C PHE B 340 -9.73 15.72 12.48
N TYR B 341 -10.13 16.97 12.68
CA TYR B 341 -10.32 17.56 14.00
C TYR B 341 -11.35 18.65 13.76
N GLY B 342 -12.62 18.33 13.97
CA GLY B 342 -13.72 19.21 13.59
C GLY B 342 -13.64 19.62 12.12
N ASP B 343 -13.37 20.90 11.88
CA ASP B 343 -13.31 21.43 10.52
C ASP B 343 -11.93 21.34 9.87
N ASP B 344 -10.92 20.93 10.63
CA ASP B 344 -9.56 20.79 10.10
C ASP B 344 -9.34 19.45 9.42
N GLU B 345 -8.82 19.48 8.20
CA GLU B 345 -8.51 18.23 7.49
C GLU B 345 -7.14 18.18 6.83
N VAL B 346 -6.64 16.95 6.71
CA VAL B 346 -5.56 16.60 5.79
C VAL B 346 -6.00 15.31 5.12
N VAL B 347 -5.87 15.25 3.80
CA VAL B 347 -6.11 14.03 3.06
C VAL B 347 -4.85 13.68 2.26
N SER B 348 -4.34 12.49 2.50
CA SER B 348 -3.24 11.96 1.70
C SER B 348 -3.74 10.75 0.95
N THR B 349 -3.37 10.60 -0.32
CA THR B 349 -3.89 9.46 -1.07
C THR B 349 -3.03 9.00 -2.25
N ASN B 350 -3.23 7.75 -2.69
CA ASN B 350 -2.58 7.28 -3.91
C ASN B 350 -3.52 7.36 -5.09
N LEU B 351 -4.80 7.55 -4.81
CA LEU B 351 -5.81 7.67 -5.83
C LEU B 351 -5.60 8.96 -6.61
N GLU B 352 -5.80 8.88 -7.92
CA GLU B 352 -5.66 10.02 -8.78
C GLU B 352 -6.97 10.81 -8.66
N LEU B 353 -6.97 11.85 -7.83
CA LEU B 353 -8.21 12.55 -7.52
C LEU B 353 -8.32 13.90 -8.23
N ASP B 354 -9.39 14.06 -9.01
CA ASP B 354 -9.70 15.25 -9.76
C ASP B 354 -10.07 16.36 -8.77
N MET B 355 -9.15 17.30 -8.57
CA MET B 355 -9.30 18.29 -7.52
C MET B 355 -10.45 19.28 -7.73
N VAL B 356 -10.75 19.57 -8.98
CA VAL B 356 -11.81 20.50 -9.32
C VAL B 356 -13.15 19.81 -9.09
N LYS B 357 -13.25 18.56 -9.52
CA LYS B 357 -14.47 17.77 -9.27
C LYS B 357 -14.70 17.53 -7.77
N TYR B 358 -13.63 17.32 -7.02
CA TYR B 358 -13.72 17.09 -5.58
C TYR B 358 -14.27 18.33 -4.87
N THR B 359 -13.76 19.51 -5.26
CA THR B 359 -14.18 20.81 -4.72
C THR B 359 -15.66 21.07 -5.02
N MET B 360 -16.09 20.78 -6.24
CA MET B 360 -17.47 21.04 -6.65
C MET B 360 -18.43 20.13 -5.92
N ALA B 361 -18.03 18.88 -5.71
CA ALA B 361 -18.82 17.96 -4.91
C ALA B 361 -19.01 18.44 -3.46
N LEU B 362 -17.94 18.90 -2.82
CA LEU B 362 -18.01 19.47 -1.48
C LEU B 362 -18.94 20.69 -1.41
N ARG B 363 -18.70 21.64 -2.31
CA ARG B 363 -19.59 22.79 -2.49
C ARG B 363 -21.04 22.40 -2.71
N ARG B 364 -21.26 21.26 -3.37
CA ARG B 364 -22.62 20.79 -3.61
C ARG B 364 -23.24 20.31 -2.32
N TYR B 365 -22.41 19.85 -1.40
CA TYR B 365 -22.88 19.41 -0.10
C TYR B 365 -23.16 20.60 0.85
N GLY B 366 -22.97 21.82 0.35
CA GLY B 366 -23.23 23.02 1.12
C GLY B 366 -22.02 23.53 1.88
N LEU B 367 -20.90 22.85 1.70
CA LEU B 367 -19.67 23.22 2.40
C LEU B 367 -18.94 24.31 1.62
N LEU B 368 -18.01 24.97 2.29
CA LEU B 368 -17.28 26.07 1.68
C LEU B 368 -15.80 25.81 1.82
N PRO B 369 -15.28 24.80 1.06
CA PRO B 369 -13.86 24.47 1.13
C PRO B 369 -13.04 25.62 0.62
N THR B 370 -11.82 25.71 1.11
CA THR B 370 -10.89 26.79 0.75
C THR B 370 -9.50 26.38 1.25
N ARG B 371 -8.46 26.59 0.43
CA ARG B 371 -7.08 26.20 0.78
C ARG B 371 -6.62 26.68 2.17
N ALA B 372 -5.58 26.05 2.71
CA ALA B 372 -5.11 26.38 4.07
C ALA B 372 -4.01 27.46 4.09
N ASP B 373 -3.98 28.27 3.03
CA ASP B 373 -3.10 29.44 2.89
C ASP B 373 -3.50 30.27 1.64
N LYS B 374 -3.46 29.63 0.48
CA LYS B 374 -3.67 30.31 -0.81
C LYS B 374 -5.12 30.73 -1.04
N GLU B 375 -5.28 31.71 -1.92
CA GLU B 375 -6.60 32.28 -2.19
C GLU B 375 -7.30 31.58 -3.36
N GLU B 376 -8.60 31.30 -3.15
CA GLU B 376 -9.50 30.68 -4.16
C GLU B 376 -9.26 29.18 -4.44
N GLY B 377 -10.35 28.41 -4.41
CA GLY B 377 -10.37 27.01 -4.87
C GLY B 377 -10.69 26.97 -6.36
N PRO B 378 -10.45 25.82 -7.03
CA PRO B 378 -10.15 24.46 -6.57
C PRO B 378 -9.08 24.32 -5.49
N LEU B 379 -9.32 23.39 -4.58
CA LEU B 379 -8.31 22.89 -3.65
C LEU B 379 -7.11 22.35 -4.44
N GLU B 380 -5.92 22.70 -3.99
CA GLU B 380 -4.70 22.27 -4.63
C GLU B 380 -4.23 20.99 -3.96
N ARG B 381 -3.72 20.05 -4.74
CA ARG B 381 -3.00 18.91 -4.19
C ARG B 381 -1.52 19.09 -4.45
N ARG B 382 -0.70 18.52 -3.59
CA ARG B 382 0.74 18.66 -3.70
C ARG B 382 1.38 17.29 -3.58
N GLN B 383 2.61 17.17 -4.07
CA GLN B 383 3.30 15.88 -4.15
C GLN B 383 4.27 15.68 -2.97
N THR B 384 4.33 16.69 -2.09
CA THR B 384 5.05 16.59 -0.84
C THR B 384 4.10 16.91 0.31
N LEU B 385 4.47 16.49 1.51
CA LEU B 385 3.71 16.80 2.72
C LEU B 385 4.28 18.06 3.39
N GLN B 386 5.46 18.50 2.91
CA GLN B 386 6.11 19.74 3.38
C GLN B 386 5.17 20.92 3.21
N GLY B 387 4.88 21.61 4.30
CA GLY B 387 4.09 22.82 4.25
C GLY B 387 2.58 22.63 4.25
N ILE B 388 2.14 21.38 4.36
CA ILE B 388 0.74 21.15 4.66
C ILE B 388 0.54 21.60 6.11
N SER B 389 -0.64 22.13 6.41
CA SER B 389 -0.91 22.60 7.75
C SER B 389 -1.95 21.72 8.43
N PHE B 390 -1.90 21.68 9.75
CA PHE B 390 -2.86 20.95 10.57
C PHE B 390 -2.77 21.51 11.98
N LEU B 391 -3.91 21.95 12.52
CA LEU B 391 -3.98 22.51 13.88
C LEU B 391 -3.01 23.67 14.14
N ARG B 392 -3.00 24.65 13.24
CA ARG B 392 -2.12 25.84 13.35
C ARG B 392 -0.66 25.53 13.01
N ARG B 393 -0.29 24.26 13.11
CA ARG B 393 1.05 23.80 12.80
C ARG B 393 1.27 23.62 11.32
N ALA B 394 2.53 23.80 10.91
CA ALA B 394 2.98 23.38 9.60
C ALA B 394 3.73 22.10 9.81
N ILE B 395 3.61 21.20 8.86
CA ILE B 395 4.29 19.92 8.89
C ILE B 395 5.62 20.09 8.19
N VAL B 396 6.70 19.92 8.96
CA VAL B 396 8.06 19.97 8.44
C VAL B 396 8.68 18.59 8.53
N GLY B 397 9.39 18.19 7.48
CA GLY B 397 10.20 16.96 7.49
C GLY B 397 11.68 17.28 7.36
N ASP B 398 12.48 16.66 8.22
CA ASP B 398 13.92 16.81 8.14
C ASP B 398 14.55 15.43 8.23
N GLN B 399 15.88 15.40 8.37
CA GLN B 399 16.62 14.13 8.44
C GLN B 399 16.00 13.09 9.40
N PHE B 400 15.50 13.56 10.55
CA PHE B 400 15.06 12.67 11.63
C PHE B 400 13.59 12.24 11.57
N GLY B 401 12.77 13.00 10.85
CA GLY B 401 11.35 12.69 10.71
C GLY B 401 10.46 13.90 10.51
N TRP B 402 9.18 13.70 10.72
CA TRP B 402 8.17 14.74 10.54
C TRP B 402 7.74 15.31 11.89
N TYR B 403 7.40 16.60 11.91
CA TYR B 403 6.94 17.26 13.14
C TYR B 403 6.03 18.46 12.87
N GLY B 404 5.24 18.82 13.86
CA GLY B 404 4.38 19.99 13.77
C GLY B 404 5.08 21.22 14.28
N ARG B 405 5.23 22.20 13.41
CA ARG B 405 5.94 23.44 13.77
C ARG B 405 4.93 24.58 13.93
N LEU B 406 4.77 25.07 15.16
CA LEU B 406 3.96 26.26 15.42
C LEU B 406 4.72 27.49 14.92
N ASP B 407 4.05 28.31 14.13
CA ASP B 407 4.70 29.45 13.46
C ASP B 407 5.16 30.56 14.42
N ARG B 408 6.03 31.43 13.92
CA ARG B 408 6.65 32.47 14.74
C ARG B 408 5.61 33.43 15.32
N ALA B 409 4.71 33.93 14.47
CA ALA B 409 3.62 34.82 14.91
C ALA B 409 2.94 34.38 16.23
N SER B 410 2.47 33.13 16.25
CA SER B 410 1.75 32.57 17.40
C SER B 410 2.60 32.51 18.66
N ILE B 411 3.89 32.24 18.52
CA ILE B 411 4.78 32.20 19.67
C ILE B 411 4.90 33.61 20.24
N ASP B 412 5.07 34.61 19.37
CA ASP B 412 5.15 36.00 19.78
C ASP B 412 3.88 36.36 20.52
N ARG B 413 2.76 35.96 19.93
CA ARG B 413 1.43 36.21 20.51
C ARG B 413 1.28 35.72 21.94
N GLN B 414 1.66 34.49 22.21
CA GLN B 414 1.55 33.95 23.58
C GLN B 414 2.49 34.61 24.58
N LEU B 415 3.50 35.33 24.08
CA LEU B 415 4.39 36.12 24.93
C LEU B 415 3.71 37.43 25.32
N LEU B 416 3.09 38.07 24.34
CA LEU B 416 2.43 39.36 24.54
C LEU B 416 1.20 39.36 25.46
N TRP B 417 0.55 38.20 25.59
CA TRP B 417 -0.72 38.07 26.33
C TRP B 417 -0.68 36.92 27.33
N THR B 418 -1.47 37.08 28.39
CA THR B 418 -1.65 36.05 29.42
C THR B 418 -3.11 36.09 29.82
N LYS B 419 -3.59 34.99 30.35
CA LYS B 419 -4.93 34.94 30.88
C LYS B 419 -4.91 35.30 32.36
N GLY B 420 -5.97 35.99 32.79
CA GLY B 420 -6.19 36.39 34.18
C GLY B 420 -7.69 36.49 34.40
N PRO B 421 -8.12 37.17 35.48
CA PRO B 421 -9.56 37.43 35.70
C PRO B 421 -10.16 38.32 34.61
N ASN B 422 -11.47 38.50 34.63
CA ASN B 422 -12.14 39.33 33.64
C ASN B 422 -11.94 40.84 33.85
N HIS B 423 -11.73 41.57 32.76
CA HIS B 423 -11.56 43.03 32.84
C HIS B 423 -12.01 43.76 31.58
N GLN B 424 -12.27 45.05 31.71
CA GLN B 424 -12.84 45.84 30.62
C GLN B 424 -11.79 46.33 29.61
N ASN B 425 -10.57 46.60 30.07
CA ASN B 425 -9.50 47.10 29.20
C ASN B 425 -8.40 46.06 28.98
N PRO B 426 -8.24 45.59 27.71
CA PRO B 426 -7.27 44.52 27.44
C PRO B 426 -5.82 44.94 27.70
N PHE B 427 -5.56 46.24 27.71
CA PHE B 427 -4.19 46.75 27.76
C PHE B 427 -3.53 46.83 29.15
N GLU B 428 -4.33 46.79 30.21
CA GLU B 428 -3.77 46.69 31.58
C GLU B 428 -2.88 45.47 31.67
N THR B 429 -1.83 45.57 32.48
CA THR B 429 -1.00 44.40 32.80
C THR B 429 -1.43 43.92 34.18
N LEU B 430 -1.44 42.61 34.40
CA LEU B 430 -1.89 42.13 35.71
C LEU B 430 -0.73 42.02 36.67
N PRO B 431 -0.86 42.64 37.86
CA PRO B 431 0.27 42.79 38.77
C PRO B 431 0.75 41.46 39.36
N GLY B 432 2.06 41.34 39.54
CA GLY B 432 2.68 40.17 40.20
C GLY B 432 2.75 38.89 39.38
N HIS B 433 1.60 38.22 39.24
CA HIS B 433 1.50 36.86 38.69
C HIS B 433 2.05 36.67 37.27
N ALA B 434 2.89 35.65 37.13
CA ALA B 434 3.17 35.05 35.85
C ALA B 434 2.53 33.66 35.90
N GLN B 435 1.32 33.56 35.35
CA GLN B 435 0.52 32.31 35.33
C GLN B 435 1.26 31.20 34.54
N ARG B 436 2.60 31.28 34.53
CA ARG B 436 3.41 30.59 33.54
C ARG B 436 4.44 29.57 34.09
N PRO B 437 3.97 28.48 34.76
CA PRO B 437 4.91 27.37 34.94
C PRO B 437 5.27 26.73 33.58
N SER B 438 4.54 25.69 33.18
CA SER B 438 4.76 25.01 31.90
C SER B 438 4.80 25.97 30.71
N GLN B 439 3.82 26.88 30.65
CA GLN B 439 3.57 27.72 29.48
C GLN B 439 4.84 28.39 28.96
N LEU B 440 5.65 28.93 29.87
CA LEU B 440 6.90 29.60 29.49
C LEU B 440 7.94 28.60 28.98
N MET B 441 7.96 27.42 29.59
CA MET B 441 8.85 26.34 29.16
C MET B 441 8.41 25.76 27.81
N ALA B 442 7.11 25.57 27.63
CA ALA B 442 6.55 25.02 26.40
C ALA B 442 6.82 25.92 25.20
N LEU B 443 6.82 27.22 25.44
CA LEU B 443 7.11 28.21 24.39
C LEU B 443 8.54 28.07 23.89
N LEU B 444 9.46 27.85 24.82
CA LEU B 444 10.86 27.57 24.50
C LEU B 444 10.98 26.37 23.59
N GLY B 445 10.16 25.36 23.86
CA GLY B 445 10.10 24.15 23.02
C GLY B 445 9.76 24.51 21.59
N GLU B 446 8.63 25.19 21.41
CA GLU B 446 8.19 25.63 20.09
C GLU B 446 9.23 26.50 19.39
N ALA B 447 9.91 27.34 20.17
CA ALA B 447 10.89 28.30 19.63
C ALA B 447 12.13 27.61 19.07
N ALA B 448 12.59 26.57 19.76
CA ALA B 448 13.77 25.82 19.34
C ALA B 448 13.68 25.32 17.90
N MET B 449 12.45 25.10 17.44
CA MET B 449 12.25 24.53 16.11
C MET B 449 12.50 25.49 14.95
N HIS B 450 12.86 26.74 15.27
CA HIS B 450 13.20 27.75 14.26
C HIS B 450 14.70 28.12 14.26
N GLY B 451 15.53 27.24 14.81
CA GLY B 451 16.98 27.46 14.82
C GLY B 451 17.47 28.48 15.84
N GLU B 452 18.79 28.56 16.00
CA GLU B 452 19.45 29.45 16.98
C GLU B 452 18.86 30.88 16.97
N LYS B 453 18.94 31.52 15.81
CA LYS B 453 18.44 32.88 15.57
C LYS B 453 17.21 33.23 16.42
N TYR B 454 16.09 32.60 16.09
CA TYR B 454 14.79 32.91 16.67
C TYR B 454 14.69 32.39 18.11
N TYR B 455 15.32 31.26 18.38
CA TYR B 455 15.31 30.73 19.75
C TYR B 455 15.97 31.71 20.71
N ARG B 456 17.08 32.30 20.28
CA ARG B 456 17.76 33.35 21.05
C ARG B 456 16.76 34.43 21.46
N THR B 457 16.08 34.99 20.46
CA THR B 457 15.07 36.03 20.65
C THR B 457 14.06 35.67 21.74
N VAL B 458 13.49 34.47 21.64
CA VAL B 458 12.50 34.02 22.62
C VAL B 458 13.15 33.78 23.99
N ALA B 459 14.44 33.53 24.01
CA ALA B 459 15.18 33.38 25.27
C ALA B 459 15.40 34.72 25.98
N SER B 460 15.72 35.77 25.22
CA SER B 460 15.79 37.14 25.74
C SER B 460 14.46 37.50 26.40
N ARG B 461 13.41 37.49 25.57
CA ARG B 461 12.04 37.79 26.00
C ARG B 461 11.60 36.95 27.21
N VAL B 462 11.96 35.67 27.22
CA VAL B 462 11.51 34.76 28.27
C VAL B 462 12.11 35.08 29.64
N SER B 463 13.38 35.51 29.66
CA SER B 463 14.06 35.88 30.89
C SER B 463 13.47 37.16 31.45
N LYS B 464 13.29 38.15 30.56
CA LYS B 464 12.62 39.41 30.90
C LYS B 464 11.24 39.19 31.52
N GLU B 465 10.67 38.01 31.27
CA GLU B 465 9.42 37.58 31.88
C GLU B 465 9.68 36.91 33.23
N ALA B 466 10.76 36.13 33.31
CA ALA B 466 11.00 35.25 34.45
C ALA B 466 11.72 35.93 35.62
N ALA B 467 12.74 36.73 35.30
CA ALA B 467 13.50 37.47 36.31
C ALA B 467 12.70 38.70 36.79
N GLN B 468 11.49 38.84 36.25
CA GLN B 468 10.59 39.92 36.62
C GLN B 468 9.44 39.43 37.53
N SER B 469 9.29 38.11 37.63
CA SER B 469 8.19 37.52 38.39
C SER B 469 8.41 36.03 38.64
N GLY B 470 8.40 35.63 39.92
CA GLY B 470 8.57 34.23 40.31
C GLY B 470 10.03 33.85 40.45
N ILE B 471 10.37 32.62 40.04
CA ILE B 471 11.75 32.14 40.07
C ILE B 471 12.53 32.69 38.86
N GLU B 472 13.86 32.65 38.95
CA GLU B 472 14.76 33.01 37.84
C GLU B 472 15.02 31.77 36.96
N MET B 473 14.55 31.83 35.71
CA MET B 473 14.61 30.68 34.79
C MET B 473 16.04 30.31 34.41
N VAL B 474 16.39 29.05 34.65
CA VAL B 474 17.61 28.47 34.11
C VAL B 474 17.24 28.08 32.68
N VAL B 475 17.67 28.91 31.74
CA VAL B 475 17.25 28.80 30.35
C VAL B 475 18.25 27.97 29.54
N PRO B 476 17.82 26.75 29.10
CA PRO B 476 18.69 25.77 28.43
C PRO B 476 19.30 26.32 27.15
N ARG B 477 20.35 25.68 26.66
CA ARG B 477 20.89 26.06 25.36
C ARG B 477 20.10 25.38 24.25
N HIS B 478 19.94 26.11 23.14
CA HIS B 478 19.20 25.69 21.95
C HIS B 478 19.19 24.18 21.67
N ARG B 479 20.37 23.59 21.49
CA ARG B 479 20.49 22.19 21.09
C ARG B 479 19.82 21.19 22.03
N SER B 480 19.78 21.49 23.32
CA SER B 480 19.25 20.51 24.30
C SER B 480 17.74 20.57 24.52
N VAL B 481 17.15 21.75 24.40
CA VAL B 481 15.69 21.86 24.40
C VAL B 481 15.14 21.25 23.12
N LEU B 482 15.85 21.48 22.02
CA LEU B 482 15.52 20.89 20.71
C LEU B 482 15.52 19.36 20.74
N ARG B 483 16.44 18.75 21.47
CA ARG B 483 16.45 17.30 21.68
C ARG B 483 15.24 16.87 22.47
N TRP B 484 14.97 17.58 23.58
CA TRP B 484 13.85 17.24 24.44
C TRP B 484 12.54 17.28 23.64
N VAL B 485 12.38 18.34 22.83
CA VAL B 485 11.12 18.60 22.13
C VAL B 485 10.89 17.68 20.92
N ARG B 486 11.97 17.19 20.32
CA ARG B 486 11.85 16.26 19.19
C ARG B 486 11.88 14.79 19.59
N PHE B 487 12.71 14.44 20.59
CA PHE B 487 12.96 13.03 20.90
C PHE B 487 12.56 12.55 22.29
N GLY B 488 12.83 13.34 23.34
CA GLY B 488 12.45 12.96 24.70
C GLY B 488 10.95 12.97 24.90
N THR B 489 10.49 13.72 25.92
CA THR B 489 9.06 13.89 26.19
C THR B 489 8.44 14.90 25.23
N ARG C 4 53.88 -23.12 27.98
CA ARG C 4 53.10 -23.91 28.97
C ARG C 4 51.70 -23.35 29.05
N PRO C 5 50.79 -23.90 28.23
CA PRO C 5 51.14 -24.76 27.10
C PRO C 5 51.28 -23.94 25.83
N SER C 6 51.48 -24.61 24.71
CA SER C 6 51.69 -23.97 23.42
C SER C 6 51.16 -24.85 22.31
N GLY C 7 50.96 -24.25 21.14
CA GLY C 7 50.46 -24.99 19.99
C GLY C 7 49.33 -24.29 19.30
N THR C 8 48.56 -25.06 18.52
CA THR C 8 47.51 -24.54 17.68
C THR C 8 46.22 -25.32 17.90
N TYR C 9 45.11 -24.60 17.94
CA TYR C 9 43.80 -25.22 18.11
C TYR C 9 42.81 -24.53 17.18
N ALA C 10 42.28 -25.31 16.23
CA ALA C 10 41.51 -24.80 15.09
C ALA C 10 42.12 -23.54 14.44
N GLY C 11 43.41 -23.61 14.13
CA GLY C 11 44.13 -22.54 13.45
C GLY C 11 44.45 -21.34 14.32
N LEU C 12 44.16 -21.45 15.61
CA LEU C 12 44.34 -20.34 16.55
C LEU C 12 45.37 -20.72 17.62
N PRO C 13 46.17 -19.73 18.08
CA PRO C 13 47.21 -19.95 19.10
C PRO C 13 46.64 -20.31 20.47
N ILE C 14 47.17 -21.39 21.06
CA ILE C 14 46.96 -21.71 22.48
C ILE C 14 47.72 -20.73 23.34
N ALA C 15 47.07 -20.17 24.36
CA ALA C 15 47.71 -19.24 25.29
C ALA C 15 47.84 -19.80 26.71
N ASP C 16 46.94 -20.70 27.08
CA ASP C 16 46.94 -21.27 28.43
C ASP C 16 46.05 -22.51 28.53
N TYR C 17 45.93 -23.05 29.73
CA TYR C 17 45.01 -24.15 29.99
C TYR C 17 43.62 -23.60 30.23
N GLY C 18 42.62 -24.41 29.89
CA GLY C 18 41.23 -24.00 30.06
C GLY C 18 40.64 -24.43 31.39
N ASP C 19 39.65 -23.66 31.86
CA ASP C 19 38.93 -23.94 33.11
C ASP C 19 37.44 -24.12 32.85
N ALA C 20 37.07 -24.21 31.57
CA ALA C 20 35.67 -24.35 31.18
C ALA C 20 35.18 -25.74 31.50
N PRO C 21 33.94 -25.85 32.01
CA PRO C 21 33.26 -27.14 32.18
C PRO C 21 32.93 -27.69 30.80
N PRO C 22 32.67 -29.00 30.67
CA PRO C 22 32.45 -29.56 29.33
C PRO C 22 31.19 -29.01 28.65
N LEU C 23 31.14 -29.15 27.33
CA LEU C 23 29.94 -28.80 26.57
C LEU C 23 28.78 -29.66 27.03
N SER C 24 27.63 -29.04 27.22
CA SER C 24 26.39 -29.71 27.62
C SER C 24 25.93 -30.66 26.52
N THR C 25 25.54 -31.88 26.92
CA THR C 25 25.05 -32.89 25.98
C THR C 25 23.50 -32.90 25.96
N LYS C 26 22.91 -31.97 26.72
CA LYS C 26 21.48 -31.94 26.94
C LYS C 26 20.78 -30.80 26.22
N THR C 27 19.44 -30.85 26.17
CA THR C 27 18.64 -29.81 25.52
C THR C 27 17.49 -29.40 26.44
N MET C 28 17.05 -28.15 26.33
CA MET C 28 15.96 -27.59 27.15
C MET C 28 14.61 -27.80 26.49
N PHE C 29 14.60 -28.29 25.25
CA PHE C 29 13.37 -28.45 24.49
C PHE C 29 12.74 -29.82 24.63
N TRP C 30 11.44 -29.81 24.88
CA TRP C 30 10.64 -31.02 25.05
C TRP C 30 9.54 -31.00 24.02
N ARG C 31 9.14 -32.20 23.55
CA ARG C 31 7.96 -32.31 22.71
C ARG C 31 6.72 -32.04 23.56
N THR C 32 5.71 -31.44 22.96
CA THR C 32 4.46 -31.16 23.65
C THR C 32 3.45 -32.30 23.47
N SER C 33 3.75 -33.19 22.53
CA SER C 33 2.87 -34.28 22.16
C SER C 33 3.71 -35.50 21.77
N PRO C 34 3.27 -36.72 22.18
CA PRO C 34 3.99 -37.98 21.92
C PRO C 34 4.06 -38.42 20.46
N GLU C 35 3.21 -37.85 19.61
CA GLU C 35 3.06 -38.34 18.23
C GLU C 35 4.21 -37.92 17.28
N LYS C 36 4.25 -38.57 16.12
CA LYS C 36 5.32 -38.40 15.14
C LYS C 36 5.34 -37.00 14.51
N LEU C 37 6.53 -36.38 14.48
CA LEU C 37 6.70 -35.05 13.91
C LEU C 37 6.43 -35.00 12.41
N PRO C 38 5.91 -33.86 11.90
CA PRO C 38 5.72 -33.64 10.47
C PRO C 38 7.04 -33.79 9.68
N PRO C 39 6.95 -34.16 8.37
CA PRO C 39 8.17 -34.34 7.54
C PRO C 39 9.06 -33.08 7.48
N GLY C 40 10.32 -33.21 7.87
CA GLY C 40 11.28 -32.10 7.89
C GLY C 40 11.04 -30.99 8.92
N ALA C 41 10.36 -31.35 10.01
CA ALA C 41 10.15 -30.43 11.12
C ALA C 41 11.47 -30.13 11.83
N TRP C 42 11.59 -28.92 12.36
CA TRP C 42 12.76 -28.55 13.16
C TRP C 42 12.84 -29.34 14.47
N GLU C 43 14.09 -29.59 14.89
CA GLU C 43 14.41 -30.33 16.11
C GLU C 43 15.61 -29.66 16.77
N PRO C 44 15.81 -29.88 18.08
CA PRO C 44 16.94 -29.25 18.79
C PRO C 44 18.30 -29.61 18.19
N ALA C 45 19.26 -28.71 18.33
CA ALA C 45 20.59 -28.92 17.77
C ALA C 45 21.23 -30.20 18.30
N TYR C 46 22.08 -30.78 17.47
CA TYR C 46 22.85 -32.00 17.80
C TYR C 46 23.43 -31.98 19.22
N LEU C 47 23.39 -33.13 19.89
CA LEU C 47 23.73 -33.18 21.30
C LEU C 47 25.02 -33.95 21.59
N GLY C 48 25.66 -34.45 20.55
CA GLY C 48 26.96 -35.09 20.72
C GLY C 48 26.94 -36.60 20.63
N SER C 49 27.96 -37.22 21.21
CA SER C 49 28.10 -38.69 21.23
C SER C 49 26.86 -39.38 21.74
N LYS C 50 26.31 -38.86 22.83
CA LYS C 50 25.18 -39.46 23.52
C LYS C 50 23.86 -39.32 22.74
N ASP C 51 23.84 -38.43 21.75
CA ASP C 51 22.66 -38.16 20.94
C ASP C 51 22.27 -39.43 20.18
N GLU C 52 21.19 -40.07 20.62
CA GLU C 52 20.71 -41.31 20.01
C GLU C 52 20.09 -41.12 18.61
N ARG C 53 19.85 -39.87 18.21
CA ARG C 53 19.21 -39.59 16.93
C ARG C 53 20.16 -39.86 15.77
N VAL C 54 21.41 -39.43 15.95
CA VAL C 54 22.48 -39.61 14.95
C VAL C 54 23.79 -39.74 15.69
N ASP C 55 24.68 -40.59 15.18
CA ASP C 55 26.03 -40.57 15.71
C ASP C 55 26.92 -39.82 14.72
N GLY C 56 27.69 -38.88 15.26
CA GLY C 56 28.54 -38.01 14.47
C GLY C 56 29.70 -37.59 15.33
N PRO C 57 30.22 -36.37 15.12
CA PRO C 57 31.46 -35.98 15.78
C PRO C 57 31.24 -35.69 17.26
N SER C 58 32.33 -35.45 18.01
CA SER C 58 32.21 -34.96 19.38
C SER C 58 31.81 -33.49 19.32
N LEU C 59 31.29 -32.96 20.42
CA LEU C 59 30.91 -31.55 20.46
C LEU C 59 32.15 -30.66 20.30
N GLN C 60 33.29 -31.09 20.86
CA GLN C 60 34.57 -30.42 20.65
C GLN C 60 34.90 -30.30 19.16
N GLN C 61 34.75 -31.40 18.44
CA GLN C 61 35.00 -31.41 17.00
C GLN C 61 34.05 -30.44 16.27
N VAL C 62 32.80 -30.35 16.73
CA VAL C 62 31.82 -29.43 16.16
C VAL C 62 32.18 -27.98 16.47
N MET C 63 32.62 -27.74 17.70
CA MET C 63 33.09 -26.42 18.11
C MET C 63 34.31 -25.97 17.30
N ARG C 64 35.31 -26.84 17.18
CA ARG C 64 36.43 -26.63 16.27
C ARG C 64 35.97 -26.13 14.88
N ASP C 65 34.90 -26.71 14.34
CA ASP C 65 34.32 -26.26 13.06
C ASP C 65 33.86 -24.81 13.10
N GLN C 66 33.29 -24.38 14.23
CA GLN C 66 32.83 -22.99 14.39
C GLN C 66 33.97 -21.99 14.53
N LEU C 67 35.14 -22.46 14.94
CA LEU C 67 36.27 -21.59 15.20
C LEU C 67 37.12 -21.32 13.97
N LYS C 68 37.02 -22.20 12.97
CA LYS C 68 37.76 -22.06 11.71
C LYS C 68 37.67 -20.67 11.05
N PRO C 69 36.43 -20.15 10.83
CA PRO C 69 36.31 -18.82 10.19
C PRO C 69 37.01 -17.65 10.92
N TYR C 70 37.39 -17.85 12.18
CA TYR C 70 38.04 -16.81 12.99
C TYR C 70 39.54 -16.75 12.71
N SER C 71 40.02 -17.73 11.94
CA SER C 71 41.42 -17.80 11.56
C SER C 71 41.58 -17.47 10.08
N GLU C 72 40.45 -17.41 9.37
CA GLU C 72 40.41 -16.93 7.96
C GLU C 72 40.99 -15.53 7.79
N PRO C 73 41.51 -15.24 6.57
CA PRO C 73 41.96 -13.89 6.24
C PRO C 73 40.81 -12.88 6.32
N ARG C 74 41.13 -11.66 6.72
CA ARG C 74 40.10 -10.65 6.82
C ARG C 74 39.85 -10.01 5.46
N GLY C 75 38.63 -9.51 5.27
CA GLY C 75 38.32 -8.72 4.09
C GLY C 75 38.97 -7.36 4.25
N LEU C 76 38.78 -6.49 3.26
CA LEU C 76 39.43 -5.17 3.26
C LEU C 76 38.65 -4.09 3.99
N LEU C 77 39.38 -3.09 4.46
CA LEU C 77 38.79 -1.94 5.10
C LEU C 77 38.13 -1.09 4.03
N PRO C 78 36.98 -0.45 4.33
CA PRO C 78 36.43 0.52 3.38
C PRO C 78 37.40 1.70 3.16
N PRO C 79 37.28 2.42 2.01
CA PRO C 79 38.15 3.54 1.68
C PRO C 79 38.29 4.50 2.86
N GLN C 80 39.52 4.89 3.17
CA GLN C 80 39.79 5.60 4.42
C GLN C 80 39.03 6.93 4.54
N GLU C 81 38.91 7.65 3.42
CA GLU C 81 38.20 8.93 3.41
C GLU C 81 36.71 8.72 3.66
N ILE C 82 36.19 7.64 3.10
CA ILE C 82 34.78 7.29 3.25
C ILE C 82 34.47 6.79 4.67
N LEU C 83 35.34 5.95 5.21
CA LEU C 83 35.21 5.47 6.58
C LEU C 83 35.11 6.65 7.57
N ASP C 84 36.05 7.61 7.42
CA ASP C 84 36.13 8.78 8.29
C ASP C 84 34.89 9.67 8.19
N ALA C 85 34.35 9.86 6.99
CA ALA C 85 33.15 10.68 6.82
C ALA C 85 31.90 9.95 7.31
N VAL C 86 31.87 8.64 7.08
CA VAL C 86 30.77 7.79 7.54
C VAL C 86 30.70 7.84 9.08
N CYS C 87 31.81 7.54 9.76
CA CYS C 87 31.85 7.58 11.22
C CYS C 87 31.53 8.96 11.79
N ASP C 88 31.96 10.01 11.10
CA ASP C 88 31.57 11.37 11.47
C ASP C 88 30.06 11.56 11.38
N ALA C 89 29.45 11.07 10.30
CA ALA C 89 28.00 11.22 10.12
C ALA C 89 27.20 10.51 11.20
N ILE C 90 27.60 9.28 11.49
CA ILE C 90 26.93 8.46 12.48
C ILE C 90 27.05 9.02 13.90
N GLU C 91 28.24 9.48 14.26
CA GLU C 91 28.47 10.08 15.59
C GLU C 91 27.67 11.36 15.75
N ASN C 92 27.69 12.17 14.70
CA ASN C 92 26.99 13.43 14.67
C ASN C 92 25.49 13.28 14.89
N ARG C 93 24.89 12.34 14.16
CA ARG C 93 23.49 12.02 14.31
C ARG C 93 23.18 11.56 15.72
N LEU C 94 24.07 10.78 16.31
CA LEU C 94 23.89 10.33 17.68
C LEU C 94 24.00 11.50 18.68
N GLU C 95 24.96 12.40 18.47
CA GLU C 95 25.03 13.61 19.28
C GLU C 95 23.77 14.48 19.22
N ASN C 96 23.03 14.39 18.12
CA ASN C 96 21.79 15.19 17.97
C ASN C 96 20.52 14.53 18.51
N THR C 97 20.54 13.20 18.62
CA THR C 97 19.33 12.43 18.93
C THR C 97 19.29 11.87 20.34
N LEU C 98 20.44 11.77 21.00
CA LEU C 98 20.56 11.06 22.28
C LEU C 98 20.52 11.95 23.53
N GLU C 99 19.67 11.56 24.48
CA GLU C 99 19.53 12.28 25.75
C GLU C 99 20.69 11.87 26.65
N PRO C 100 21.54 12.84 27.06
CA PRO C 100 22.64 12.60 28.01
C PRO C 100 22.17 11.92 29.28
N GLN C 101 23.04 11.12 29.88
CA GLN C 101 22.65 10.19 30.92
C GLN C 101 23.47 10.30 32.19
N LYS C 102 22.86 9.93 33.32
CA LYS C 102 23.60 9.72 34.56
C LYS C 102 24.48 8.48 34.37
N PRO C 103 25.72 8.52 34.89
CA PRO C 103 26.55 7.31 34.98
C PRO C 103 25.82 6.16 35.63
N TRP C 104 26.04 4.94 35.14
CA TRP C 104 25.55 3.77 35.82
C TRP C 104 26.40 3.52 37.06
N THR C 105 25.73 3.21 38.16
CA THR C 105 26.37 2.84 39.41
C THR C 105 26.63 1.32 39.44
N PHE C 106 27.55 0.92 40.32
CA PHE C 106 27.88 -0.49 40.51
C PHE C 106 26.63 -1.33 40.76
N LYS C 107 25.74 -0.81 41.60
CA LYS C 107 24.50 -1.49 41.95
C LYS C 107 23.57 -1.66 40.73
N LYS C 108 23.52 -0.66 39.85
CA LYS C 108 22.70 -0.75 38.62
C LYS C 108 23.24 -1.84 37.68
N ALA C 109 24.54 -1.76 37.38
CA ALA C 109 25.24 -2.78 36.58
C ALA C 109 25.04 -4.18 37.15
N CYS C 110 25.04 -4.31 38.48
CA CYS C 110 24.73 -5.59 39.13
C CYS C 110 23.30 -6.03 38.94
N GLU C 111 22.36 -5.09 39.01
CA GLU C 111 20.94 -5.41 38.76
C GLU C 111 20.65 -5.85 37.32
N SER C 112 21.27 -5.20 36.35
CA SER C 112 20.94 -5.43 34.95
C SER C 112 21.25 -6.83 34.41
N LEU C 113 22.12 -7.56 35.10
CA LEU C 113 22.59 -8.85 34.61
C LEU C 113 21.56 -9.96 34.74
N ASP C 114 21.54 -10.86 33.77
CA ASP C 114 20.64 -11.99 33.78
C ASP C 114 21.11 -12.97 34.85
N LYS C 115 20.28 -13.18 35.86
CA LYS C 115 20.66 -14.01 36.99
C LYS C 115 20.48 -15.51 36.70
N ASN C 116 20.01 -15.84 35.50
CA ASN C 116 19.73 -17.23 35.17
C ASN C 116 20.79 -17.89 34.32
N THR C 117 21.66 -17.07 33.74
CA THR C 117 22.78 -17.57 32.95
C THR C 117 24.03 -17.67 33.81
N SER C 118 25.02 -18.42 33.31
CA SER C 118 26.31 -18.61 33.98
C SER C 118 27.07 -17.32 34.28
N SER C 119 27.92 -17.39 35.30
CA SER C 119 28.80 -16.28 35.65
C SER C 119 30.08 -16.31 34.83
N GLY C 120 30.30 -17.40 34.09
CA GLY C 120 31.52 -17.60 33.30
C GLY C 120 32.76 -17.78 34.17
N TYR C 121 33.93 -17.56 33.59
CA TYR C 121 35.20 -17.65 34.33
C TYR C 121 35.21 -16.71 35.55
N PRO C 122 35.81 -17.14 36.68
CA PRO C 122 36.39 -18.46 36.96
C PRO C 122 35.43 -19.45 37.66
N TYR C 123 34.30 -18.96 38.16
CA TYR C 123 33.43 -19.77 39.02
C TYR C 123 32.38 -20.60 38.30
N HIS C 124 31.90 -20.12 37.15
CA HIS C 124 31.04 -20.93 36.30
C HIS C 124 29.78 -21.45 36.99
N LYS C 125 29.12 -20.58 37.75
CA LYS C 125 27.87 -20.93 38.43
C LYS C 125 26.78 -19.95 38.05
N GLN C 126 25.54 -20.42 38.07
CA GLN C 126 24.40 -19.57 37.79
C GLN C 126 24.46 -18.34 38.71
N LYS C 127 24.37 -17.15 38.12
CA LYS C 127 24.59 -15.91 38.87
C LYS C 127 23.71 -15.80 40.11
N SER C 128 22.50 -16.37 40.05
CA SER C 128 21.55 -16.27 41.14
C SER C 128 22.08 -16.94 42.40
N LYS C 129 22.81 -18.03 42.21
CA LYS C 129 23.44 -18.75 43.31
C LYS C 129 24.21 -17.87 44.30
N ASP C 130 24.56 -16.65 43.88
CA ASP C 130 25.32 -15.72 44.72
C ASP C 130 24.64 -14.35 44.80
N TRP C 131 23.40 -14.26 44.32
CA TRP C 131 22.66 -13.01 44.35
C TRP C 131 21.66 -13.06 45.49
N THR C 132 21.49 -11.92 46.17
CA THR C 132 20.63 -11.86 47.35
C THR C 132 19.24 -11.43 46.94
N GLY C 133 19.20 -10.57 45.93
CA GLY C 133 18.00 -9.85 45.56
C GLY C 133 18.45 -8.44 45.25
N SER C 134 19.57 -8.05 45.85
CA SER C 134 20.08 -6.69 45.72
C SER C 134 21.58 -6.59 45.45
N ALA C 135 22.35 -7.61 45.84
CA ALA C 135 23.79 -7.61 45.60
C ALA C 135 24.34 -9.02 45.42
N PHE C 136 25.58 -9.09 44.95
CA PHE C 136 26.28 -10.36 44.84
C PHE C 136 27.04 -10.52 46.12
N ILE C 137 27.12 -11.76 46.59
CA ILE C 137 27.82 -12.08 47.79
C ILE C 137 28.72 -13.27 47.52
N GLY C 138 29.57 -13.63 48.48
CA GLY C 138 30.52 -14.73 48.29
C GLY C 138 31.45 -14.59 47.11
N ASP C 139 31.68 -15.69 46.40
CA ASP C 139 32.58 -15.72 45.26
C ASP C 139 32.28 -14.61 44.25
N LEU C 140 31.05 -14.59 43.74
CA LEU C 140 30.69 -13.62 42.71
C LEU C 140 30.73 -12.22 43.27
N GLY C 141 30.43 -12.07 44.55
CA GLY C 141 30.60 -10.81 45.26
C GLY C 141 32.02 -10.28 45.11
N ASP C 142 33.01 -11.10 45.48
CA ASP C 142 34.40 -10.71 45.37
C ASP C 142 34.78 -10.37 43.93
N GLN C 143 34.36 -11.22 43.00
CA GLN C 143 34.65 -11.00 41.58
C GLN C 143 34.09 -9.67 41.12
N ALA C 144 32.87 -9.36 41.54
CA ALA C 144 32.17 -8.14 41.13
C ALA C 144 32.84 -6.91 41.69
N THR C 145 33.27 -7.00 42.95
CA THR C 145 33.91 -5.87 43.62
C THR C 145 35.25 -5.56 43.00
N HIS C 146 36.11 -6.57 42.80
CA HIS C 146 37.43 -6.33 42.18
C HIS C 146 37.20 -5.63 40.84
N ALA C 147 36.28 -6.17 40.04
CA ALA C 147 35.99 -5.63 38.73
C ALA C 147 35.61 -4.18 38.82
N ASN C 148 34.71 -3.88 39.76
CA ASN C 148 34.26 -2.53 39.97
C ASN C 148 35.37 -1.60 40.40
N ASN C 149 36.28 -2.10 41.24
CA ASN C 149 37.47 -1.32 41.60
C ASN C 149 38.34 -1.04 40.38
N MET C 150 38.58 -2.06 39.56
CA MET C 150 39.37 -1.88 38.36
C MET C 150 38.70 -0.85 37.45
N TYR C 151 37.38 -0.92 37.35
CA TYR C 151 36.62 0.08 36.59
C TYR C 151 36.85 1.50 37.11
N GLU C 152 36.67 1.71 38.41
CA GLU C 152 36.75 3.06 39.00
C GLU C 152 38.16 3.63 38.92
N MET C 153 39.16 2.74 38.86
CA MET C 153 40.55 3.16 38.79
C MET C 153 41.03 3.37 37.35
N GLY C 154 40.19 2.96 36.40
CA GLY C 154 40.54 2.98 35.00
C GLY C 154 41.73 2.10 34.72
N LYS C 155 41.87 1.02 35.50
CA LYS C 155 42.93 0.05 35.27
C LYS C 155 42.42 -1.16 34.48
N SER C 156 43.30 -1.73 33.67
CA SER C 156 42.94 -2.74 32.68
C SER C 156 42.85 -4.17 33.23
N MET C 157 41.88 -4.92 32.73
CA MET C 157 41.73 -6.35 33.01
C MET C 157 41.47 -7.08 31.71
N ARG C 158 42.13 -8.22 31.53
CA ARG C 158 41.88 -9.05 30.35
C ARG C 158 40.63 -9.91 30.54
N PRO C 159 39.64 -9.77 29.64
CA PRO C 159 38.45 -10.61 29.71
C PRO C 159 38.85 -12.05 29.40
N ILE C 160 38.10 -13.00 29.95
CA ILE C 160 38.20 -14.40 29.60
C ILE C 160 36.82 -14.93 29.24
N TYR C 161 36.67 -15.32 27.98
CA TYR C 161 35.40 -15.84 27.48
C TYR C 161 35.41 -17.34 27.53
N THR C 162 34.21 -17.91 27.54
CA THR C 162 34.02 -19.33 27.63
C THR C 162 33.14 -19.75 26.48
N ALA C 163 33.69 -20.55 25.60
CA ALA C 163 32.97 -21.04 24.45
C ALA C 163 31.88 -22.03 24.87
N ALA C 164 30.76 -22.02 24.15
CA ALA C 164 29.73 -23.01 24.32
C ALA C 164 29.01 -23.20 22.98
N LEU C 165 28.06 -24.13 22.93
CA LEU C 165 27.27 -24.37 21.73
C LEU C 165 25.80 -24.12 21.99
N LYS C 166 25.16 -23.34 21.11
CA LYS C 166 23.79 -22.88 21.30
C LYS C 166 22.80 -24.02 21.19
N ASP C 167 22.00 -24.22 22.24
CA ASP C 167 20.91 -25.16 22.22
C ASP C 167 19.63 -24.47 21.71
N GLU C 168 19.23 -24.83 20.49
CA GLU C 168 18.10 -24.17 19.81
C GLU C 168 17.45 -25.12 18.79
N LEU C 169 16.27 -24.76 18.29
CA LEU C 169 15.68 -25.52 17.19
C LEU C 169 16.36 -25.16 15.89
N VAL C 170 16.71 -26.16 15.10
CA VAL C 170 17.37 -25.95 13.81
C VAL C 170 16.66 -26.73 12.70
N LYS C 171 16.78 -26.24 11.46
CA LYS C 171 16.27 -26.98 10.28
C LYS C 171 16.90 -28.38 10.26
N PRO C 172 16.09 -29.43 9.96
CA PRO C 172 16.47 -30.82 10.18
C PRO C 172 17.78 -31.25 9.51
N ASP C 173 18.15 -30.55 8.43
CA ASP C 173 19.38 -30.86 7.72
C ASP C 173 20.64 -30.63 8.58
N LYS C 174 20.58 -29.62 9.44
CA LYS C 174 21.68 -29.31 10.36
C LYS C 174 21.95 -30.39 11.41
N ILE C 175 21.14 -31.46 11.36
CA ILE C 175 21.30 -32.59 12.27
C ILE C 175 21.64 -33.86 11.51
N TYR C 176 20.88 -34.14 10.45
CA TYR C 176 21.08 -35.37 9.70
C TYR C 176 21.99 -35.21 8.49
N GLY C 177 22.18 -33.96 8.05
CA GLY C 177 23.16 -33.63 7.00
C GLY C 177 24.51 -33.28 7.61
N LYS C 178 25.08 -32.16 7.14
CA LYS C 178 26.33 -31.65 7.70
C LYS C 178 25.98 -30.99 9.03
N ILE C 179 26.46 -31.60 10.11
CA ILE C 179 26.17 -31.12 11.47
C ILE C 179 26.80 -29.76 11.78
N LYS C 180 25.94 -28.81 12.12
CA LYS C 180 26.33 -27.45 12.52
C LYS C 180 25.61 -27.05 13.83
N LYS C 181 26.34 -26.41 14.73
CA LYS C 181 25.76 -25.91 15.98
C LYS C 181 26.49 -24.61 16.31
N ARG C 182 25.76 -23.57 16.71
CA ARG C 182 26.32 -22.22 16.81
C ARG C 182 27.20 -21.94 18.02
N LEU C 183 28.34 -21.33 17.74
CA LEU C 183 29.29 -20.92 18.76
C LEU C 183 28.72 -19.77 19.59
N LEU C 184 28.78 -19.92 20.90
CA LEU C 184 28.44 -18.84 21.81
C LEU C 184 29.68 -18.44 22.56
N TRP C 185 29.81 -17.14 22.76
CA TRP C 185 30.84 -16.60 23.62
C TRP C 185 30.18 -16.23 24.93
N GLY C 186 30.77 -16.66 26.04
CA GLY C 186 30.23 -16.37 27.36
C GLY C 186 31.18 -15.53 28.17
N SER C 187 30.84 -14.26 28.34
CA SER C 187 31.68 -13.33 29.07
C SER C 187 31.91 -13.75 30.52
N ASP C 188 32.93 -13.14 31.15
CA ASP C 188 33.18 -13.30 32.59
C ASP C 188 32.47 -12.18 33.35
N LEU C 189 32.08 -12.46 34.61
CA LEU C 189 31.29 -11.53 35.39
C LEU C 189 31.95 -10.17 35.54
N GLY C 190 33.26 -10.17 35.73
CA GLY C 190 34.04 -8.95 35.82
C GLY C 190 33.89 -8.08 34.60
N THR C 191 34.11 -8.66 33.42
CA THR C 191 33.92 -7.96 32.16
C THR C 191 32.50 -7.47 32.00
N MET C 192 31.54 -8.32 32.36
CA MET C 192 30.12 -7.97 32.34
C MET C 192 29.80 -6.72 33.14
N ILE C 193 30.19 -6.65 34.41
CA ILE C 193 29.85 -5.47 35.24
C ILE C 193 30.63 -4.22 34.79
N ARG C 194 31.83 -4.46 34.27
CA ARG C 194 32.69 -3.39 33.81
C ARG C 194 32.14 -2.77 32.53
N ALA C 195 31.74 -3.62 31.58
CA ALA C 195 31.08 -3.21 30.36
C ALA C 195 29.67 -2.63 30.60
N ALA C 196 29.02 -3.04 31.69
CA ALA C 196 27.70 -2.51 32.03
C ALA C 196 27.75 -1.08 32.58
N ARG C 197 28.64 -0.84 33.54
CA ARG C 197 28.88 0.51 34.05
C ARG C 197 29.30 1.45 32.94
N ALA C 198 30.24 0.99 32.11
CA ALA C 198 30.83 1.80 31.06
C ALA C 198 29.82 2.20 30.00
N PHE C 199 29.01 1.24 29.53
CA PHE C 199 28.18 1.48 28.34
C PHE C 199 26.67 1.33 28.53
N GLY C 200 26.24 0.93 29.71
CA GLY C 200 24.81 0.90 30.04
C GLY C 200 24.12 2.23 29.74
N PRO C 201 24.70 3.35 30.20
CA PRO C 201 24.12 4.65 29.89
C PRO C 201 23.99 4.91 28.39
N PHE C 202 24.99 4.51 27.61
CA PHE C 202 24.90 4.61 26.15
C PHE C 202 23.83 3.68 25.56
N CYS C 203 23.81 2.42 26.00
CA CYS C 203 22.83 1.45 25.51
C CYS C 203 21.41 1.89 25.85
N ASP C 204 21.20 2.40 27.07
CA ASP C 204 19.96 3.07 27.47
C ASP C 204 19.52 4.14 26.49
N ALA C 205 20.43 5.05 26.18
CA ALA C 205 20.11 6.19 25.34
C ALA C 205 19.61 5.75 23.96
N LEU C 206 20.29 4.80 23.35
CA LEU C 206 19.90 4.29 22.05
C LEU C 206 18.53 3.67 22.14
N LYS C 207 18.30 2.92 23.21
CA LYS C 207 17.06 2.20 23.43
C LYS C 207 15.84 3.14 23.45
N GLU C 208 16.04 4.36 23.93
CA GLU C 208 14.99 5.36 24.00
C GLU C 208 14.75 5.98 22.62
N THR C 209 15.66 5.72 21.69
CA THR C 209 15.60 6.24 20.32
C THR C 209 15.55 5.10 19.29
N CYS C 210 15.12 3.92 19.73
CA CYS C 210 14.87 2.77 18.87
C CYS C 210 14.13 3.11 17.58
N ILE C 211 13.27 4.14 17.62
CA ILE C 211 12.48 4.53 16.45
C ILE C 211 13.15 5.60 15.58
N PHE C 212 13.87 6.53 16.20
CA PHE C 212 14.50 7.61 15.44
C PHE C 212 15.88 7.25 14.89
N ASN C 213 16.52 6.26 15.52
CA ASN C 213 17.80 5.76 15.06
C ASN C 213 17.71 4.31 14.59
N PRO C 214 18.57 3.91 13.63
CA PRO C 214 18.39 2.60 12.99
C PRO C 214 18.80 1.40 13.84
N ILE C 215 19.38 1.66 15.02
CA ILE C 215 19.71 0.58 15.97
C ILE C 215 18.44 0.23 16.75
N ARG C 216 17.84 -0.89 16.37
CA ARG C 216 16.48 -1.23 16.79
C ARG C 216 16.43 -2.05 18.08
N VAL C 217 17.59 -2.28 18.71
CA VAL C 217 17.67 -3.04 19.96
C VAL C 217 16.74 -2.41 21.01
N GLY C 218 15.97 -3.26 21.70
CA GLY C 218 14.96 -2.76 22.63
C GLY C 218 13.55 -2.65 22.05
N MET C 219 13.42 -2.35 20.76
CA MET C 219 12.11 -2.16 20.14
C MET C 219 11.11 -3.26 20.51
N SER C 220 9.85 -2.87 20.68
CA SER C 220 8.75 -3.83 20.80
C SER C 220 8.12 -4.03 19.42
N MET C 221 8.07 -5.28 18.96
CA MET C 221 7.60 -5.55 17.61
C MET C 221 6.19 -5.00 17.44
N ASN C 222 5.30 -5.33 18.36
CA ASN C 222 3.92 -4.87 18.30
C ASN C 222 3.71 -3.37 18.53
N GLU C 223 4.27 -2.81 19.60
CA GLU C 223 4.10 -1.38 19.89
C GLU C 223 4.86 -0.47 18.90
N ASP C 224 6.18 -0.63 18.82
CA ASP C 224 7.02 0.23 18.01
C ASP C 224 7.06 -0.19 16.53
N GLY C 225 6.67 -1.44 16.27
CA GLY C 225 6.69 -1.98 14.91
C GLY C 225 6.05 -1.09 13.86
N PRO C 226 4.74 -0.82 13.99
CA PRO C 226 4.03 0.00 13.00
C PRO C 226 4.59 1.40 12.74
N PHE C 227 5.22 2.01 13.73
CA PHE C 227 5.85 3.32 13.53
C PHE C 227 7.13 3.17 12.71
N ILE C 228 7.95 2.18 13.05
CA ILE C 228 9.21 1.95 12.34
C ILE C 228 8.99 1.68 10.85
N PHE C 229 8.04 0.81 10.53
CA PHE C 229 7.84 0.42 9.14
C PHE C 229 7.23 1.53 8.29
N ALA C 230 6.37 2.35 8.90
CA ALA C 230 5.81 3.50 8.21
C ALA C 230 6.94 4.48 7.84
N ARG C 231 7.93 4.66 8.72
CA ARG C 231 9.16 5.38 8.38
C ARG C 231 9.86 4.77 7.16
N HIS C 232 10.03 3.45 7.13
CA HIS C 232 10.68 2.79 5.97
C HIS C 232 9.87 3.01 4.70
N ALA C 233 8.56 3.11 4.86
CA ALA C 233 7.64 3.23 3.74
C ALA C 233 7.75 4.56 3.02
N ASN C 234 8.23 5.60 3.72
CA ASN C 234 8.43 6.92 3.12
C ASN C 234 9.39 6.94 1.93
N PHE C 235 10.03 5.81 1.64
CA PHE C 235 11.13 5.74 0.65
C PHE C 235 10.86 4.74 -0.47
N ARG C 236 11.48 4.96 -1.63
CA ARG C 236 11.10 4.23 -2.84
C ARG C 236 11.55 2.78 -2.87
N TYR C 237 12.81 2.54 -2.56
CA TYR C 237 13.39 1.22 -2.73
C TYR C 237 13.67 0.56 -1.41
N HIS C 238 13.40 -0.73 -1.36
CA HIS C 238 13.51 -1.50 -0.14
C HIS C 238 14.26 -2.79 -0.41
N MET C 239 15.17 -3.11 0.50
CA MET C 239 15.95 -4.35 0.42
C MET C 239 16.28 -4.89 1.81
N ASP C 240 16.28 -6.21 1.94
CA ASP C 240 16.74 -6.85 3.15
C ASP C 240 17.95 -7.69 2.87
N ALA C 241 18.75 -7.86 3.91
CA ALA C 241 19.92 -8.68 3.75
C ALA C 241 20.05 -9.54 4.99
N ASP C 242 20.37 -10.80 4.74
CA ASP C 242 20.85 -11.66 5.79
C ASP C 242 22.32 -11.92 5.46
N TYR C 243 23.10 -12.14 6.50
CA TYR C 243 24.50 -12.41 6.34
C TYR C 243 24.80 -13.75 6.96
N THR C 244 25.62 -14.54 6.26
CA THR C 244 26.15 -15.79 6.76
C THR C 244 27.36 -15.46 7.63
N ARG C 245 27.46 -16.13 8.78
CA ARG C 245 28.60 -16.00 9.71
C ARG C 245 29.07 -14.56 9.92
N TRP C 246 28.11 -13.68 10.16
CA TRP C 246 28.37 -12.25 10.39
C TRP C 246 29.40 -11.98 11.50
N ASP C 247 29.41 -12.82 12.53
CA ASP C 247 30.26 -12.54 13.70
C ASP C 247 31.71 -12.77 13.35
N SER C 248 32.03 -14.00 12.92
CA SER C 248 33.37 -14.38 12.51
C SER C 248 33.91 -13.55 11.33
N THR C 249 33.03 -12.99 10.50
CA THR C 249 33.54 -12.16 9.39
C THR C 249 33.87 -10.73 9.77
N GLN C 250 33.59 -10.32 11.01
CA GLN C 250 33.82 -8.94 11.46
C GLN C 250 35.29 -8.53 11.50
N GLN C 251 35.56 -7.26 11.19
CA GLN C 251 36.92 -6.72 11.28
C GLN C 251 37.06 -5.97 12.59
N ARG C 252 38.03 -6.36 13.41
CA ARG C 252 38.33 -5.62 14.63
C ARG C 252 38.53 -4.14 14.35
N ALA C 253 39.16 -3.83 13.22
CA ALA C 253 39.33 -2.42 12.82
C ALA C 253 37.98 -1.70 12.71
N ILE C 254 36.97 -2.38 12.15
CA ILE C 254 35.64 -1.81 12.10
C ILE C 254 35.03 -1.72 13.51
N LEU C 255 35.12 -2.80 14.27
CA LEU C 255 34.59 -2.82 15.63
C LEU C 255 35.17 -1.69 16.48
N LYS C 256 36.46 -1.43 16.33
CA LYS C 256 37.15 -0.36 17.07
C LYS C 256 36.54 1.00 16.80
N ARG C 257 36.21 1.22 15.54
CA ARG C 257 35.68 2.49 15.12
C ARG C 257 34.30 2.74 15.70
N ALA C 258 33.49 1.68 15.80
CA ALA C 258 32.18 1.76 16.39
C ALA C 258 32.32 1.92 17.89
N GLY C 259 33.32 1.23 18.43
CA GLY C 259 33.67 1.33 19.84
C GLY C 259 34.09 2.74 20.14
N ASP C 260 34.85 3.36 19.24
CA ASP C 260 35.29 4.76 19.43
C ASP C 260 34.11 5.69 19.71
N ILE C 261 33.02 5.48 18.97
CA ILE C 261 31.81 6.30 19.08
C ILE C 261 31.09 6.13 20.43
N MET C 262 30.90 4.87 20.85
CA MET C 262 30.26 4.57 22.13
C MET C 262 30.98 5.21 23.32
N VAL C 263 32.31 5.20 23.26
CA VAL C 263 33.15 5.73 24.32
C VAL C 263 32.93 7.23 24.39
N ARG C 264 33.09 7.87 23.22
CA ARG C 264 32.94 9.30 23.09
C ARG C 264 31.55 9.79 23.53
N LEU C 265 30.52 8.97 23.33
CA LEU C 265 29.17 9.34 23.74
C LEU C 265 28.73 8.73 25.09
N SER C 266 29.71 8.36 25.91
CA SER C 266 29.42 7.82 27.23
C SER C 266 29.68 8.87 28.31
N PRO C 267 28.92 8.81 29.42
CA PRO C 267 29.04 9.72 30.57
C PRO C 267 30.44 9.85 31.13
N GLU C 268 31.20 8.75 31.16
CA GLU C 268 32.58 8.74 31.66
C GLU C 268 33.48 8.13 30.57
N PRO C 269 34.00 8.97 29.65
CA PRO C 269 34.81 8.49 28.52
C PRO C 269 36.15 7.87 28.92
N ASP C 270 36.91 8.55 29.78
CA ASP C 270 38.20 8.04 30.28
C ASP C 270 38.06 6.60 30.74
N LEU C 271 37.03 6.35 31.53
CA LEU C 271 36.76 5.02 32.05
C LEU C 271 36.31 4.06 30.95
N ALA C 272 35.39 4.51 30.11
CA ALA C 272 34.87 3.71 28.99
C ALA C 272 35.97 3.29 28.01
N ARG C 273 36.88 4.22 27.72
CA ARG C 273 38.06 3.94 26.91
C ARG C 273 38.78 2.66 27.34
N VAL C 274 39.01 2.54 28.64
CA VAL C 274 39.81 1.44 29.19
C VAL C 274 39.08 0.12 28.99
N VAL C 275 37.77 0.15 29.19
CA VAL C 275 36.92 -1.02 29.04
C VAL C 275 36.86 -1.47 27.57
N MET C 276 36.61 -0.52 26.66
CA MET C 276 36.45 -0.87 25.26
C MET C 276 37.77 -1.43 24.72
N ASP C 277 38.89 -0.88 25.18
CA ASP C 277 40.20 -1.35 24.72
C ASP C 277 40.41 -2.82 25.09
N ASP C 278 40.07 -3.13 26.34
CA ASP C 278 40.02 -4.51 26.79
C ASP C 278 39.08 -5.33 25.92
N LEU C 279 37.84 -4.88 25.74
CA LEU C 279 36.85 -5.66 24.98
C LEU C 279 37.32 -6.01 23.58
N LEU C 280 38.14 -5.15 22.98
CA LEU C 280 38.51 -5.27 21.59
C LEU C 280 39.95 -5.75 21.34
N ALA C 281 40.73 -5.89 22.41
CA ALA C 281 42.08 -6.48 22.34
C ALA C 281 41.99 -7.97 22.03
N PRO C 282 43.09 -8.58 21.56
CA PRO C 282 43.01 -10.02 21.22
C PRO C 282 42.35 -10.87 22.31
N SER C 283 41.32 -11.62 21.92
CA SER C 283 40.41 -12.26 22.86
C SER C 283 40.87 -13.64 23.35
N LEU C 284 40.87 -13.81 24.66
CA LEU C 284 41.23 -15.05 25.29
C LEU C 284 39.98 -15.89 25.42
N LEU C 285 39.92 -17.03 24.73
CA LEU C 285 38.70 -17.83 24.70
C LEU C 285 38.94 -19.23 25.25
N ASP C 286 38.14 -19.59 26.26
CA ASP C 286 38.26 -20.87 26.92
C ASP C 286 37.41 -21.95 26.22
N VAL C 287 38.08 -22.91 25.57
CA VAL C 287 37.41 -23.98 24.84
C VAL C 287 37.47 -25.35 25.55
N GLY C 288 37.77 -25.35 26.84
CA GLY C 288 37.76 -26.56 27.63
C GLY C 288 39.15 -26.91 28.09
N ASP C 289 39.88 -27.64 27.25
CA ASP C 289 41.23 -28.01 27.57
C ASP C 289 42.20 -26.83 27.53
N TYR C 290 41.94 -25.88 26.63
CA TYR C 290 42.83 -24.74 26.44
C TYR C 290 42.13 -23.37 26.34
N LYS C 291 42.86 -22.31 26.71
CA LYS C 291 42.48 -20.95 26.36
C LYS C 291 43.21 -20.52 25.09
N ILE C 292 42.47 -20.15 24.06
CA ILE C 292 43.06 -19.76 22.78
C ILE C 292 42.96 -18.24 22.57
N VAL C 293 43.82 -17.71 21.70
CA VAL C 293 43.77 -16.27 21.38
C VAL C 293 43.02 -16.04 20.07
N VAL C 294 42.10 -15.08 20.10
CA VAL C 294 41.23 -14.79 18.98
C VAL C 294 41.39 -13.29 18.67
N GLU C 295 42.10 -13.00 17.59
CA GLU C 295 42.49 -11.63 17.25
C GLU C 295 41.42 -10.91 16.42
N GLU C 296 40.58 -11.68 15.72
CA GLU C 296 39.61 -11.12 14.79
C GLU C 296 38.19 -11.62 15.01
N GLY C 297 37.24 -10.99 14.31
CA GLY C 297 35.82 -11.31 14.47
C GLY C 297 35.23 -10.62 15.68
N LEU C 298 33.97 -10.91 15.97
CA LEU C 298 33.28 -10.30 17.11
C LEU C 298 33.33 -11.16 18.38
N PRO C 299 33.86 -10.61 19.49
CA PRO C 299 33.69 -11.22 20.81
C PRO C 299 32.32 -10.85 21.39
N SER C 300 31.47 -11.85 21.57
CA SER C 300 30.02 -11.62 21.72
C SER C 300 29.36 -11.98 23.06
N GLY C 301 30.12 -11.91 24.16
CA GLY C 301 29.55 -12.27 25.45
C GLY C 301 28.95 -11.12 26.23
N CYS C 302 29.42 -9.91 25.93
CA CYS C 302 29.20 -8.72 26.76
C CYS C 302 27.76 -8.18 26.69
N PRO C 303 27.37 -7.33 27.67
CA PRO C 303 26.05 -6.67 27.62
C PRO C 303 25.85 -5.78 26.39
N CYS C 304 26.82 -4.90 26.13
CA CYS C 304 26.74 -3.94 25.05
C CYS C 304 26.88 -4.56 23.64
N THR C 305 27.16 -5.86 23.57
CA THR C 305 27.44 -6.55 22.30
C THR C 305 26.52 -6.25 21.12
N THR C 306 25.21 -6.46 21.28
CA THR C 306 24.27 -6.30 20.17
C THR C 306 24.29 -4.88 19.56
N GLN C 307 24.45 -3.87 20.41
CA GLN C 307 24.60 -2.49 19.98
C GLN C 307 25.91 -2.21 19.26
N LEU C 308 27.03 -2.69 19.80
CA LEU C 308 28.32 -2.52 19.15
C LEU C 308 28.28 -3.14 17.77
N ASN C 309 27.90 -4.42 17.72
CA ASN C 309 27.61 -5.14 16.51
C ASN C 309 26.76 -4.34 15.49
N SER C 310 25.59 -3.84 15.94
CA SER C 310 24.64 -3.10 15.08
C SER C 310 25.20 -1.77 14.59
N LEU C 311 25.94 -1.11 15.47
CA LEU C 311 26.65 0.11 15.15
C LEU C 311 27.69 -0.16 14.06
N ALA C 312 28.42 -1.27 14.21
CA ALA C 312 29.35 -1.72 13.17
C ALA C 312 28.61 -1.96 11.87
N HIS C 313 27.44 -2.59 11.95
CA HIS C 313 26.62 -2.84 10.79
C HIS C 313 26.34 -1.50 10.10
N TRP C 314 25.82 -0.54 10.88
CA TRP C 314 25.55 0.83 10.42
C TRP C 314 26.71 1.45 9.62
N ILE C 315 27.93 1.31 10.13
CA ILE C 315 29.12 1.80 9.45
C ILE C 315 29.33 1.10 8.09
N LEU C 316 29.23 -0.22 8.09
CA LEU C 316 29.49 -1.02 6.89
C LEU C 316 28.45 -0.79 5.79
N THR C 317 27.18 -0.76 6.15
CA THR C 317 26.13 -0.46 5.21
C THR C 317 26.37 0.93 4.62
N LEU C 318 26.60 1.92 5.48
CA LEU C 318 26.75 3.31 5.06
C LEU C 318 28.03 3.52 4.26
N CYS C 319 29.04 2.70 4.51
CA CYS C 319 30.25 2.74 3.70
C CYS C 319 30.04 2.22 2.29
N ALA C 320 29.30 1.12 2.14
CA ALA C 320 29.09 0.54 0.83
C ALA C 320 28.19 1.41 -0.04
N MET C 321 27.24 2.10 0.60
CA MET C 321 26.33 2.98 -0.11
C MET C 321 27.03 4.25 -0.58
N VAL C 322 27.73 4.92 0.34
CA VAL C 322 28.47 6.13 0.02
C VAL C 322 29.49 5.79 -1.06
N GLU C 323 30.14 4.64 -0.92
CA GLU C 323 31.11 4.16 -1.89
C GLU C 323 30.49 3.80 -3.25
N VAL C 324 29.20 3.50 -3.30
CA VAL C 324 28.58 3.17 -4.58
C VAL C 324 27.91 4.40 -5.21
N THR C 325 26.97 5.01 -4.49
CA THR C 325 26.21 6.14 -4.99
C THR C 325 27.04 7.44 -5.15
N ARG C 326 28.28 7.42 -4.66
CA ARG C 326 29.15 8.59 -4.59
C ARG C 326 28.45 9.83 -4.00
N VAL C 327 27.54 9.59 -3.06
CA VAL C 327 26.82 10.64 -2.34
C VAL C 327 27.38 10.75 -0.92
N ASP C 328 27.46 11.97 -0.39
CA ASP C 328 27.93 12.21 0.98
C ASP C 328 27.02 11.51 2.03
N PRO C 329 27.63 10.96 3.10
CA PRO C 329 26.91 10.17 4.09
C PRO C 329 25.72 10.90 4.72
N ASP C 330 25.89 12.19 5.01
CA ASP C 330 24.81 13.03 5.53
C ASP C 330 23.59 12.98 4.62
N ILE C 331 23.85 13.05 3.32
CA ILE C 331 22.80 13.09 2.31
C ILE C 331 22.17 11.70 2.12
N VAL C 332 23.00 10.65 2.16
CA VAL C 332 22.49 9.29 2.06
C VAL C 332 21.49 9.07 3.19
N MET C 333 21.89 9.48 4.38
CA MET C 333 21.04 9.40 5.55
C MET C 333 19.79 10.27 5.48
N GLN C 334 19.85 11.39 4.74
CA GLN C 334 18.66 12.19 4.45
C GLN C 334 17.69 11.43 3.56
N GLU C 335 18.24 10.62 2.65
CA GLU C 335 17.45 9.98 1.60
C GLU C 335 17.20 8.50 1.88
N SER C 336 17.31 8.12 3.15
CA SER C 336 17.19 6.72 3.57
C SER C 336 16.63 6.50 4.97
N GLU C 337 16.18 5.28 5.23
CA GLU C 337 15.88 4.82 6.57
C GLU C 337 16.46 3.42 6.76
N PHE C 338 17.21 3.22 7.84
CA PHE C 338 17.81 1.93 8.10
C PHE C 338 17.16 1.23 9.29
N SER C 339 17.37 -0.08 9.34
CA SER C 339 17.06 -0.86 10.53
C SER C 339 18.14 -1.91 10.67
N PHE C 340 18.78 -1.94 11.83
CA PHE C 340 19.76 -2.97 12.15
C PHE C 340 19.46 -3.60 13.49
N TYR C 341 19.78 -4.90 13.60
CA TYR C 341 19.69 -5.65 14.83
C TYR C 341 20.71 -6.74 14.70
N GLY C 342 21.93 -6.49 15.18
CA GLY C 342 23.08 -7.37 14.93
C GLY C 342 23.26 -7.60 13.43
N ASP C 343 23.09 -8.84 13.00
CA ASP C 343 23.32 -9.21 11.60
C ASP C 343 22.16 -8.84 10.68
N ASP C 344 21.07 -8.37 11.27
CA ASP C 344 19.78 -8.19 10.60
C ASP C 344 19.57 -6.78 10.06
N GLU C 345 19.28 -6.66 8.77
CA GLU C 345 19.12 -5.34 8.17
C GLU C 345 17.91 -5.21 7.25
N VAL C 346 17.37 -3.99 7.20
CA VAL C 346 16.47 -3.55 6.14
C VAL C 346 16.98 -2.19 5.73
N VAL C 347 17.08 -1.95 4.43
CA VAL C 347 17.54 -0.65 3.94
C VAL C 347 16.51 -0.10 2.96
N SER C 348 15.92 1.03 3.32
CA SER C 348 14.99 1.71 2.45
C SER C 348 15.61 3.02 2.05
N THR C 349 15.53 3.31 0.76
CA THR C 349 16.20 4.49 0.23
C THR C 349 15.54 5.04 -1.03
N ASN C 350 15.85 6.29 -1.33
CA ASN C 350 15.39 6.91 -2.55
C ASN C 350 16.48 6.95 -3.60
N LEU C 351 17.73 6.92 -3.17
CA LEU C 351 18.84 6.87 -4.11
C LEU C 351 18.79 5.62 -4.99
N GLU C 352 19.17 5.78 -6.24
CA GLU C 352 19.27 4.68 -7.18
C GLU C 352 20.56 3.96 -6.82
N LEU C 353 20.44 2.82 -6.16
CA LEU C 353 21.62 2.10 -5.72
C LEU C 353 21.88 0.94 -6.67
N ASP C 354 23.09 0.91 -7.22
CA ASP C 354 23.52 -0.21 -8.04
C ASP C 354 23.62 -1.46 -7.17
N MET C 355 22.65 -2.36 -7.33
CA MET C 355 22.56 -3.54 -6.46
C MET C 355 23.70 -4.57 -6.59
N VAL C 356 24.34 -4.62 -7.76
CA VAL C 356 25.49 -5.51 -7.94
C VAL C 356 26.75 -4.89 -7.36
N LYS C 357 27.00 -3.61 -7.67
CA LYS C 357 28.13 -2.88 -7.07
C LYS C 357 28.04 -2.86 -5.54
N TYR C 358 26.83 -2.72 -5.00
CA TYR C 358 26.60 -2.76 -3.54
C TYR C 358 26.99 -4.10 -2.92
N THR C 359 26.43 -5.19 -3.45
CA THR C 359 26.80 -6.52 -3.00
C THR C 359 28.31 -6.69 -3.06
N MET C 360 28.91 -6.23 -4.17
CA MET C 360 30.35 -6.40 -4.38
C MET C 360 31.15 -5.73 -3.29
N ALA C 361 30.70 -4.54 -2.89
CA ALA C 361 31.40 -3.77 -1.89
C ALA C 361 31.38 -4.48 -0.54
N LEU C 362 30.22 -5.05 -0.21
CA LEU C 362 30.05 -5.76 1.06
C LEU C 362 30.91 -6.99 1.08
N ARG C 363 30.87 -7.77 0.00
CA ARG C 363 31.72 -8.95 -0.11
C ARG C 363 33.22 -8.61 0.04
N ARG C 364 33.62 -7.46 -0.48
CA ARG C 364 35.01 -7.03 -0.36
C ARG C 364 35.36 -6.77 1.11
N TYR C 365 34.39 -6.26 1.88
CA TYR C 365 34.62 -5.95 3.29
C TYR C 365 34.70 -7.22 4.14
N GLY C 366 34.64 -8.37 3.48
CA GLY C 366 34.68 -9.66 4.17
C GLY C 366 33.32 -10.27 4.47
N LEU C 367 32.26 -9.49 4.25
CA LEU C 367 30.90 -9.90 4.58
C LEU C 367 30.31 -10.89 3.57
N LEU C 368 29.31 -11.64 4.01
CA LEU C 368 28.65 -12.62 3.15
C LEU C 368 27.14 -12.36 3.03
N PRO C 369 26.76 -11.33 2.26
CA PRO C 369 25.34 -11.01 2.09
C PRO C 369 24.56 -12.13 1.42
N THR C 370 23.35 -12.36 1.93
CA THR C 370 22.47 -13.40 1.44
C THR C 370 21.10 -12.78 1.22
N ARG C 371 20.54 -13.06 0.04
CA ARG C 371 19.15 -12.74 -0.27
C ARG C 371 18.26 -13.40 0.80
N ALA C 372 17.55 -12.56 1.57
CA ALA C 372 16.62 -13.04 2.59
C ALA C 372 15.32 -13.48 1.93
N ASP C 373 14.96 -12.76 0.86
CA ASP C 373 13.80 -13.06 0.02
C ASP C 373 13.91 -14.46 -0.62
N LYS C 374 14.58 -14.54 -1.78
CA LYS C 374 14.68 -15.79 -2.56
C LYS C 374 16.14 -16.29 -2.80
N GLU C 375 16.92 -16.27 -1.72
CA GLU C 375 18.23 -16.93 -1.60
C GLU C 375 18.98 -17.23 -2.91
N GLU C 376 19.33 -16.19 -3.66
CA GLU C 376 20.20 -16.38 -4.85
C GLU C 376 20.77 -15.12 -5.53
N GLY C 377 22.10 -15.05 -5.56
CA GLY C 377 22.83 -13.98 -6.24
C GLY C 377 22.80 -12.65 -5.51
N PRO C 378 23.35 -11.58 -6.14
CA PRO C 378 23.31 -10.18 -5.66
C PRO C 378 22.04 -9.80 -4.90
N LEU C 379 22.19 -8.90 -3.93
CA LEU C 379 21.04 -8.43 -3.17
C LEU C 379 20.04 -7.75 -4.11
N GLU C 380 18.77 -7.98 -3.82
CA GLU C 380 17.72 -7.58 -4.73
C GLU C 380 16.91 -6.41 -4.17
N ARG C 381 16.72 -5.41 -5.02
CA ARG C 381 15.93 -4.23 -4.72
C ARG C 381 14.45 -4.50 -5.02
N ARG C 382 13.55 -4.00 -4.17
CA ARG C 382 12.12 -4.12 -4.43
C ARG C 382 11.50 -2.73 -4.36
N GLN C 383 10.37 -2.54 -5.02
CA GLN C 383 9.73 -1.24 -5.03
C GLN C 383 8.62 -1.14 -3.99
N THR C 384 8.28 -2.27 -3.36
CA THR C 384 7.36 -2.30 -2.22
C THR C 384 8.02 -2.85 -0.95
N LEU C 385 7.67 -2.26 0.19
CA LEU C 385 8.13 -2.73 1.50
C LEU C 385 7.48 -4.06 1.85
N GLN C 386 6.30 -4.27 1.29
CA GLN C 386 5.47 -5.45 1.53
C GLN C 386 6.23 -6.75 1.24
N GLY C 387 6.48 -7.53 2.29
CA GLY C 387 7.12 -8.83 2.16
C GLY C 387 8.58 -8.86 2.55
N ILE C 388 9.19 -7.68 2.71
CA ILE C 388 10.53 -7.57 3.28
C ILE C 388 10.50 -8.12 4.70
N SER C 389 11.46 -8.97 5.03
CA SER C 389 11.53 -9.54 6.39
C SER C 389 12.42 -8.72 7.32
N PHE C 390 12.20 -8.88 8.62
CA PHE C 390 13.03 -8.27 9.66
C PHE C 390 12.70 -9.01 10.93
N LEU C 391 13.72 -9.48 11.64
CA LEU C 391 13.58 -10.18 12.93
C LEU C 391 12.60 -11.36 12.90
N ARG C 392 12.67 -12.17 11.83
CA ARG C 392 11.85 -13.38 11.70
C ARG C 392 10.40 -13.04 11.34
N ARG C 393 10.14 -11.76 11.07
CA ARG C 393 8.81 -11.28 10.69
C ARG C 393 8.73 -10.85 9.24
N ALA C 394 7.58 -11.07 8.65
CA ALA C 394 7.26 -10.46 7.39
C ALA C 394 6.54 -9.16 7.70
N ILE C 395 6.85 -8.12 6.94
CA ILE C 395 6.23 -6.81 7.08
C ILE C 395 5.01 -6.79 6.18
N VAL C 396 3.84 -6.54 6.78
CA VAL C 396 2.59 -6.43 6.02
C VAL C 396 1.95 -5.06 6.24
N GLY C 397 1.25 -4.57 5.22
CA GLY C 397 0.53 -3.30 5.30
C GLY C 397 -0.90 -3.39 4.82
N ASP C 398 -1.82 -2.89 5.64
CA ASP C 398 -3.24 -2.92 5.34
C ASP C 398 -3.95 -1.60 5.66
N GLN C 399 -5.28 -1.62 5.57
CA GLN C 399 -6.13 -0.48 5.91
C GLN C 399 -5.63 0.32 7.14
N PHE C 400 -5.00 -0.38 8.09
CA PHE C 400 -4.69 0.18 9.40
C PHE C 400 -3.23 0.60 9.57
N GLY C 401 -2.33 -0.05 8.85
CA GLY C 401 -0.93 0.36 8.83
C GLY C 401 -0.01 -0.81 8.60
N TRP C 402 1.26 -0.63 8.98
CA TRP C 402 2.25 -1.67 8.81
C TRP C 402 2.39 -2.51 10.08
N TYR C 403 2.79 -3.77 9.93
CA TYR C 403 3.04 -4.62 11.09
C TYR C 403 3.97 -5.79 10.79
N GLY C 404 4.52 -6.36 11.86
CA GLY C 404 5.31 -7.58 11.78
C GLY C 404 4.45 -8.81 12.02
N ARG C 405 4.51 -9.75 11.09
CA ARG C 405 3.82 -11.04 11.24
C ARG C 405 4.81 -12.19 11.17
N LEU C 406 4.68 -13.10 12.14
CA LEU C 406 5.48 -14.33 12.19
C LEU C 406 4.98 -15.34 11.16
N ASP C 407 5.91 -16.06 10.52
CA ASP C 407 5.59 -17.15 9.56
C ASP C 407 4.69 -18.16 10.23
N ARG C 408 3.88 -18.83 9.43
CA ARG C 408 3.08 -19.94 9.91
C ARG C 408 3.95 -21.05 10.46
N ALA C 409 5.08 -21.28 9.78
CA ALA C 409 6.06 -22.30 10.18
C ALA C 409 6.56 -22.08 11.61
N SER C 410 6.97 -20.85 11.91
CA SER C 410 7.42 -20.44 13.24
C SER C 410 6.33 -20.62 14.29
N ILE C 411 5.10 -20.30 13.92
CA ILE C 411 3.97 -20.45 14.83
C ILE C 411 3.75 -21.94 15.10
N ASP C 412 3.61 -22.74 14.03
CA ASP C 412 3.46 -24.19 14.15
C ASP C 412 4.57 -24.83 14.98
N ARG C 413 5.78 -24.28 14.84
CA ARG C 413 6.98 -24.76 15.55
C ARG C 413 6.92 -24.61 17.07
N GLN C 414 6.23 -23.58 17.54
CA GLN C 414 6.20 -23.32 18.98
C GLN C 414 5.08 -24.07 19.67
N LEU C 415 4.28 -24.78 18.91
CA LEU C 415 3.23 -25.58 19.49
C LEU C 415 3.71 -27.01 19.62
N LEU C 416 4.74 -27.36 18.86
CA LEU C 416 5.31 -28.71 18.88
C LEU C 416 6.37 -28.87 19.95
N TRP C 417 6.94 -27.75 20.37
CA TRP C 417 8.00 -27.74 21.35
C TRP C 417 7.67 -26.81 22.50
N THR C 418 8.18 -27.16 23.68
CA THR C 418 8.16 -26.26 24.83
C THR C 418 9.48 -26.34 25.63
N LYS C 419 9.80 -25.28 26.35
CA LYS C 419 11.05 -25.24 27.11
C LYS C 419 10.89 -25.82 28.50
N GLY C 420 11.92 -26.52 28.96
CA GLY C 420 11.87 -27.15 30.26
C GLY C 420 13.26 -27.42 30.79
N PRO C 421 13.37 -28.30 31.82
CA PRO C 421 14.66 -28.67 32.39
C PRO C 421 15.45 -29.44 31.36
N ASN C 422 16.78 -29.41 31.47
CA ASN C 422 17.66 -30.09 30.52
C ASN C 422 17.49 -31.60 30.53
N HIS C 423 17.39 -32.19 29.34
CA HIS C 423 17.29 -33.63 29.25
C HIS C 423 17.98 -34.16 28.01
N GLN C 424 18.11 -35.49 27.93
CA GLN C 424 18.88 -36.16 26.90
C GLN C 424 18.09 -36.43 25.63
N ASN C 425 16.81 -36.72 25.79
CA ASN C 425 15.99 -37.18 24.69
C ASN C 425 14.92 -36.14 24.32
N PRO C 426 15.15 -35.39 23.24
CA PRO C 426 14.28 -34.30 22.82
C PRO C 426 12.84 -34.72 22.57
N PHE C 427 12.62 -36.01 22.33
CA PHE C 427 11.29 -36.51 21.97
C PHE C 427 10.38 -36.87 23.16
N GLU C 428 10.95 -36.89 24.37
CA GLU C 428 10.16 -37.02 25.60
C GLU C 428 9.17 -35.88 25.73
N THR C 429 7.93 -36.18 26.11
CA THR C 429 6.97 -35.13 26.44
C THR C 429 7.14 -34.65 27.87
N LEU C 430 6.84 -33.37 28.10
CA LEU C 430 7.00 -32.80 29.42
C LEU C 430 5.80 -33.19 30.28
N PRO C 431 6.04 -34.04 31.30
CA PRO C 431 4.97 -34.57 32.13
C PRO C 431 4.05 -33.50 32.73
N GLY C 432 2.79 -33.88 32.93
CA GLY C 432 1.76 -33.03 33.52
C GLY C 432 2.03 -31.54 33.42
N HIS C 433 2.23 -31.06 32.19
CA HIS C 433 2.62 -29.66 31.94
C HIS C 433 1.56 -28.64 32.36
N ALA C 434 2.02 -27.47 32.83
CA ALA C 434 1.15 -26.40 33.29
C ALA C 434 1.58 -25.03 32.72
N GLN C 435 2.00 -24.12 33.61
CA GLN C 435 2.31 -22.71 33.28
C GLN C 435 2.84 -22.47 31.85
N ARG C 436 1.91 -22.14 30.97
CA ARG C 436 2.19 -21.81 29.56
C ARG C 436 1.15 -20.84 28.98
N PRO C 437 0.34 -20.17 29.83
CA PRO C 437 -0.76 -19.37 29.27
C PRO C 437 -0.32 -18.09 28.55
N SER C 438 0.76 -17.46 29.02
CA SER C 438 1.25 -16.20 28.43
C SER C 438 1.77 -16.38 27.01
N GLN C 439 2.62 -17.39 26.82
CA GLN C 439 3.15 -17.74 25.51
C GLN C 439 2.02 -18.22 24.60
N LEU C 440 0.96 -18.77 25.21
CA LEU C 440 -0.19 -19.22 24.44
C LEU C 440 -1.08 -18.07 23.94
N MET C 441 -1.16 -17.01 24.74
CA MET C 441 -1.93 -15.83 24.34
C MET C 441 -1.21 -15.11 23.19
N ALA C 442 0.11 -14.96 23.33
CA ALA C 442 0.94 -14.36 22.30
C ALA C 442 0.91 -15.13 20.97
N LEU C 443 0.85 -16.45 21.04
CA LEU C 443 0.77 -17.28 19.84
C LEU C 443 -0.62 -17.21 19.24
N LEU C 444 -1.61 -17.05 20.12
CA LEU C 444 -2.99 -16.85 19.72
C LEU C 444 -3.07 -15.54 18.96
N GLY C 445 -2.35 -14.53 19.47
CA GLY C 445 -2.19 -13.24 18.80
C GLY C 445 -1.45 -13.31 17.47
N GLU C 446 -0.31 -14.00 17.45
CA GLU C 446 0.45 -14.16 16.22
C GLU C 446 -0.36 -14.87 15.13
N ALA C 447 -1.13 -15.88 15.53
CA ALA C 447 -1.99 -16.61 14.61
C ALA C 447 -3.14 -15.76 14.10
N ALA C 448 -3.66 -14.88 14.97
CA ALA C 448 -4.79 -14.02 14.62
C ALA C 448 -4.53 -13.18 13.39
N MET C 449 -3.27 -12.84 13.17
CA MET C 449 -2.86 -12.02 12.04
C MET C 449 -2.86 -12.75 10.68
N HIS C 450 -3.11 -14.06 10.70
CA HIS C 450 -3.22 -14.82 9.47
C HIS C 450 -4.68 -15.02 9.05
N GLY C 451 -5.61 -14.52 9.86
CA GLY C 451 -7.02 -14.53 9.52
C GLY C 451 -7.84 -15.67 10.13
N GLU C 452 -9.16 -15.51 10.02
CA GLU C 452 -10.16 -16.48 10.50
C GLU C 452 -9.76 -17.96 10.34
N LYS C 453 -9.50 -18.35 9.10
CA LYS C 453 -9.20 -19.73 8.71
C LYS C 453 -8.07 -20.36 9.54
N TYR C 454 -6.88 -19.77 9.50
CA TYR C 454 -5.71 -20.28 10.25
C TYR C 454 -5.87 -20.15 11.76
N TYR C 455 -6.52 -19.07 12.20
CA TYR C 455 -6.67 -18.82 13.63
C TYR C 455 -7.42 -19.93 14.37
N ARG C 456 -8.49 -20.45 13.78
CA ARG C 456 -9.26 -21.51 14.44
C ARG C 456 -8.56 -22.88 14.46
N THR C 457 -7.59 -23.06 13.56
CA THR C 457 -6.67 -24.20 13.63
C THR C 457 -5.85 -24.11 14.91
N VAL C 458 -5.10 -23.01 15.04
CA VAL C 458 -4.26 -22.75 16.22
C VAL C 458 -5.09 -22.64 17.50
N ALA C 459 -6.24 -21.98 17.41
CA ALA C 459 -7.16 -21.81 18.54
C ALA C 459 -7.64 -23.17 19.08
N SER C 460 -7.93 -24.08 18.16
CA SER C 460 -8.27 -25.46 18.52
C SER C 460 -7.11 -26.11 19.27
N ARG C 461 -5.91 -26.03 18.68
CA ARG C 461 -4.67 -26.57 19.29
C ARG C 461 -4.41 -26.05 20.70
N VAL C 462 -4.59 -24.75 20.88
CA VAL C 462 -4.40 -24.12 22.19
C VAL C 462 -5.43 -24.63 23.21
N SER C 463 -6.68 -24.76 22.78
CA SER C 463 -7.75 -25.31 23.62
C SER C 463 -7.59 -26.81 23.93
N LYS C 464 -6.93 -27.56 23.03
CA LYS C 464 -6.65 -28.97 23.28
C LYS C 464 -5.30 -29.19 23.98
N GLU C 465 -4.41 -28.20 23.93
CA GLU C 465 -3.09 -28.32 24.53
C GLU C 465 -3.14 -27.96 26.01
N ALA C 466 -2.45 -26.89 26.40
CA ALA C 466 -2.34 -26.48 27.79
C ALA C 466 -3.67 -26.01 28.42
N ALA C 467 -4.76 -26.14 27.65
CA ALA C 467 -6.11 -25.97 28.19
C ALA C 467 -6.66 -27.31 28.68
N GLN C 468 -6.06 -28.40 28.18
CA GLN C 468 -6.24 -29.73 28.75
C GLN C 468 -5.17 -29.91 29.87
N SER C 469 -4.98 -28.85 30.66
CA SER C 469 -3.87 -28.78 31.62
C SER C 469 -3.97 -27.63 32.63
N GLY C 470 -3.94 -26.39 32.16
CA GLY C 470 -3.85 -25.21 33.01
C GLY C 470 -5.14 -24.53 33.40
N ILE C 471 -5.14 -23.18 33.33
CA ILE C 471 -6.27 -22.32 33.74
C ILE C 471 -7.52 -22.54 32.86
N GLU C 472 -8.64 -21.93 33.24
CA GLU C 472 -9.87 -21.93 32.45
C GLU C 472 -9.67 -21.27 31.08
N MET C 473 -10.43 -21.73 30.08
CA MET C 473 -10.40 -21.22 28.70
C MET C 473 -10.50 -19.69 28.64
N VAL C 474 -9.40 -19.05 28.27
CA VAL C 474 -9.42 -17.62 27.98
C VAL C 474 -9.77 -17.42 26.50
N VAL C 475 -9.56 -18.46 25.68
CA VAL C 475 -9.63 -18.42 24.19
C VAL C 475 -10.72 -17.51 23.63
N PRO C 476 -10.33 -16.29 23.20
CA PRO C 476 -11.26 -15.25 22.77
C PRO C 476 -11.62 -15.32 21.29
N ARG C 477 -12.59 -14.50 20.91
CA ARG C 477 -13.07 -14.42 19.53
C ARG C 477 -11.97 -13.80 18.67
N HIS C 478 -11.76 -14.39 17.48
CA HIS C 478 -10.72 -13.95 16.55
C HIS C 478 -10.62 -12.44 16.41
N ARG C 479 -11.78 -11.77 16.28
CA ARG C 479 -11.83 -10.32 16.13
C ARG C 479 -11.23 -9.58 17.32
N SER C 480 -11.45 -10.14 18.51
CA SER C 480 -10.99 -9.53 19.75
C SER C 480 -9.48 -9.68 19.94
N VAL C 481 -8.94 -10.78 19.43
CA VAL C 481 -7.50 -11.01 19.51
C VAL C 481 -6.77 -10.12 18.51
N LEU C 482 -7.31 -10.06 17.29
CA LEU C 482 -6.73 -9.23 16.24
C LEU C 482 -6.65 -7.78 16.70
N ARG C 483 -7.76 -7.28 17.24
CA ARG C 483 -7.83 -5.91 17.73
C ARG C 483 -6.90 -5.66 18.90
N TRP C 484 -6.84 -6.60 19.84
CA TRP C 484 -5.92 -6.51 20.98
C TRP C 484 -4.45 -6.43 20.52
N VAL C 485 -4.07 -7.32 19.60
CA VAL C 485 -2.68 -7.39 19.16
C VAL C 485 -2.23 -6.16 18.35
N ARG C 486 -3.11 -5.66 17.47
CA ARG C 486 -2.79 -4.53 16.59
C ARG C 486 -2.91 -3.14 17.25
N PHE C 487 -3.82 -3.00 18.22
CA PHE C 487 -4.05 -1.72 18.88
C PHE C 487 -4.21 -1.86 20.43
N GLY C 488 -5.45 -1.84 20.92
CA GLY C 488 -5.85 -2.14 22.32
C GLY C 488 -4.90 -1.91 23.50
N THR C 489 -5.01 -0.75 24.15
CA THR C 489 -4.17 -0.40 25.30
C THR C 489 -4.69 -1.01 26.62
MG MG D . -1.72 -5.08 -33.67
N1 URF E . -4.72 -4.74 -36.44
C2 URF E . -4.35 -5.26 -35.25
N3 URF E . -3.91 -6.50 -35.11
C4 URF E . -3.82 -7.32 -36.17
C5 URF E . -4.21 -6.80 -37.50
C6 URF E . -4.66 -5.48 -37.56
O2 URF E . -4.40 -4.56 -34.22
O4 URF E . -3.41 -8.48 -36.01
F5 URF E . -4.14 -7.57 -38.59
MN MN3 F . -23.64 -7.03 -35.23
MN MN3 G . -25.13 -4.96 -33.04
S SO4 H . 10.86 -23.26 -49.80
O1 SO4 H . 12.23 -23.73 -49.59
O2 SO4 H . 10.41 -23.50 -51.16
O3 SO4 H . 9.98 -23.96 -48.86
O4 SO4 H . 10.85 -21.83 -49.56
S SO4 I . -2.37 -12.92 -6.10
O1 SO4 I . -1.43 -13.95 -5.68
O2 SO4 I . -1.74 -12.08 -7.13
O3 SO4 I . -3.58 -13.57 -6.62
O4 SO4 I . -2.72 -12.08 -4.97
S SO4 J . -11.78 -21.81 -41.90
O1 SO4 J . -10.59 -22.52 -42.34
O2 SO4 J . -11.92 -20.56 -42.64
O3 SO4 J . -12.96 -22.64 -42.11
O4 SO4 J . -11.68 -21.48 -40.48
S SO4 K . -23.15 -23.93 -50.84
O1 SO4 K . -22.99 -25.06 -51.76
O2 SO4 K . -23.76 -22.81 -51.55
O3 SO4 K . -24.00 -24.32 -49.71
O4 SO4 K . -21.84 -23.53 -50.35
S SO4 L . -19.04 15.16 -33.18
O1 SO4 L . -19.12 14.54 -31.86
O2 SO4 L . -18.55 14.19 -34.17
O3 SO4 L . -20.38 15.56 -33.60
O4 SO4 L . -18.13 16.30 -33.10
S SO4 M . -4.68 15.70 -24.98
O1 SO4 M . -4.87 15.08 -23.67
O2 SO4 M . -3.53 15.10 -25.64
O3 SO4 M . -5.86 15.49 -25.81
O4 SO4 M . -4.48 17.13 -24.79
C1 GOL N . 6.38 -36.22 -25.47
O1 GOL N . 5.78 -35.07 -26.00
C2 GOL N . 5.66 -37.45 -25.99
O2 GOL N . 4.78 -37.92 -25.00
C3 GOL N . 6.64 -38.56 -26.34
O3 GOL N . 5.95 -39.47 -27.16
MG MG O . -11.52 26.50 9.59
N1 URF P . -10.14 24.93 12.95
C2 URF P . -10.05 25.55 11.77
N3 URF P . -10.37 26.84 11.60
C4 URF P . -10.79 27.58 12.63
C5 URF P . -10.90 26.92 13.97
C6 URF P . -10.54 25.57 14.06
O2 URF P . -9.67 24.92 10.76
O4 URF P . -11.08 28.77 12.46
F5 URF P . -11.31 27.59 15.07
MN MN3 Q . -4.71 9.41 21.54
MN MN3 R . -3.57 7.25 19.95
S SO4 S . -23.33 45.88 24.54
O1 SO4 S . -22.73 44.97 25.52
O2 SO4 S . -22.38 46.24 23.50
O3 SO4 S . -24.49 45.23 23.92
O4 SO4 S . -23.77 47.08 25.25
S SO4 T . -18.12 23.25 29.32
O1 SO4 T . -17.23 22.39 28.55
O2 SO4 T . -17.66 24.62 29.15
O3 SO4 T . -19.50 23.14 28.85
O4 SO4 T . -18.06 22.82 30.73
S SO4 U . -36.22 13.86 40.06
O1 SO4 U . -35.25 13.05 40.81
O2 SO4 U . -36.09 13.60 38.64
O3 SO4 U . -37.56 13.47 40.48
O4 SO4 U . -36.01 15.27 40.34
S SO4 V . -38.46 40.67 25.16
O1 SO4 V . -37.42 39.70 25.49
O2 SO4 V . -37.84 41.87 24.60
O3 SO4 V . -39.34 40.09 24.15
O4 SO4 V . -39.24 41.00 26.35
S SO4 W . -9.24 6.87 -10.01
O1 SO4 W . -9.12 5.63 -10.78
O2 SO4 W . -7.92 7.49 -9.88
O3 SO4 W . -10.17 7.76 -10.72
O4 SO4 W . -9.73 6.57 -8.67
MG MG X . 21.60 -15.26 10.01
N1 URF Y . 18.50 -13.47 12.39
C2 URF Y . 19.56 -13.43 11.58
N3 URF Y . 20.70 -14.09 11.87
C4 URF Y . 20.79 -14.80 12.98
C5 URF Y . 19.61 -14.88 13.90
C6 URF Y . 18.48 -14.17 13.54
O2 URF Y . 19.51 -12.76 10.53
O4 URF Y . 21.85 -15.41 13.24
F5 URF Y . 19.63 -15.58 15.05
MN MN3 Z . 13.04 1.40 22.22
MN MN3 AA . 11.79 4.47 20.78
S SO4 BA . 30.57 -35.60 23.25
O1 SO4 BA . 31.59 -36.64 23.23
O2 SO4 BA . 30.34 -35.14 21.88
O3 SO4 BA . 29.29 -36.12 23.76
O4 SO4 BA . 31.03 -34.50 24.09
S SO4 CA . 39.90 -5.97 45.32
O1 SO4 CA . 39.93 -7.36 44.88
O2 SO4 CA . 40.09 -5.05 44.20
O3 SO4 CA . 38.61 -5.69 45.97
O4 SO4 CA . 40.97 -5.77 46.29
S SO4 DA . -0.52 1.06 4.04
O1 SO4 DA . 0.29 -0.06 4.50
O2 SO4 DA . 0.26 1.90 3.12
O3 SO4 DA . -1.66 0.52 3.31
O4 SO4 DA . -0.95 1.86 5.18
C1 GOL EA . 43.35 -29.35 15.38
O1 GOL EA . 42.75 -29.23 16.66
C2 GOL EA . 43.78 -27.97 14.90
O2 GOL EA . 43.24 -27.71 13.63
C3 GOL EA . 45.31 -27.87 14.86
O3 GOL EA . 45.69 -26.54 14.58
#